data_1U38
#
_entry.id   1U38
#
loop_
_entity.id
_entity.type
_entity.pdbx_description
1 polymer 'amyloid beta A4 precursor protein-binding, family A, member 1'
2 polymer PVYI
#
loop_
_entity_poly.entity_id
_entity_poly.type
_entity_poly.pdbx_seq_one_letter_code
_entity_poly.pdbx_strand_id
1 'polypeptide(L)'
;EFKDVFIEKQKGEILGVVIVESGWGSILPTVIIANMMHGGPAEKSGKLNIGDQIMSINGTSLVGLPLSTCQSIIKGLKNQ
SRVKLNIVR
;
A
2 'polypeptide(L)' PVYI B
#
# COMPACT_ATOMS: atom_id res chain seq x y z
N GLU A 1 -4.15 -13.41 5.99
CA GLU A 1 -5.57 -13.07 6.08
C GLU A 1 -5.85 -11.70 5.46
N PHE A 2 -6.94 -11.61 4.71
CA PHE A 2 -7.34 -10.35 4.06
C PHE A 2 -7.80 -9.34 5.11
N LYS A 3 -7.62 -8.06 4.81
CA LYS A 3 -8.03 -7.02 5.75
C LYS A 3 -8.12 -5.65 5.07
N ASP A 4 -9.27 -5.00 5.23
CA ASP A 4 -9.51 -3.67 4.66
C ASP A 4 -8.82 -2.60 5.50
N VAL A 5 -7.71 -2.08 5.00
CA VAL A 5 -6.96 -1.05 5.70
C VAL A 5 -7.54 0.32 5.45
N PHE A 6 -7.54 1.15 6.49
CA PHE A 6 -8.06 2.50 6.42
C PHE A 6 -7.07 3.49 7.02
N ILE A 7 -6.37 4.23 6.17
CA ILE A 7 -5.39 5.19 6.63
C ILE A 7 -5.89 6.62 6.46
N GLU A 8 -6.38 7.20 7.55
CA GLU A 8 -6.89 8.56 7.54
C GLU A 8 -5.75 9.55 7.76
N LYS A 9 -5.41 10.29 6.71
CA LYS A 9 -4.33 11.27 6.78
C LYS A 9 -4.70 12.55 6.06
N GLN A 10 -3.71 13.40 5.83
CA GLN A 10 -3.92 14.66 5.14
C GLN A 10 -3.07 14.74 3.88
N LYS A 11 -3.41 15.67 3.00
CA LYS A 11 -2.67 15.84 1.76
C LYS A 11 -1.21 16.13 2.04
N GLY A 12 -0.37 15.93 1.02
CA GLY A 12 1.05 16.18 1.17
C GLY A 12 1.72 15.18 2.09
N GLU A 13 1.01 14.11 2.44
CA GLU A 13 1.56 13.08 3.32
C GLU A 13 1.43 11.72 2.67
N ILE A 14 1.56 11.70 1.35
CA ILE A 14 1.49 10.48 0.53
C ILE A 14 0.91 9.28 1.30
N LEU A 15 1.74 8.68 2.13
CA LEU A 15 1.34 7.53 2.93
C LEU A 15 2.54 7.01 3.71
N GLY A 16 3.69 6.98 3.05
CA GLY A 16 4.90 6.52 3.69
C GLY A 16 5.07 5.01 3.67
N VAL A 17 5.16 4.43 2.49
CA VAL A 17 5.34 2.98 2.38
C VAL A 17 6.08 2.59 1.10
N VAL A 18 6.68 1.41 1.13
CA VAL A 18 7.42 0.90 -0.02
C VAL A 18 6.86 -0.45 -0.45
N ILE A 19 6.56 -0.57 -1.74
CA ILE A 19 5.99 -1.80 -2.28
C ILE A 19 6.91 -2.45 -3.32
N VAL A 20 6.81 -3.76 -3.45
CA VAL A 20 7.62 -4.52 -4.41
C VAL A 20 6.83 -5.70 -4.97
N GLU A 21 7.35 -6.30 -6.04
CA GLU A 21 6.70 -7.44 -6.66
C GLU A 21 6.52 -8.59 -5.67
N SER A 22 5.31 -9.14 -5.63
CA SER A 22 5.00 -10.25 -4.72
C SER A 22 5.66 -11.55 -5.18
N GLY A 23 6.93 -11.73 -4.81
CA GLY A 23 7.64 -12.93 -5.18
C GLY A 23 7.35 -14.11 -4.27
N TRP A 24 6.58 -13.85 -3.21
CA TRP A 24 6.20 -14.89 -2.26
C TRP A 24 5.55 -16.07 -2.98
N GLY A 25 4.87 -16.93 -2.23
CA GLY A 25 4.20 -18.07 -2.84
C GLY A 25 3.34 -17.65 -4.03
N SER A 26 2.91 -16.39 -4.01
CA SER A 26 2.09 -15.82 -5.07
C SER A 26 0.64 -16.18 -4.89
N ILE A 27 0.16 -15.99 -3.68
CA ILE A 27 -1.22 -16.24 -3.35
C ILE A 27 -2.11 -15.30 -4.15
N LEU A 28 -1.61 -14.09 -4.33
CA LEU A 28 -2.31 -13.05 -5.08
C LEU A 28 -1.26 -12.14 -5.73
N PRO A 29 -1.12 -12.18 -7.08
CA PRO A 29 -0.13 -11.37 -7.78
C PRO A 29 -0.30 -9.88 -7.50
N THR A 30 0.29 -9.42 -6.41
CA THR A 30 0.22 -8.02 -6.01
C THR A 30 1.59 -7.50 -5.58
N VAL A 31 1.61 -6.47 -4.74
CA VAL A 31 2.86 -5.92 -4.25
C VAL A 31 3.07 -6.24 -2.77
N ILE A 32 4.30 -6.09 -2.30
CA ILE A 32 4.62 -6.37 -0.90
C ILE A 32 5.20 -5.15 -0.20
N ILE A 33 4.67 -4.83 0.97
CA ILE A 33 5.18 -3.73 1.75
C ILE A 33 6.54 -4.10 2.29
N ALA A 34 7.55 -3.77 1.52
CA ALA A 34 8.92 -4.09 1.87
C ALA A 34 9.53 -3.02 2.77
N ASN A 35 8.87 -1.87 2.86
CA ASN A 35 9.36 -0.79 3.71
C ASN A 35 8.23 0.16 4.08
N MET A 36 8.43 0.93 5.14
CA MET A 36 7.42 1.87 5.61
C MET A 36 8.05 3.05 6.34
N MET A 37 7.52 4.25 6.08
CA MET A 37 8.02 5.46 6.71
C MET A 37 7.56 5.53 8.17
N HIS A 38 8.42 5.08 9.09
CA HIS A 38 8.09 5.09 10.50
C HIS A 38 7.87 6.51 11.01
N GLY A 39 6.67 7.05 10.75
CA GLY A 39 6.36 8.39 11.19
C GLY A 39 5.17 8.97 10.45
N GLY A 40 4.97 8.53 9.21
CA GLY A 40 3.86 9.01 8.43
C GLY A 40 2.55 8.42 8.87
N PRO A 41 1.49 8.56 8.06
CA PRO A 41 0.16 8.02 8.38
C PRO A 41 0.13 6.49 8.35
N ALA A 42 1.13 5.89 7.72
CA ALA A 42 1.21 4.45 7.61
C ALA A 42 1.54 3.82 8.97
N GLU A 43 2.57 4.36 9.62
CA GLU A 43 2.98 3.87 10.93
C GLU A 43 2.04 4.38 12.02
N LYS A 44 1.54 5.61 11.83
CA LYS A 44 0.63 6.22 12.79
C LYS A 44 -0.63 5.37 12.97
N SER A 45 -1.21 4.95 11.85
CA SER A 45 -2.42 4.13 11.88
C SER A 45 -2.16 2.79 12.58
N GLY A 46 -1.30 1.99 11.97
CA GLY A 46 -0.97 0.68 12.53
C GLY A 46 -1.58 -0.44 11.73
N LYS A 47 -2.69 -0.16 11.06
CA LYS A 47 -3.37 -1.15 10.24
C LYS A 47 -2.44 -1.68 9.16
N LEU A 48 -1.47 -0.87 8.77
CA LEU A 48 -0.50 -1.27 7.75
C LEU A 48 0.82 -1.68 8.39
N ASN A 49 1.29 -2.87 8.07
CA ASN A 49 2.54 -3.38 8.62
C ASN A 49 3.33 -4.15 7.56
N ILE A 50 4.64 -3.98 7.56
CA ILE A 50 5.51 -4.65 6.61
C ILE A 50 5.20 -6.14 6.54
N GLY A 51 5.36 -6.71 5.34
CA GLY A 51 5.09 -8.12 5.14
C GLY A 51 3.67 -8.40 4.71
N ASP A 52 2.93 -7.35 4.33
CA ASP A 52 1.56 -7.50 3.89
C ASP A 52 1.45 -7.35 2.38
N GLN A 53 0.44 -7.99 1.79
CA GLN A 53 0.22 -7.93 0.35
C GLN A 53 -0.99 -7.07 0.02
N ILE A 54 -0.74 -5.96 -0.67
CA ILE A 54 -1.82 -5.04 -1.05
C ILE A 54 -2.46 -5.47 -2.36
N MET A 55 -3.77 -5.65 -2.36
CA MET A 55 -4.49 -6.06 -3.56
C MET A 55 -4.96 -4.85 -4.36
N SER A 56 -5.84 -4.05 -3.77
CA SER A 56 -6.37 -2.87 -4.45
C SER A 56 -6.47 -1.67 -3.50
N ILE A 57 -6.24 -0.49 -4.04
CA ILE A 57 -6.30 0.74 -3.26
C ILE A 57 -7.43 1.64 -3.74
N ASN A 58 -8.41 1.87 -2.88
CA ASN A 58 -9.55 2.71 -3.20
C ASN A 58 -10.25 2.24 -4.48
N GLY A 59 -10.15 0.93 -4.75
CA GLY A 59 -10.78 0.38 -5.93
C GLY A 59 -9.79 -0.03 -7.00
N THR A 60 -8.64 0.65 -7.03
CA THR A 60 -7.60 0.36 -8.00
C THR A 60 -7.02 -1.03 -7.77
N SER A 61 -7.49 -2.00 -8.56
CA SER A 61 -7.01 -3.37 -8.44
C SER A 61 -5.56 -3.49 -8.87
N LEU A 62 -4.73 -4.04 -7.99
CA LEU A 62 -3.32 -4.23 -8.27
C LEU A 62 -3.00 -5.69 -8.55
N VAL A 63 -3.88 -6.58 -8.11
CA VAL A 63 -3.71 -8.01 -8.31
C VAL A 63 -3.60 -8.36 -9.79
N GLY A 64 -2.38 -8.27 -10.33
CA GLY A 64 -2.17 -8.58 -11.72
C GLY A 64 -1.14 -7.70 -12.39
N LEU A 65 -1.19 -6.40 -12.09
CA LEU A 65 -0.25 -5.45 -12.68
C LEU A 65 1.12 -5.53 -12.01
N PRO A 66 2.17 -5.03 -12.70
CA PRO A 66 3.54 -5.05 -12.18
C PRO A 66 3.73 -4.12 -10.98
N LEU A 67 4.98 -3.91 -10.60
CA LEU A 67 5.31 -3.04 -9.46
C LEU A 67 5.22 -1.57 -9.85
N SER A 68 5.86 -1.20 -10.95
CA SER A 68 5.86 0.18 -11.43
C SER A 68 4.43 0.70 -11.52
N THR A 69 3.53 -0.16 -12.01
CA THR A 69 2.14 0.22 -12.16
C THR A 69 1.52 0.52 -10.79
N CYS A 70 1.72 -0.38 -9.82
CA CYS A 70 1.18 -0.19 -8.48
C CYS A 70 1.70 1.11 -7.88
N GLN A 71 3.00 1.32 -7.96
CA GLN A 71 3.62 2.53 -7.43
C GLN A 71 2.87 3.76 -7.94
N SER A 72 2.55 3.76 -9.23
CA SER A 72 1.83 4.85 -9.84
C SER A 72 0.46 5.02 -9.19
N ILE A 73 -0.16 3.89 -8.85
CA ILE A 73 -1.47 3.90 -8.22
C ILE A 73 -1.48 4.68 -6.91
N ILE A 74 -0.52 4.39 -6.05
CA ILE A 74 -0.43 5.05 -4.76
C ILE A 74 0.08 6.48 -4.88
N LYS A 75 1.19 6.67 -5.58
CA LYS A 75 1.76 8.00 -5.76
C LYS A 75 0.73 8.95 -6.36
N GLY A 76 -0.24 8.38 -7.06
CA GLY A 76 -1.28 9.18 -7.68
C GLY A 76 -2.18 9.84 -6.66
N LEU A 77 -2.52 9.10 -5.60
CA LEU A 77 -3.38 9.61 -4.54
C LEU A 77 -2.55 10.20 -3.40
N LYS A 78 -1.58 11.04 -3.76
CA LYS A 78 -0.70 11.67 -2.78
C LYS A 78 -1.43 12.79 -2.02
N ASN A 79 -2.64 13.11 -2.45
CA ASN A 79 -3.41 14.16 -1.81
C ASN A 79 -4.74 13.63 -1.26
N GLN A 80 -4.72 12.38 -0.79
CA GLN A 80 -5.93 11.77 -0.26
C GLN A 80 -6.02 11.97 1.25
N SER A 81 -7.24 11.91 1.78
CA SER A 81 -7.47 12.09 3.20
C SER A 81 -7.85 10.75 3.87
N ARG A 82 -8.10 9.74 3.04
CA ARG A 82 -8.47 8.41 3.55
C ARG A 82 -8.09 7.34 2.53
N VAL A 83 -7.15 6.49 2.91
CA VAL A 83 -6.69 5.43 2.03
C VAL A 83 -7.35 4.09 2.37
N LYS A 84 -8.32 3.69 1.56
CA LYS A 84 -9.01 2.43 1.76
C LYS A 84 -8.33 1.32 0.97
N LEU A 85 -7.49 0.56 1.64
CA LEU A 85 -6.76 -0.52 0.99
C LEU A 85 -7.30 -1.88 1.41
N ASN A 86 -7.11 -2.87 0.54
CA ASN A 86 -7.55 -4.22 0.81
C ASN A 86 -6.36 -5.16 0.69
N ILE A 87 -5.63 -5.31 1.78
CA ILE A 87 -4.44 -6.14 1.79
C ILE A 87 -4.60 -7.39 2.63
N VAL A 88 -3.65 -8.31 2.50
CA VAL A 88 -3.67 -9.56 3.25
C VAL A 88 -2.47 -9.67 4.17
N ARG A 89 -2.71 -9.60 5.48
CA ARG A 89 -1.64 -9.68 6.46
C ARG A 89 -0.87 -10.99 6.29
N PRO B 1 14.06 3.80 -1.11
CA PRO B 1 13.47 3.02 -2.19
C PRO B 1 12.16 3.61 -2.70
N VAL B 2 12.11 4.94 -2.81
CA VAL B 2 10.92 5.63 -3.29
C VAL B 2 9.69 5.26 -2.47
N TYR B 3 9.33 6.12 -1.53
CA TYR B 3 8.17 5.88 -0.67
C TYR B 3 6.90 6.47 -1.28
N ILE B 4 5.81 5.72 -1.22
CA ILE B 4 4.53 6.18 -1.76
C ILE B 4 3.62 6.65 -0.64
N GLU A 1 -4.06 -12.86 5.68
CA GLU A 1 -5.51 -12.73 5.72
C GLU A 1 -5.94 -11.36 5.21
N PHE A 2 -6.90 -11.36 4.30
CA PHE A 2 -7.40 -10.11 3.72
C PHE A 2 -7.96 -9.18 4.80
N LYS A 3 -7.75 -7.89 4.61
CA LYS A 3 -8.23 -6.90 5.57
C LYS A 3 -8.30 -5.50 4.94
N ASP A 4 -9.47 -4.88 5.03
CA ASP A 4 -9.69 -3.55 4.50
C ASP A 4 -8.99 -2.51 5.36
N VAL A 5 -7.86 -1.99 4.87
CA VAL A 5 -7.10 -1.00 5.61
C VAL A 5 -7.62 0.41 5.34
N PHE A 6 -7.64 1.23 6.38
CA PHE A 6 -8.10 2.61 6.28
C PHE A 6 -7.10 3.56 6.95
N ILE A 7 -6.33 4.27 6.13
CA ILE A 7 -5.34 5.21 6.64
C ILE A 7 -5.80 6.65 6.46
N GLU A 8 -6.31 7.25 7.53
CA GLU A 8 -6.76 8.64 7.49
C GLU A 8 -5.58 9.57 7.60
N LYS A 9 -5.24 10.26 6.51
CA LYS A 9 -4.11 11.17 6.51
C LYS A 9 -4.48 12.50 5.87
N GLN A 10 -3.47 13.34 5.64
CA GLN A 10 -3.68 14.64 5.03
C GLN A 10 -2.88 14.76 3.74
N LYS A 11 -3.13 15.81 2.98
CA LYS A 11 -2.43 16.03 1.72
C LYS A 11 -0.94 16.25 1.97
N GLY A 12 -0.16 16.09 0.91
CA GLY A 12 1.28 16.27 1.02
C GLY A 12 1.90 15.33 2.03
N GLU A 13 1.19 14.23 2.34
CA GLU A 13 1.69 13.25 3.29
C GLU A 13 1.54 11.85 2.72
N ILE A 14 1.66 11.77 1.39
CA ILE A 14 1.55 10.51 0.64
C ILE A 14 0.96 9.36 1.46
N LEU A 15 1.80 8.73 2.28
CA LEU A 15 1.38 7.62 3.12
C LEU A 15 2.58 7.08 3.90
N GLY A 16 3.73 7.01 3.22
CA GLY A 16 4.94 6.53 3.84
C GLY A 16 5.07 5.02 3.84
N VAL A 17 5.06 4.41 2.66
CA VAL A 17 5.20 2.95 2.55
C VAL A 17 5.94 2.56 1.28
N VAL A 18 6.52 1.37 1.30
CA VAL A 18 7.26 0.86 0.15
C VAL A 18 6.73 -0.51 -0.28
N ILE A 19 6.33 -0.60 -1.53
CA ILE A 19 5.80 -1.84 -2.08
C ILE A 19 6.72 -2.42 -3.15
N VAL A 20 6.78 -3.74 -3.22
CA VAL A 20 7.62 -4.42 -4.20
C VAL A 20 6.91 -5.61 -4.81
N GLU A 21 7.45 -6.15 -5.90
CA GLU A 21 6.86 -7.29 -6.57
C GLU A 21 6.69 -8.46 -5.60
N SER A 22 5.51 -9.08 -5.63
CA SER A 22 5.23 -10.21 -4.75
C SER A 22 5.90 -11.49 -5.23
N GLY A 23 7.17 -11.65 -4.87
CA GLY A 23 7.92 -12.83 -5.26
C GLY A 23 7.62 -14.04 -4.40
N TRP A 24 6.86 -13.82 -3.33
CA TRP A 24 6.47 -14.90 -2.41
C TRP A 24 5.79 -16.03 -3.18
N GLY A 25 5.07 -16.89 -2.46
CA GLY A 25 4.36 -17.98 -3.12
C GLY A 25 3.53 -17.49 -4.30
N SER A 26 3.13 -16.22 -4.23
CA SER A 26 2.33 -15.59 -5.28
C SER A 26 0.87 -15.95 -5.13
N ILE A 27 0.37 -15.80 -3.93
CA ILE A 27 -1.02 -16.07 -3.62
C ILE A 27 -1.91 -15.17 -4.48
N LEU A 28 -1.48 -13.93 -4.62
CA LEU A 28 -2.20 -12.95 -5.43
C LEU A 28 -1.19 -11.93 -5.98
N PRO A 29 -0.59 -12.22 -7.15
CA PRO A 29 0.41 -11.35 -7.77
C PRO A 29 0.06 -9.86 -7.72
N THR A 30 0.58 -9.18 -6.70
CA THR A 30 0.32 -7.74 -6.55
C THR A 30 1.60 -7.01 -6.09
N VAL A 31 1.76 -6.84 -4.77
CA VAL A 31 2.93 -6.17 -4.23
C VAL A 31 3.14 -6.51 -2.76
N ILE A 32 4.32 -6.17 -2.23
CA ILE A 32 4.63 -6.46 -0.83
C ILE A 32 5.20 -5.23 -0.11
N ILE A 33 4.64 -4.92 1.05
CA ILE A 33 5.13 -3.81 1.85
C ILE A 33 6.51 -4.16 2.37
N ALA A 34 7.52 -3.74 1.64
CA ALA A 34 8.90 -4.02 1.98
C ALA A 34 9.54 -2.92 2.81
N ASN A 35 8.78 -1.85 3.06
CA ASN A 35 9.28 -0.73 3.85
C ASN A 35 8.17 0.24 4.19
N MET A 36 8.39 1.05 5.22
CA MET A 36 7.40 2.02 5.65
C MET A 36 8.03 3.15 6.45
N MET A 37 7.59 4.38 6.21
CA MET A 37 8.11 5.54 6.91
C MET A 37 7.59 5.57 8.34
N HIS A 38 8.45 5.23 9.30
CA HIS A 38 8.08 5.22 10.70
C HIS A 38 7.77 6.62 11.19
N GLY A 39 6.62 7.15 10.80
CA GLY A 39 6.24 8.49 11.20
C GLY A 39 5.03 8.98 10.44
N GLY A 40 4.92 8.59 9.18
CA GLY A 40 3.80 8.99 8.37
C GLY A 40 2.52 8.31 8.78
N PRO A 41 1.40 8.58 8.09
CA PRO A 41 0.11 7.97 8.41
C PRO A 41 0.13 6.45 8.33
N ALA A 42 1.16 5.90 7.67
CA ALA A 42 1.30 4.46 7.54
C ALA A 42 1.64 3.82 8.87
N GLU A 43 2.64 4.37 9.55
CA GLU A 43 3.07 3.87 10.84
C GLU A 43 2.11 4.31 11.94
N LYS A 44 1.60 5.53 11.80
CA LYS A 44 0.67 6.08 12.78
C LYS A 44 -0.57 5.20 12.91
N SER A 45 -1.13 4.80 11.78
CA SER A 45 -2.32 3.95 11.76
C SER A 45 -2.02 2.60 12.40
N GLY A 46 -1.15 1.82 11.76
CA GLY A 46 -0.81 0.51 12.28
C GLY A 46 -1.43 -0.61 11.47
N LYS A 47 -2.52 -0.30 10.77
CA LYS A 47 -3.22 -1.29 9.96
C LYS A 47 -2.27 -1.91 8.93
N LEU A 48 -1.36 -1.10 8.42
CA LEU A 48 -0.39 -1.57 7.43
C LEU A 48 0.94 -1.91 8.08
N ASN A 49 1.33 -3.18 7.98
CA ASN A 49 2.59 -3.64 8.56
C ASN A 49 3.41 -4.41 7.52
N ILE A 50 4.72 -4.20 7.54
CA ILE A 50 5.61 -4.86 6.61
C ILE A 50 5.32 -6.35 6.51
N GLY A 51 5.45 -6.89 5.30
CA GLY A 51 5.20 -8.30 5.08
C GLY A 51 3.78 -8.57 4.64
N ASP A 52 3.04 -7.51 4.29
CA ASP A 52 1.66 -7.65 3.84
C ASP A 52 1.57 -7.55 2.32
N GLN A 53 0.47 -8.03 1.76
CA GLN A 53 0.27 -8.00 0.31
C GLN A 53 -0.97 -7.18 -0.05
N ILE A 54 -0.76 -5.92 -0.42
CA ILE A 54 -1.86 -5.05 -0.80
C ILE A 54 -2.49 -5.53 -2.11
N MET A 55 -3.81 -5.40 -2.22
CA MET A 55 -4.51 -5.84 -3.43
C MET A 55 -5.08 -4.67 -4.21
N SER A 56 -6.07 -4.00 -3.62
CA SER A 56 -6.70 -2.86 -4.28
C SER A 56 -6.67 -1.61 -3.40
N ILE A 57 -6.39 -0.47 -4.00
CA ILE A 57 -6.34 0.78 -3.29
C ILE A 57 -7.47 1.70 -3.72
N ASN A 58 -8.45 1.89 -2.85
CA ASN A 58 -9.60 2.74 -3.14
C ASN A 58 -10.36 2.24 -4.36
N GLY A 59 -10.18 0.97 -4.69
CA GLY A 59 -10.86 0.39 -5.84
C GLY A 59 -9.91 -0.10 -6.90
N THR A 60 -8.79 0.59 -7.08
CA THR A 60 -7.79 0.22 -8.07
C THR A 60 -7.14 -1.11 -7.72
N SER A 61 -7.53 -2.16 -8.43
CA SER A 61 -6.99 -3.50 -8.19
C SER A 61 -5.53 -3.56 -8.60
N LEU A 62 -4.75 -4.37 -7.88
CA LEU A 62 -3.33 -4.52 -8.17
C LEU A 62 -2.98 -5.97 -8.50
N VAL A 63 -3.76 -6.91 -7.95
CA VAL A 63 -3.52 -8.33 -8.18
C VAL A 63 -3.54 -8.65 -9.68
N GLY A 64 -2.39 -8.56 -10.32
CA GLY A 64 -2.30 -8.85 -11.74
C GLY A 64 -1.38 -7.92 -12.49
N LEU A 65 -1.13 -6.74 -11.93
CA LEU A 65 -0.26 -5.76 -12.60
C LEU A 65 1.14 -5.76 -11.98
N PRO A 66 2.12 -5.19 -12.71
CA PRO A 66 3.52 -5.12 -12.25
C PRO A 66 3.69 -4.22 -11.04
N LEU A 67 4.94 -3.97 -10.67
CA LEU A 67 5.26 -3.12 -9.52
C LEU A 67 5.12 -1.65 -9.87
N SER A 68 5.74 -1.23 -10.97
CA SER A 68 5.70 0.16 -11.40
C SER A 68 4.26 0.64 -11.49
N THR A 69 3.37 -0.24 -11.93
CA THR A 69 1.96 0.09 -12.05
C THR A 69 1.34 0.35 -10.68
N CYS A 70 1.55 -0.60 -9.75
CA CYS A 70 1.00 -0.46 -8.40
C CYS A 70 1.48 0.83 -7.75
N GLN A 71 2.78 1.06 -7.81
CA GLN A 71 3.36 2.27 -7.24
C GLN A 71 2.61 3.49 -7.72
N SER A 72 2.42 3.58 -9.03
CA SER A 72 1.69 4.70 -9.63
C SER A 72 0.31 4.85 -9.00
N ILE A 73 -0.33 3.72 -8.71
CA ILE A 73 -1.64 3.71 -8.11
C ILE A 73 -1.64 4.48 -6.78
N ILE A 74 -0.67 4.15 -5.93
CA ILE A 74 -0.56 4.78 -4.63
C ILE A 74 -0.18 6.26 -4.73
N LYS A 75 0.87 6.56 -5.50
CA LYS A 75 1.29 7.95 -5.64
C LYS A 75 0.18 8.79 -6.25
N GLY A 76 -0.76 8.13 -6.92
CA GLY A 76 -1.87 8.83 -7.53
C GLY A 76 -2.80 9.46 -6.52
N LEU A 77 -2.73 8.98 -5.27
CA LEU A 77 -3.58 9.50 -4.20
C LEU A 77 -2.73 10.16 -3.11
N LYS A 78 -1.86 11.07 -3.52
CA LYS A 78 -0.98 11.77 -2.59
C LYS A 78 -1.73 12.89 -1.87
N ASN A 79 -2.71 13.47 -2.55
CA ASN A 79 -3.50 14.56 -1.99
C ASN A 79 -4.82 14.04 -1.41
N GLN A 80 -4.80 12.81 -0.91
CA GLN A 80 -6.00 12.20 -0.33
C GLN A 80 -6.05 12.39 1.18
N SER A 81 -7.25 12.34 1.73
CA SER A 81 -7.45 12.49 3.16
C SER A 81 -7.74 11.14 3.82
N ARG A 82 -8.03 10.14 2.98
CA ARG A 82 -8.33 8.79 3.47
C ARG A 82 -7.87 7.76 2.45
N VAL A 83 -7.07 6.80 2.90
CA VAL A 83 -6.56 5.77 2.00
C VAL A 83 -7.17 4.41 2.30
N LYS A 84 -8.09 3.98 1.43
CA LYS A 84 -8.74 2.69 1.57
C LYS A 84 -7.96 1.64 0.79
N LEU A 85 -7.62 0.55 1.46
CA LEU A 85 -6.85 -0.52 0.82
C LEU A 85 -7.34 -1.89 1.24
N ASN A 86 -7.12 -2.87 0.39
CA ASN A 86 -7.51 -4.24 0.69
C ASN A 86 -6.27 -5.13 0.62
N ILE A 87 -5.62 -5.30 1.76
CA ILE A 87 -4.39 -6.08 1.82
C ILE A 87 -4.54 -7.34 2.66
N VAL A 88 -3.51 -8.17 2.64
CA VAL A 88 -3.50 -9.41 3.41
C VAL A 88 -2.43 -9.33 4.50
N ARG A 89 -2.87 -9.43 5.74
CA ARG A 89 -1.95 -9.35 6.88
C ARG A 89 -1.78 -10.70 7.56
N PRO B 1 14.34 3.01 -0.95
CA PRO B 1 13.22 3.30 -1.85
C PRO B 1 12.72 4.74 -1.71
N VAL B 2 11.74 5.10 -2.53
CA VAL B 2 11.17 6.44 -2.50
C VAL B 2 9.86 6.48 -1.70
N TYR B 3 9.34 5.31 -1.36
CA TYR B 3 8.09 5.23 -0.60
C TYR B 3 6.93 5.84 -1.39
N ILE B 4 5.71 5.57 -0.91
CA ILE B 4 4.51 6.09 -1.55
C ILE B 4 3.54 6.64 -0.52
N GLU A 1 -4.37 -13.33 5.91
CA GLU A 1 -5.79 -13.04 5.76
C GLU A 1 -6.01 -11.61 5.30
N PHE A 2 -6.99 -11.41 4.42
CA PHE A 2 -7.29 -10.09 3.89
C PHE A 2 -7.74 -9.15 4.99
N LYS A 3 -7.52 -7.85 4.80
CA LYS A 3 -7.91 -6.86 5.78
C LYS A 3 -8.01 -5.47 5.17
N ASP A 4 -9.17 -4.85 5.32
CA ASP A 4 -9.41 -3.50 4.80
C ASP A 4 -8.59 -2.48 5.59
N VAL A 5 -7.49 -2.05 5.00
CA VAL A 5 -6.61 -1.08 5.65
C VAL A 5 -7.05 0.35 5.35
N PHE A 6 -7.52 1.04 6.38
CA PHE A 6 -7.97 2.42 6.25
C PHE A 6 -6.95 3.38 6.88
N ILE A 7 -6.31 4.18 6.04
CA ILE A 7 -5.31 5.14 6.51
C ILE A 7 -5.80 6.57 6.36
N GLU A 8 -6.27 7.14 7.46
CA GLU A 8 -6.76 8.51 7.47
C GLU A 8 -5.60 9.49 7.59
N LYS A 9 -5.49 10.41 6.65
CA LYS A 9 -4.40 11.39 6.66
C LYS A 9 -4.77 12.64 5.87
N GLN A 10 -3.80 13.52 5.67
CA GLN A 10 -4.03 14.75 4.94
C GLN A 10 -3.27 14.74 3.61
N LYS A 11 -3.45 15.78 2.82
CA LYS A 11 -2.78 15.87 1.52
C LYS A 11 -1.30 16.16 1.70
N GLY A 12 -0.52 15.81 0.69
CA GLY A 12 0.92 16.04 0.75
C GLY A 12 1.60 15.12 1.75
N GLU A 13 0.89 14.11 2.25
CA GLU A 13 1.45 13.17 3.20
C GLU A 13 1.31 11.75 2.67
N ILE A 14 1.38 11.63 1.34
CA ILE A 14 1.28 10.35 0.65
C ILE A 14 0.73 9.22 1.53
N LEU A 15 1.62 8.66 2.34
CA LEU A 15 1.28 7.57 3.25
C LEU A 15 2.55 7.08 3.94
N GLY A 16 3.57 6.83 3.13
CA GLY A 16 4.84 6.38 3.66
C GLY A 16 4.99 4.87 3.70
N VAL A 17 5.11 4.24 2.52
CA VAL A 17 5.28 2.79 2.45
C VAL A 17 6.00 2.37 1.18
N VAL A 18 6.65 1.21 1.21
CA VAL A 18 7.37 0.69 0.06
C VAL A 18 6.78 -0.64 -0.37
N ILE A 19 6.48 -0.75 -1.66
CA ILE A 19 5.90 -1.97 -2.22
C ILE A 19 6.80 -2.55 -3.30
N VAL A 20 6.88 -3.89 -3.32
CA VAL A 20 7.70 -4.58 -4.31
C VAL A 20 6.97 -5.79 -4.88
N GLU A 21 7.45 -6.30 -6.01
CA GLU A 21 6.84 -7.45 -6.65
C GLU A 21 6.63 -8.58 -5.65
N SER A 22 5.44 -9.19 -5.70
CA SER A 22 5.12 -10.28 -4.78
C SER A 22 5.75 -11.60 -5.25
N GLY A 23 7.01 -11.80 -4.88
CA GLY A 23 7.71 -13.02 -5.25
C GLY A 23 7.35 -14.21 -4.37
N TRP A 24 6.58 -13.94 -3.31
CA TRP A 24 6.15 -14.98 -2.39
C TRP A 24 5.41 -16.09 -3.14
N GLY A 25 4.64 -16.90 -2.42
CA GLY A 25 3.87 -17.96 -3.08
C GLY A 25 3.08 -17.45 -4.26
N SER A 26 2.76 -16.15 -4.21
CA SER A 26 2.01 -15.49 -5.28
C SER A 26 0.52 -15.70 -5.14
N ILE A 27 0.08 -15.79 -3.90
CA ILE A 27 -1.32 -15.96 -3.61
C ILE A 27 -2.15 -14.97 -4.41
N LEU A 28 -1.63 -13.75 -4.50
CA LEU A 28 -2.26 -12.66 -5.25
C LEU A 28 -1.17 -11.78 -5.84
N PRO A 29 -0.81 -11.99 -7.12
CA PRO A 29 0.25 -11.21 -7.79
C PRO A 29 -0.01 -9.71 -7.75
N THR A 30 0.52 -9.04 -6.72
CA THR A 30 0.36 -7.60 -6.59
C THR A 30 1.65 -6.95 -6.12
N VAL A 31 1.81 -6.79 -4.81
CA VAL A 31 3.02 -6.17 -4.26
C VAL A 31 3.21 -6.53 -2.79
N ILE A 32 4.40 -6.25 -2.26
CA ILE A 32 4.71 -6.55 -0.86
C ILE A 32 5.28 -5.34 -0.13
N ILE A 33 4.72 -5.04 1.04
CA ILE A 33 5.21 -3.95 1.83
C ILE A 33 6.58 -4.29 2.37
N ALA A 34 7.58 -3.97 1.58
CA ALA A 34 8.96 -4.26 1.93
C ALA A 34 9.56 -3.17 2.83
N ASN A 35 8.87 -2.05 2.93
CA ASN A 35 9.34 -0.95 3.77
C ASN A 35 8.20 0.00 4.12
N MET A 36 8.39 0.79 5.17
CA MET A 36 7.37 1.73 5.62
C MET A 36 7.99 2.98 6.23
N MET A 37 7.47 4.14 5.82
CA MET A 37 7.95 5.42 6.33
C MET A 37 7.55 5.61 7.78
N HIS A 38 8.35 5.05 8.69
CA HIS A 38 8.07 5.15 10.12
C HIS A 38 7.96 6.61 10.55
N GLY A 39 6.76 7.18 10.42
CA GLY A 39 6.56 8.57 10.80
C GLY A 39 5.30 9.15 10.20
N GLY A 40 4.90 8.63 9.05
CA GLY A 40 3.69 9.10 8.40
C GLY A 40 2.44 8.42 8.94
N PRO A 41 1.31 8.55 8.23
CA PRO A 41 0.05 7.94 8.66
C PRO A 41 0.07 6.42 8.56
N ALA A 42 1.05 5.88 7.81
CA ALA A 42 1.17 4.45 7.64
C ALA A 42 1.47 3.78 8.97
N GLU A 43 2.46 4.30 9.68
CA GLU A 43 2.85 3.77 10.97
C GLU A 43 1.88 4.21 12.07
N LYS A 44 1.40 5.44 11.95
CA LYS A 44 0.47 6.00 12.93
C LYS A 44 -0.85 5.23 12.94
N SER A 45 -1.33 4.87 11.75
CA SER A 45 -2.59 4.13 11.62
C SER A 45 -2.66 2.97 12.59
N GLY A 46 -1.86 1.93 12.34
CA GLY A 46 -1.84 0.78 13.22
C GLY A 46 -2.43 -0.46 12.57
N LYS A 47 -2.58 -0.42 11.25
CA LYS A 47 -3.13 -1.56 10.51
C LYS A 47 -2.11 -2.10 9.51
N LEU A 48 -1.29 -1.20 8.96
CA LEU A 48 -0.28 -1.60 7.99
C LEU A 48 1.00 -2.08 8.69
N ASN A 49 1.44 -3.27 8.33
CA ASN A 49 2.64 -3.85 8.90
C ASN A 49 3.45 -4.57 7.83
N ILE A 50 4.74 -4.27 7.76
CA ILE A 50 5.63 -4.88 6.79
C ILE A 50 5.41 -6.39 6.69
N GLY A 51 5.52 -6.91 5.47
CA GLY A 51 5.33 -8.33 5.24
C GLY A 51 3.91 -8.66 4.80
N ASP A 52 3.14 -7.63 4.46
CA ASP A 52 1.77 -7.83 4.01
C ASP A 52 1.65 -7.61 2.51
N GLN A 53 0.58 -8.15 1.92
CA GLN A 53 0.35 -8.00 0.49
C GLN A 53 -0.89 -7.17 0.21
N ILE A 54 -0.69 -5.99 -0.39
CA ILE A 54 -1.80 -5.09 -0.71
C ILE A 54 -2.43 -5.47 -2.04
N MET A 55 -3.76 -5.48 -2.09
CA MET A 55 -4.48 -5.83 -3.31
C MET A 55 -4.88 -4.58 -4.11
N SER A 56 -5.81 -3.82 -3.58
CA SER A 56 -6.29 -2.62 -4.26
C SER A 56 -6.35 -1.42 -3.33
N ILE A 57 -6.08 -0.25 -3.88
CA ILE A 57 -6.10 0.99 -3.12
C ILE A 57 -7.13 1.96 -3.68
N ASN A 58 -8.11 2.34 -2.85
CA ASN A 58 -9.15 3.26 -3.27
C ASN A 58 -9.96 2.70 -4.44
N GLY A 59 -9.90 1.39 -4.63
CA GLY A 59 -10.64 0.75 -5.70
C GLY A 59 -9.73 0.22 -6.80
N THR A 60 -8.56 0.83 -6.97
CA THR A 60 -7.61 0.40 -7.98
C THR A 60 -6.98 -0.94 -7.62
N SER A 61 -7.31 -1.97 -8.38
CA SER A 61 -6.78 -3.31 -8.14
C SER A 61 -5.33 -3.43 -8.62
N LEU A 62 -4.52 -4.16 -7.86
CA LEU A 62 -3.12 -4.35 -8.19
C LEU A 62 -2.85 -5.80 -8.61
N VAL A 63 -3.74 -6.71 -8.20
CA VAL A 63 -3.59 -8.12 -8.53
C VAL A 63 -3.56 -8.34 -10.04
N GLY A 64 -2.38 -8.37 -10.62
CA GLY A 64 -2.25 -8.58 -12.06
C GLY A 64 -1.28 -7.63 -12.74
N LEU A 65 -1.03 -6.48 -12.11
CA LEU A 65 -0.11 -5.50 -12.69
C LEU A 65 1.26 -5.55 -12.01
N PRO A 66 2.28 -4.99 -12.68
CA PRO A 66 3.65 -4.96 -12.17
C PRO A 66 3.81 -4.04 -10.97
N LEU A 67 5.05 -3.75 -10.60
CA LEU A 67 5.35 -2.88 -9.47
C LEU A 67 5.16 -1.41 -9.84
N SER A 68 5.78 -1.01 -10.95
CA SER A 68 5.70 0.37 -11.41
C SER A 68 4.25 0.83 -11.50
N THR A 69 3.38 -0.06 -11.93
CA THR A 69 1.96 0.25 -12.05
C THR A 69 1.37 0.54 -10.67
N CYS A 70 1.63 -0.35 -9.71
CA CYS A 70 1.12 -0.19 -8.35
C CYS A 70 1.62 1.12 -7.74
N GLN A 71 2.93 1.32 -7.79
CA GLN A 71 3.54 2.53 -7.25
C GLN A 71 2.81 3.76 -7.79
N SER A 72 2.44 3.71 -9.06
CA SER A 72 1.71 4.80 -9.69
C SER A 72 0.34 4.97 -9.06
N ILE A 73 -0.29 3.85 -8.72
CA ILE A 73 -1.62 3.86 -8.12
C ILE A 73 -1.65 4.65 -6.81
N ILE A 74 -0.70 4.36 -5.92
CA ILE A 74 -0.64 5.03 -4.64
C ILE A 74 -0.14 6.46 -4.76
N LYS A 75 0.97 6.65 -5.45
CA LYS A 75 1.52 7.99 -5.65
C LYS A 75 0.50 8.91 -6.30
N GLY A 76 -0.46 8.32 -6.99
CA GLY A 76 -1.48 9.09 -7.66
C GLY A 76 -2.46 9.69 -6.66
N LEU A 77 -2.81 8.92 -5.64
CA LEU A 77 -3.75 9.39 -4.61
C LEU A 77 -2.99 9.98 -3.43
N LYS A 78 -2.00 10.83 -3.72
CA LYS A 78 -1.20 11.47 -2.69
C LYS A 78 -1.97 12.61 -2.03
N ASN A 79 -2.75 13.32 -2.82
CA ASN A 79 -3.54 14.45 -2.33
C ASN A 79 -4.90 13.99 -1.82
N GLN A 80 -4.90 12.98 -0.96
CA GLN A 80 -6.14 12.45 -0.40
C GLN A 80 -6.27 12.76 1.07
N SER A 81 -7.43 12.46 1.62
CA SER A 81 -7.71 12.64 3.03
C SER A 81 -7.91 11.29 3.71
N ARG A 82 -7.94 10.23 2.89
CA ARG A 82 -8.12 8.88 3.40
C ARG A 82 -7.69 7.86 2.35
N VAL A 83 -7.22 6.70 2.80
CA VAL A 83 -6.76 5.67 1.88
C VAL A 83 -7.31 4.29 2.23
N LYS A 84 -8.16 3.77 1.35
CA LYS A 84 -8.75 2.44 1.55
C LYS A 84 -7.89 1.40 0.86
N LEU A 85 -7.55 0.33 1.56
CA LEU A 85 -6.72 -0.72 1.00
C LEU A 85 -7.21 -2.09 1.43
N ASN A 86 -6.91 -3.09 0.61
CA ASN A 86 -7.29 -4.47 0.91
C ASN A 86 -6.06 -5.35 0.83
N ILE A 87 -5.37 -5.50 1.96
CA ILE A 87 -4.14 -6.28 2.00
C ILE A 87 -4.29 -7.55 2.84
N VAL A 88 -3.27 -8.39 2.78
CA VAL A 88 -3.25 -9.65 3.53
C VAL A 88 -2.20 -9.59 4.63
N ARG A 89 -2.65 -9.73 5.88
CA ARG A 89 -1.75 -9.70 7.02
C ARG A 89 -1.29 -11.11 7.40
N PRO B 1 14.63 2.48 -1.26
CA PRO B 1 13.54 1.97 -2.10
C PRO B 1 12.44 3.00 -2.33
N VAL B 2 11.66 2.80 -3.39
CA VAL B 2 10.58 3.72 -3.73
C VAL B 2 9.56 3.81 -2.58
N TYR B 3 9.13 5.03 -2.29
CA TYR B 3 8.17 5.25 -1.21
C TYR B 3 6.89 5.92 -1.74
N ILE B 4 5.75 5.46 -1.26
CA ILE B 4 4.46 6.01 -1.66
C ILE B 4 3.69 6.54 -0.47
N GLU A 1 -4.67 -13.44 5.66
CA GLU A 1 -6.00 -12.98 6.01
C GLU A 1 -6.24 -11.56 5.49
N PHE A 2 -7.14 -11.44 4.52
CA PHE A 2 -7.46 -10.15 3.92
C PHE A 2 -7.98 -9.19 4.98
N LYS A 3 -7.77 -7.89 4.76
CA LYS A 3 -8.23 -6.89 5.70
C LYS A 3 -8.19 -5.49 5.11
N ASP A 4 -9.31 -4.78 5.22
CA ASP A 4 -9.41 -3.41 4.74
C ASP A 4 -8.52 -2.50 5.57
N VAL A 5 -7.61 -1.81 4.91
CA VAL A 5 -6.69 -0.91 5.59
C VAL A 5 -7.04 0.54 5.33
N PHE A 6 -7.50 1.23 6.37
CA PHE A 6 -7.87 2.63 6.25
C PHE A 6 -6.85 3.52 6.95
N ILE A 7 -6.14 4.33 6.17
CA ILE A 7 -5.14 5.23 6.72
C ILE A 7 -5.55 6.69 6.54
N GLU A 8 -6.08 7.27 7.60
CA GLU A 8 -6.50 8.67 7.59
C GLU A 8 -5.29 9.58 7.68
N LYS A 9 -5.02 10.30 6.59
CA LYS A 9 -3.87 11.20 6.56
C LYS A 9 -4.25 12.56 5.99
N GLN A 10 -3.24 13.39 5.74
CA GLN A 10 -3.46 14.72 5.18
C GLN A 10 -2.80 14.85 3.82
N LYS A 11 -3.27 15.80 3.02
CA LYS A 11 -2.72 16.02 1.69
C LYS A 11 -1.24 16.33 1.75
N GLY A 12 -0.51 15.88 0.75
CA GLY A 12 0.91 16.12 0.71
C GLY A 12 1.68 15.23 1.68
N GLU A 13 1.03 14.15 2.12
CA GLU A 13 1.65 13.23 3.06
C GLU A 13 1.53 11.81 2.54
N ILE A 14 1.47 11.69 1.22
CA ILE A 14 1.36 10.41 0.50
C ILE A 14 0.85 9.28 1.40
N LEU A 15 1.76 8.69 2.16
CA LEU A 15 1.42 7.59 3.05
C LEU A 15 2.67 7.11 3.78
N GLY A 16 3.78 7.04 3.04
CA GLY A 16 5.04 6.62 3.62
C GLY A 16 5.22 5.12 3.63
N VAL A 17 5.25 4.50 2.46
CA VAL A 17 5.45 3.05 2.37
C VAL A 17 6.15 2.66 1.08
N VAL A 18 6.80 1.51 1.10
CA VAL A 18 7.52 1.02 -0.07
C VAL A 18 7.02 -0.38 -0.45
N ILE A 19 6.44 -0.48 -1.64
CA ILE A 19 5.91 -1.73 -2.12
C ILE A 19 6.83 -2.33 -3.20
N VAL A 20 6.90 -3.66 -3.23
CA VAL A 20 7.74 -4.36 -4.20
C VAL A 20 7.00 -5.54 -4.82
N GLU A 21 7.55 -6.08 -5.89
CA GLU A 21 6.95 -7.22 -6.58
C GLU A 21 6.74 -8.38 -5.61
N SER A 22 5.53 -8.94 -5.63
CA SER A 22 5.18 -10.05 -4.75
C SER A 22 5.83 -11.36 -5.21
N GLY A 23 7.09 -11.57 -4.81
CA GLY A 23 7.79 -12.78 -5.18
C GLY A 23 7.47 -13.96 -4.29
N TRP A 24 6.71 -13.69 -3.22
CA TRP A 24 6.31 -14.74 -2.29
C TRP A 24 5.60 -15.88 -3.04
N GLY A 25 4.88 -16.71 -2.29
CA GLY A 25 4.16 -17.81 -2.93
C GLY A 25 3.33 -17.33 -4.11
N SER A 26 2.94 -16.05 -4.06
CA SER A 26 2.15 -15.43 -5.12
C SER A 26 0.70 -15.78 -4.99
N ILE A 27 0.19 -15.56 -3.79
CA ILE A 27 -1.19 -15.81 -3.48
C ILE A 27 -2.09 -14.94 -4.36
N LEU A 28 -1.66 -13.68 -4.52
CA LEU A 28 -2.37 -12.71 -5.34
C LEU A 28 -1.35 -11.73 -5.93
N PRO A 29 -0.68 -12.12 -7.03
CA PRO A 29 0.34 -11.30 -7.69
C PRO A 29 0.05 -9.80 -7.66
N THR A 30 0.53 -9.11 -6.62
CA THR A 30 0.34 -7.67 -6.51
C THR A 30 1.63 -6.98 -6.06
N VAL A 31 1.78 -6.71 -4.77
CA VAL A 31 2.97 -6.05 -4.24
C VAL A 31 3.18 -6.38 -2.77
N ILE A 32 4.36 -6.04 -2.25
CA ILE A 32 4.69 -6.31 -0.85
C ILE A 32 5.27 -5.09 -0.15
N ILE A 33 4.70 -4.74 1.00
CA ILE A 33 5.20 -3.62 1.77
C ILE A 33 6.56 -3.98 2.32
N ALA A 34 7.57 -3.65 1.53
CA ALA A 34 8.94 -3.94 1.88
C ALA A 34 9.58 -2.86 2.73
N ASN A 35 8.88 -1.74 2.88
CA ASN A 35 9.40 -0.64 3.69
C ASN A 35 8.29 0.34 4.08
N MET A 36 8.55 1.12 5.12
CA MET A 36 7.58 2.09 5.63
C MET A 36 8.29 3.27 6.30
N MET A 37 7.68 4.45 6.20
CA MET A 37 8.25 5.65 6.80
C MET A 37 8.50 5.46 8.29
N HIS A 38 7.79 4.51 8.90
CA HIS A 38 7.92 4.24 10.32
C HIS A 38 7.57 5.47 11.14
N GLY A 39 6.44 6.09 10.81
CA GLY A 39 5.99 7.27 11.53
C GLY A 39 4.83 7.95 10.84
N GLY A 40 4.82 7.90 9.52
CA GLY A 40 3.75 8.52 8.76
C GLY A 40 2.40 7.90 9.07
N PRO A 41 1.36 8.25 8.31
CA PRO A 41 0.02 7.72 8.52
C PRO A 41 -0.01 6.20 8.51
N ALA A 42 0.98 5.59 7.86
CA ALA A 42 1.06 4.14 7.79
C ALA A 42 1.29 3.54 9.17
N GLU A 43 2.28 4.08 9.87
CA GLU A 43 2.61 3.61 11.21
C GLU A 43 1.62 4.15 12.23
N LYS A 44 1.23 5.41 12.06
CA LYS A 44 0.29 6.06 12.96
C LYS A 44 -0.99 5.24 13.12
N SER A 45 -1.54 4.79 12.00
CA SER A 45 -2.76 3.99 12.02
C SER A 45 -2.49 2.59 12.56
N GLY A 46 -1.56 1.89 11.92
CA GLY A 46 -1.23 0.55 12.35
C GLY A 46 -1.83 -0.50 11.43
N LYS A 47 -2.81 -0.09 10.63
CA LYS A 47 -3.47 -0.99 9.71
C LYS A 47 -2.47 -1.62 8.74
N LEU A 48 -1.40 -0.89 8.47
CA LEU A 48 -0.36 -1.37 7.56
C LEU A 48 0.87 -1.84 8.35
N ASN A 49 1.39 -3.00 7.96
CA ASN A 49 2.57 -3.55 8.61
C ASN A 49 3.44 -4.27 7.59
N ILE A 50 4.73 -3.93 7.57
CA ILE A 50 5.66 -4.54 6.63
C ILE A 50 5.46 -6.05 6.54
N GLY A 51 5.63 -6.58 5.33
CA GLY A 51 5.46 -8.00 5.11
C GLY A 51 4.03 -8.37 4.74
N ASP A 52 3.26 -7.38 4.29
CA ASP A 52 1.88 -7.60 3.89
C ASP A 52 1.72 -7.42 2.38
N GLN A 53 0.59 -7.90 1.85
CA GLN A 53 0.32 -7.77 0.42
C GLN A 53 -0.94 -6.95 0.16
N ILE A 54 -0.76 -5.81 -0.49
CA ILE A 54 -1.89 -4.95 -0.81
C ILE A 54 -2.54 -5.38 -2.12
N MET A 55 -3.86 -5.27 -2.19
CA MET A 55 -4.58 -5.67 -3.39
C MET A 55 -5.18 -4.48 -4.14
N SER A 56 -6.18 -3.84 -3.52
CA SER A 56 -6.84 -2.71 -4.16
C SER A 56 -6.75 -1.45 -3.29
N ILE A 57 -6.36 -0.35 -3.93
CA ILE A 57 -6.23 0.92 -3.23
C ILE A 57 -7.23 1.94 -3.78
N ASN A 58 -8.18 2.34 -2.94
CA ASN A 58 -9.20 3.30 -3.33
C ASN A 58 -10.00 2.80 -4.54
N GLY A 59 -10.03 1.49 -4.72
CA GLY A 59 -10.76 0.91 -5.84
C GLY A 59 -9.84 0.32 -6.89
N THR A 60 -8.69 0.94 -7.11
CA THR A 60 -7.73 0.47 -8.10
C THR A 60 -7.11 -0.85 -7.65
N SER A 61 -7.34 -1.91 -8.43
CA SER A 61 -6.81 -3.23 -8.11
C SER A 61 -5.33 -3.32 -8.46
N LEU A 62 -4.62 -4.21 -7.77
CA LEU A 62 -3.19 -4.40 -7.99
C LEU A 62 -2.89 -5.84 -8.39
N VAL A 63 -3.61 -6.77 -7.78
CA VAL A 63 -3.42 -8.20 -8.06
C VAL A 63 -3.51 -8.48 -9.56
N GLY A 64 -2.38 -8.43 -10.25
CA GLY A 64 -2.36 -8.69 -11.68
C GLY A 64 -1.39 -7.80 -12.44
N LEU A 65 -1.09 -6.64 -11.88
CA LEU A 65 -0.17 -5.71 -12.52
C LEU A 65 1.21 -5.74 -11.86
N PRO A 66 2.24 -5.24 -12.57
CA PRO A 66 3.62 -5.21 -12.06
C PRO A 66 3.79 -4.26 -10.88
N LEU A 67 5.04 -4.01 -10.50
CA LEU A 67 5.34 -3.12 -9.38
C LEU A 67 5.23 -1.66 -9.80
N SER A 68 5.82 -1.32 -10.94
CA SER A 68 5.78 0.05 -11.43
C SER A 68 4.35 0.55 -11.50
N THR A 69 3.46 -0.31 -11.98
CA THR A 69 2.05 0.03 -12.09
C THR A 69 1.44 0.26 -10.72
N CYS A 70 1.66 -0.68 -9.80
CA CYS A 70 1.13 -0.57 -8.44
C CYS A 70 1.56 0.73 -7.77
N GLN A 71 2.87 0.96 -7.71
CA GLN A 71 3.39 2.18 -7.10
C GLN A 71 2.66 3.39 -7.65
N SER A 72 2.51 3.43 -8.96
CA SER A 72 1.80 4.53 -9.61
C SER A 72 0.38 4.66 -9.07
N ILE A 73 -0.24 3.52 -8.80
CA ILE A 73 -1.60 3.50 -8.27
C ILE A 73 -1.69 4.29 -6.97
N ILE A 74 -0.78 4.01 -6.04
CA ILE A 74 -0.76 4.69 -4.77
C ILE A 74 -0.28 6.13 -4.94
N LYS A 75 0.76 6.30 -5.73
CA LYS A 75 1.32 7.63 -5.97
C LYS A 75 0.25 8.58 -6.49
N GLY A 76 -0.77 8.02 -7.10
CA GLY A 76 -1.87 8.82 -7.62
C GLY A 76 -2.73 9.41 -6.52
N LEU A 77 -3.09 8.57 -5.54
CA LEU A 77 -3.92 9.00 -4.43
C LEU A 77 -3.06 9.62 -3.33
N LYS A 78 -2.32 10.66 -3.67
CA LYS A 78 -1.45 11.35 -2.71
C LYS A 78 -2.21 12.43 -1.94
N ASN A 79 -3.20 13.04 -2.60
CA ASN A 79 -3.99 14.10 -1.97
C ASN A 79 -5.44 13.68 -1.77
N GLN A 80 -5.65 12.68 -0.91
CA GLN A 80 -6.99 12.19 -0.62
C GLN A 80 -7.34 12.37 0.85
N SER A 81 -6.32 12.35 1.71
CA SER A 81 -6.52 12.48 3.15
C SER A 81 -7.08 11.20 3.76
N ARG A 82 -7.17 10.15 2.94
CA ARG A 82 -7.69 8.87 3.40
C ARG A 82 -7.35 7.78 2.38
N VAL A 83 -6.73 6.71 2.85
CA VAL A 83 -6.34 5.61 1.96
C VAL A 83 -7.07 4.31 2.31
N LYS A 84 -7.72 3.72 1.31
CA LYS A 84 -8.44 2.46 1.50
C LYS A 84 -7.68 1.35 0.78
N LEU A 85 -7.05 0.45 1.54
CA LEU A 85 -6.28 -0.63 0.94
C LEU A 85 -6.69 -1.99 1.46
N ASN A 86 -7.19 -2.82 0.56
CA ASN A 86 -7.58 -4.18 0.91
C ASN A 86 -6.36 -5.09 0.79
N ILE A 87 -5.63 -5.24 1.89
CA ILE A 87 -4.42 -6.05 1.89
C ILE A 87 -4.60 -7.35 2.68
N VAL A 88 -3.61 -8.22 2.58
CA VAL A 88 -3.64 -9.50 3.27
C VAL A 88 -2.52 -9.58 4.32
N ARG A 89 -2.88 -9.99 5.53
CA ARG A 89 -1.90 -10.09 6.60
C ARG A 89 -1.19 -11.45 6.57
N PRO B 1 14.51 2.98 -1.48
CA PRO B 1 13.45 2.78 -2.46
C PRO B 1 12.41 3.90 -2.43
N VAL B 2 11.73 4.10 -3.55
CA VAL B 2 10.71 5.15 -3.65
C VAL B 2 9.62 4.93 -2.60
N TYR B 3 9.01 6.02 -2.16
CA TYR B 3 7.95 5.94 -1.14
C TYR B 3 6.63 6.47 -1.69
N ILE B 4 5.55 5.75 -1.36
CA ILE B 4 4.22 6.15 -1.80
C ILE B 4 3.37 6.58 -0.62
N GLU A 1 -4.60 -13.40 5.82
CA GLU A 1 -5.98 -12.93 5.95
C GLU A 1 -6.16 -11.53 5.38
N PHE A 2 -7.20 -11.37 4.55
CA PHE A 2 -7.50 -10.08 3.94
C PHE A 2 -7.96 -9.08 5.00
N LYS A 3 -7.78 -7.80 4.73
CA LYS A 3 -8.19 -6.77 5.68
C LYS A 3 -8.19 -5.37 5.06
N ASP A 4 -9.34 -4.70 5.16
CA ASP A 4 -9.49 -3.34 4.64
C ASP A 4 -8.70 -2.36 5.51
N VAL A 5 -7.58 -1.88 4.98
CA VAL A 5 -6.74 -0.94 5.71
C VAL A 5 -7.09 0.50 5.36
N PHE A 6 -7.79 1.15 6.29
CA PHE A 6 -8.19 2.54 6.08
C PHE A 6 -7.28 3.49 6.86
N ILE A 7 -6.39 4.15 6.13
CA ILE A 7 -5.45 5.08 6.74
C ILE A 7 -5.90 6.52 6.51
N GLU A 8 -6.53 7.11 7.52
CA GLU A 8 -7.00 8.48 7.44
C GLU A 8 -5.82 9.43 7.58
N LYS A 9 -5.47 10.10 6.48
CA LYS A 9 -4.34 11.02 6.49
C LYS A 9 -4.71 12.36 5.89
N GLN A 10 -3.72 13.26 5.80
CA GLN A 10 -3.93 14.58 5.23
C GLN A 10 -3.13 14.71 3.95
N LYS A 11 -3.39 15.79 3.20
CA LYS A 11 -2.70 16.03 1.95
C LYS A 11 -1.23 16.35 2.20
N GLY A 12 -0.40 16.09 1.21
CA GLY A 12 1.02 16.34 1.35
C GLY A 12 1.70 15.38 2.29
N GLU A 13 1.02 14.28 2.62
CA GLU A 13 1.56 13.28 3.52
C GLU A 13 1.45 11.90 2.90
N ILE A 14 1.56 11.87 1.57
CA ILE A 14 1.50 10.64 0.77
C ILE A 14 0.96 9.44 1.56
N LEU A 15 1.83 8.83 2.34
CA LEU A 15 1.47 7.67 3.16
C LEU A 15 2.71 7.13 3.87
N GLY A 16 3.80 7.02 3.12
CA GLY A 16 5.06 6.55 3.68
C GLY A 16 5.17 5.03 3.71
N VAL A 17 5.19 4.43 2.52
CA VAL A 17 5.32 2.96 2.42
C VAL A 17 5.96 2.55 1.09
N VAL A 18 6.57 1.37 1.08
CA VAL A 18 7.22 0.86 -0.13
C VAL A 18 6.66 -0.50 -0.51
N ILE A 19 6.27 -0.63 -1.77
CA ILE A 19 5.72 -1.87 -2.29
C ILE A 19 6.63 -2.48 -3.34
N VAL A 20 6.70 -3.80 -3.36
CA VAL A 20 7.53 -4.51 -4.32
C VAL A 20 6.79 -5.72 -4.89
N GLU A 21 7.31 -6.28 -5.98
CA GLU A 21 6.69 -7.44 -6.62
C GLU A 21 6.51 -8.57 -5.61
N SER A 22 5.33 -9.18 -5.61
CA SER A 22 5.02 -10.26 -4.70
C SER A 22 5.67 -11.57 -5.15
N GLY A 23 6.94 -11.74 -4.79
CA GLY A 23 7.67 -12.95 -5.16
C GLY A 23 7.38 -14.11 -4.23
N TRP A 24 6.61 -13.84 -3.18
CA TRP A 24 6.24 -14.87 -2.21
C TRP A 24 5.57 -16.06 -2.92
N GLY A 25 4.86 -16.89 -2.16
CA GLY A 25 4.17 -18.02 -2.75
C GLY A 25 3.35 -17.59 -3.96
N SER A 26 2.93 -16.34 -3.95
CA SER A 26 2.13 -15.75 -5.03
C SER A 26 0.67 -16.07 -4.88
N ILE A 27 0.19 -15.92 -3.65
CA ILE A 27 -1.20 -16.14 -3.35
C ILE A 27 -2.07 -15.21 -4.20
N LEU A 28 -1.53 -14.02 -4.42
CA LEU A 28 -2.19 -12.99 -5.21
C LEU A 28 -1.13 -12.03 -5.77
N PRO A 29 -0.68 -12.25 -7.02
CA PRO A 29 0.35 -11.43 -7.65
C PRO A 29 0.02 -9.94 -7.66
N THR A 30 0.45 -9.23 -6.61
CA THR A 30 0.22 -7.79 -6.53
C THR A 30 1.48 -7.06 -6.08
N VAL A 31 1.66 -6.89 -4.77
CA VAL A 31 2.84 -6.21 -4.24
C VAL A 31 3.07 -6.54 -2.77
N ILE A 32 4.24 -6.19 -2.27
CA ILE A 32 4.59 -6.44 -0.87
C ILE A 32 5.16 -5.20 -0.19
N ILE A 33 4.62 -4.86 0.97
CA ILE A 33 5.12 -3.73 1.72
C ILE A 33 6.50 -4.07 2.24
N ALA A 34 7.49 -3.76 1.42
CA ALA A 34 8.87 -4.05 1.74
C ALA A 34 9.50 -2.97 2.62
N ASN A 35 8.85 -1.81 2.69
CA ASN A 35 9.38 -0.72 3.50
C ASN A 35 8.28 0.23 3.95
N MET A 36 8.56 0.97 5.02
CA MET A 36 7.60 1.93 5.57
C MET A 36 8.32 3.11 6.21
N MET A 37 7.81 4.31 5.97
CA MET A 37 8.41 5.52 6.50
C MET A 37 8.59 5.43 8.01
N HIS A 38 7.77 4.60 8.66
CA HIS A 38 7.84 4.44 10.10
C HIS A 38 7.56 5.76 10.81
N GLY A 39 6.52 6.44 10.37
CA GLY A 39 6.16 7.72 10.96
C GLY A 39 4.93 8.31 10.31
N GLY A 40 4.83 8.16 8.99
CA GLY A 40 3.69 8.69 8.26
C GLY A 40 2.40 8.05 8.72
N PRO A 41 1.27 8.36 8.04
CA PRO A 41 -0.03 7.79 8.40
C PRO A 41 -0.01 6.27 8.44
N ALA A 42 0.93 5.67 7.73
CA ALA A 42 1.05 4.22 7.69
C ALA A 42 1.44 3.69 9.07
N GLU A 43 2.47 4.29 9.66
CA GLU A 43 2.95 3.88 10.97
C GLU A 43 2.03 4.42 12.05
N LYS A 44 1.55 5.65 11.87
CA LYS A 44 0.67 6.29 12.83
C LYS A 44 -0.57 5.43 13.09
N SER A 45 -1.18 4.95 12.01
CA SER A 45 -2.37 4.12 12.10
C SER A 45 -2.05 2.80 12.79
N GLY A 46 -1.22 1.99 12.14
CA GLY A 46 -0.84 0.71 12.70
C GLY A 46 -1.44 -0.45 11.93
N LYS A 47 -2.54 -0.18 11.23
CA LYS A 47 -3.22 -1.18 10.43
C LYS A 47 -2.28 -1.76 9.38
N LEU A 48 -1.28 -0.98 8.99
CA LEU A 48 -0.31 -1.42 7.98
C LEU A 48 1.01 -1.81 8.65
N ASN A 49 1.51 -2.97 8.26
CA ASN A 49 2.76 -3.48 8.80
C ASN A 49 3.54 -4.23 7.73
N ILE A 50 4.84 -3.94 7.62
CA ILE A 50 5.68 -4.59 6.63
C ILE A 50 5.45 -6.09 6.56
N GLY A 51 5.51 -6.62 5.35
CA GLY A 51 5.29 -8.04 5.15
C GLY A 51 3.85 -8.37 4.75
N ASP A 52 3.10 -7.35 4.36
CA ASP A 52 1.71 -7.53 3.94
C ASP A 52 1.58 -7.48 2.42
N GLN A 53 0.47 -7.99 1.90
CA GLN A 53 0.22 -8.00 0.47
C GLN A 53 -1.02 -7.20 0.11
N ILE A 54 -0.83 -5.95 -0.30
CA ILE A 54 -1.94 -5.08 -0.68
C ILE A 54 -2.54 -5.53 -2.00
N MET A 55 -3.85 -5.42 -2.14
CA MET A 55 -4.52 -5.83 -3.38
C MET A 55 -5.03 -4.63 -4.16
N SER A 56 -6.05 -3.96 -3.63
CA SER A 56 -6.64 -2.81 -4.31
C SER A 56 -6.59 -1.57 -3.43
N ILE A 57 -6.32 -0.42 -4.05
CA ILE A 57 -6.25 0.84 -3.34
C ILE A 57 -7.37 1.78 -3.79
N ASN A 58 -8.36 1.96 -2.93
CA ASN A 58 -9.49 2.83 -3.23
C ASN A 58 -10.20 2.39 -4.51
N GLY A 59 -10.11 1.09 -4.81
CA GLY A 59 -10.76 0.57 -6.00
C GLY A 59 -9.77 0.05 -7.03
N THR A 60 -8.64 0.74 -7.16
CA THR A 60 -7.61 0.34 -8.11
C THR A 60 -6.97 -0.99 -7.71
N SER A 61 -7.28 -2.03 -8.46
CA SER A 61 -6.74 -3.37 -8.19
C SER A 61 -5.26 -3.44 -8.58
N LEU A 62 -4.51 -4.26 -7.85
CA LEU A 62 -3.09 -4.43 -8.11
C LEU A 62 -2.74 -5.87 -8.49
N VAL A 63 -3.70 -6.78 -8.29
CA VAL A 63 -3.48 -8.19 -8.60
C VAL A 63 -3.43 -8.42 -10.11
N GLY A 64 -2.22 -8.57 -10.64
CA GLY A 64 -2.06 -8.81 -12.07
C GLY A 64 -1.10 -7.84 -12.73
N LEU A 65 -0.86 -6.69 -12.10
CA LEU A 65 0.04 -5.69 -12.65
C LEU A 65 1.39 -5.68 -11.94
N PRO A 66 2.43 -5.16 -12.60
CA PRO A 66 3.78 -5.09 -12.02
C PRO A 66 3.86 -4.13 -10.85
N LEU A 67 5.09 -3.88 -10.38
CA LEU A 67 5.30 -2.96 -9.26
C LEU A 67 5.22 -1.51 -9.72
N SER A 68 5.85 -1.20 -10.84
CA SER A 68 5.85 0.16 -11.37
C SER A 68 4.42 0.67 -11.52
N THR A 69 3.53 -0.21 -11.98
CA THR A 69 2.14 0.15 -12.14
C THR A 69 1.50 0.46 -10.79
N CYS A 70 1.63 -0.46 -9.84
CA CYS A 70 1.06 -0.28 -8.51
C CYS A 70 1.58 1.01 -7.88
N GLN A 71 2.90 1.19 -7.89
CA GLN A 71 3.51 2.39 -7.33
C GLN A 71 2.81 3.62 -7.87
N SER A 72 2.55 3.62 -9.17
CA SER A 72 1.87 4.72 -9.83
C SER A 72 0.48 4.93 -9.22
N ILE A 73 -0.18 3.82 -8.89
CA ILE A 73 -1.51 3.86 -8.31
C ILE A 73 -1.53 4.65 -7.00
N ILE A 74 -0.61 4.35 -6.10
CA ILE A 74 -0.54 5.01 -4.82
C ILE A 74 -0.09 6.47 -4.96
N LYS A 75 1.00 6.70 -5.67
CA LYS A 75 1.49 8.06 -5.86
C LYS A 75 0.41 8.94 -6.47
N GLY A 76 -0.51 8.32 -7.18
CA GLY A 76 -1.60 9.07 -7.79
C GLY A 76 -2.51 9.71 -6.76
N LEU A 77 -2.88 8.93 -5.74
CA LEU A 77 -3.74 9.44 -4.67
C LEU A 77 -2.91 10.06 -3.56
N LYS A 78 -2.25 11.18 -3.87
CA LYS A 78 -1.41 11.87 -2.90
C LYS A 78 -2.23 12.86 -2.07
N ASN A 79 -3.14 13.56 -2.72
CA ASN A 79 -3.97 14.55 -2.05
C ASN A 79 -5.25 13.91 -1.49
N GLN A 80 -5.09 12.80 -0.77
CA GLN A 80 -6.22 12.11 -0.19
C GLN A 80 -6.32 12.33 1.31
N SER A 81 -7.54 12.30 1.83
CA SER A 81 -7.77 12.47 3.25
C SER A 81 -7.79 11.12 3.97
N ARG A 82 -7.76 10.05 3.18
CA ARG A 82 -7.74 8.69 3.73
C ARG A 82 -7.37 7.70 2.63
N VAL A 83 -6.66 6.65 3.00
CA VAL A 83 -6.23 5.65 2.02
C VAL A 83 -6.91 4.31 2.23
N LYS A 84 -7.88 3.99 1.37
CA LYS A 84 -8.61 2.74 1.45
C LYS A 84 -7.84 1.65 0.72
N LEU A 85 -7.49 0.59 1.43
CA LEU A 85 -6.74 -0.50 0.83
C LEU A 85 -7.25 -1.84 1.32
N ASN A 86 -7.05 -2.87 0.50
CA ASN A 86 -7.46 -4.22 0.84
C ASN A 86 -6.25 -5.14 0.78
N ILE A 87 -5.56 -5.27 1.90
CA ILE A 87 -4.35 -6.08 1.94
C ILE A 87 -4.56 -7.38 2.72
N VAL A 88 -3.57 -8.26 2.65
CA VAL A 88 -3.62 -9.54 3.34
C VAL A 88 -2.44 -9.70 4.29
N ARG A 89 -2.72 -9.74 5.58
CA ARG A 89 -1.68 -9.89 6.59
C ARG A 89 -1.09 -11.28 6.54
N PRO B 1 13.50 3.61 -2.44
CA PRO B 1 12.52 2.86 -3.23
C PRO B 1 11.25 3.66 -3.48
N VAL B 2 11.39 4.89 -3.94
CA VAL B 2 10.25 5.75 -4.21
C VAL B 2 9.54 6.16 -2.93
N TYR B 3 8.91 5.19 -2.28
CA TYR B 3 8.19 5.43 -1.03
C TYR B 3 6.94 6.27 -1.27
N ILE B 4 5.78 5.62 -1.34
CA ILE B 4 4.52 6.32 -1.55
C ILE B 4 3.97 6.85 -0.24
N GLU A 1 -4.56 -13.41 5.20
CA GLU A 1 -5.99 -13.18 5.06
C GLU A 1 -6.29 -11.75 4.62
N PHE A 2 -7.33 -11.59 3.82
CA PHE A 2 -7.73 -10.27 3.33
C PHE A 2 -8.12 -9.36 4.47
N LYS A 3 -7.86 -8.06 4.32
CA LYS A 3 -8.21 -7.10 5.34
C LYS A 3 -8.18 -5.67 4.80
N ASP A 4 -9.31 -4.97 4.94
CA ASP A 4 -9.41 -3.59 4.49
C ASP A 4 -8.64 -2.67 5.41
N VAL A 5 -7.82 -1.80 4.82
CA VAL A 5 -7.01 -0.87 5.61
C VAL A 5 -7.47 0.57 5.39
N PHE A 6 -7.63 1.30 6.49
CA PHE A 6 -8.07 2.69 6.41
C PHE A 6 -7.07 3.60 7.10
N ILE A 7 -6.31 4.35 6.31
CA ILE A 7 -5.32 5.26 6.84
C ILE A 7 -5.74 6.71 6.61
N GLU A 8 -6.29 7.34 7.63
CA GLU A 8 -6.72 8.73 7.55
C GLU A 8 -5.53 9.66 7.72
N LYS A 9 -5.14 10.31 6.63
CA LYS A 9 -4.00 11.23 6.65
C LYS A 9 -4.35 12.56 6.01
N GLN A 10 -3.33 13.37 5.77
CA GLN A 10 -3.51 14.67 5.15
C GLN A 10 -2.95 14.67 3.74
N LYS A 11 -3.09 15.78 3.05
CA LYS A 11 -2.59 15.90 1.69
C LYS A 11 -1.09 16.18 1.69
N GLY A 12 -0.47 15.94 0.55
CA GLY A 12 0.96 16.15 0.44
C GLY A 12 1.73 15.28 1.43
N GLU A 13 1.05 14.29 2.01
CA GLU A 13 1.69 13.39 2.96
C GLU A 13 1.55 11.95 2.48
N ILE A 14 1.58 11.79 1.17
CA ILE A 14 1.47 10.49 0.50
C ILE A 14 0.97 9.38 1.41
N LEU A 15 1.87 8.86 2.23
CA LEU A 15 1.53 7.78 3.17
C LEU A 15 2.80 7.30 3.88
N GLY A 16 3.87 7.17 3.11
CA GLY A 16 5.14 6.74 3.67
C GLY A 16 5.29 5.23 3.71
N VAL A 17 5.28 4.58 2.55
CA VAL A 17 5.44 3.12 2.48
C VAL A 17 6.09 2.70 1.17
N VAL A 18 6.74 1.53 1.20
CA VAL A 18 7.41 1.00 0.01
C VAL A 18 6.84 -0.35 -0.38
N ILE A 19 6.51 -0.50 -1.66
CA ILE A 19 5.96 -1.74 -2.17
C ILE A 19 6.89 -2.39 -3.19
N VAL A 20 6.73 -3.70 -3.37
CA VAL A 20 7.56 -4.45 -4.31
C VAL A 20 6.78 -5.63 -4.89
N GLU A 21 7.34 -6.26 -5.92
CA GLU A 21 6.69 -7.40 -6.56
C GLU A 21 6.53 -8.55 -5.57
N SER A 22 5.32 -9.10 -5.51
CA SER A 22 5.02 -10.21 -4.61
C SER A 22 5.70 -11.50 -5.06
N GLY A 23 6.96 -11.66 -4.68
CA GLY A 23 7.70 -12.86 -5.04
C GLY A 23 7.44 -14.02 -4.10
N TRP A 24 6.66 -13.78 -3.06
CA TRP A 24 6.32 -14.81 -2.09
C TRP A 24 5.69 -16.02 -2.78
N GLY A 25 5.01 -16.87 -2.02
CA GLY A 25 4.37 -18.03 -2.60
C GLY A 25 3.51 -17.65 -3.80
N SER A 26 3.04 -16.41 -3.81
CA SER A 26 2.22 -15.88 -4.89
C SER A 26 0.77 -16.30 -4.73
N ILE A 27 0.28 -16.12 -3.53
CA ILE A 27 -1.09 -16.42 -3.21
C ILE A 27 -2.02 -15.57 -4.07
N LEU A 28 -1.62 -14.32 -4.23
CA LEU A 28 -2.34 -13.35 -5.04
C LEU A 28 -1.34 -12.35 -5.62
N PRO A 29 -1.20 -12.31 -6.96
CA PRO A 29 -0.23 -11.42 -7.61
C PRO A 29 -0.50 -9.93 -7.33
N THR A 30 0.30 -9.37 -6.43
CA THR A 30 0.18 -7.95 -6.07
C THR A 30 1.53 -7.42 -5.57
N VAL A 31 1.50 -6.37 -4.75
CA VAL A 31 2.75 -5.79 -4.23
C VAL A 31 2.92 -6.07 -2.74
N ILE A 32 4.17 -5.99 -2.27
CA ILE A 32 4.47 -6.26 -0.86
C ILE A 32 5.09 -5.05 -0.17
N ILE A 33 4.60 -4.71 1.02
CA ILE A 33 5.15 -3.63 1.78
C ILE A 33 6.53 -4.01 2.28
N ALA A 34 7.53 -3.60 1.52
CA ALA A 34 8.90 -3.94 1.82
C ALA A 34 9.61 -2.84 2.62
N ASN A 35 8.90 -1.75 2.90
CA ASN A 35 9.49 -0.66 3.67
C ASN A 35 8.44 0.37 4.05
N MET A 36 8.74 1.16 5.08
CA MET A 36 7.82 2.19 5.55
C MET A 36 8.58 3.32 6.22
N MET A 37 8.08 4.54 6.06
CA MET A 37 8.71 5.72 6.65
C MET A 37 8.85 5.56 8.16
N HIS A 38 8.02 4.70 8.75
CA HIS A 38 8.05 4.47 10.18
C HIS A 38 7.72 5.75 10.95
N GLY A 39 6.62 6.38 10.57
CA GLY A 39 6.22 7.61 11.22
C GLY A 39 5.00 8.23 10.56
N GLY A 40 4.93 8.11 9.24
CA GLY A 40 3.80 8.67 8.51
C GLY A 40 2.49 8.01 8.91
N PRO A 41 1.40 8.31 8.19
CA PRO A 41 0.08 7.74 8.49
C PRO A 41 0.10 6.21 8.49
N ALA A 42 1.06 5.62 7.79
CA ALA A 42 1.18 4.17 7.74
C ALA A 42 1.53 3.60 9.10
N GLU A 43 2.56 4.16 9.71
CA GLU A 43 2.99 3.73 11.03
C GLU A 43 2.08 4.28 12.12
N LYS A 44 1.65 5.53 11.93
CA LYS A 44 0.78 6.20 12.88
C LYS A 44 -0.51 5.41 13.10
N SER A 45 -1.13 4.98 12.00
CA SER A 45 -2.37 4.21 12.07
C SER A 45 -2.18 2.96 12.92
N GLY A 46 -1.50 1.97 12.34
CA GLY A 46 -1.26 0.73 13.05
C GLY A 46 -1.95 -0.46 12.40
N LYS A 47 -2.38 -0.26 11.16
CA LYS A 47 -3.06 -1.32 10.41
C LYS A 47 -2.17 -1.86 9.30
N LEU A 48 -1.23 -1.04 8.85
CA LEU A 48 -0.31 -1.44 7.79
C LEU A 48 1.06 -1.79 8.37
N ASN A 49 1.47 -3.03 8.18
CA ASN A 49 2.77 -3.49 8.69
C ASN A 49 3.53 -4.23 7.60
N ILE A 50 4.85 -4.01 7.55
CA ILE A 50 5.69 -4.65 6.56
C ILE A 50 5.41 -6.14 6.47
N GLY A 51 5.53 -6.68 5.25
CA GLY A 51 5.29 -8.09 5.04
C GLY A 51 3.86 -8.37 4.59
N ASP A 52 3.10 -7.30 4.31
CA ASP A 52 1.73 -7.45 3.85
C ASP A 52 1.64 -7.30 2.34
N GLN A 53 0.59 -7.85 1.75
CA GLN A 53 0.41 -7.77 0.30
C GLN A 53 -0.87 -6.99 -0.03
N ILE A 54 -0.70 -5.82 -0.62
CA ILE A 54 -1.83 -4.98 -1.00
C ILE A 54 -2.47 -5.47 -2.29
N MET A 55 -3.80 -5.45 -2.33
CA MET A 55 -4.53 -5.91 -3.50
C MET A 55 -5.07 -4.73 -4.31
N SER A 56 -6.03 -4.00 -3.73
CA SER A 56 -6.63 -2.86 -4.39
C SER A 56 -6.67 -1.65 -3.48
N ILE A 57 -6.26 -0.50 -4.00
CA ILE A 57 -6.24 0.73 -3.23
C ILE A 57 -7.38 1.65 -3.66
N ASN A 58 -8.29 1.93 -2.72
CA ASN A 58 -9.43 2.79 -3.00
C ASN A 58 -10.25 2.27 -4.19
N GLY A 59 -10.20 0.96 -4.41
CA GLY A 59 -10.93 0.37 -5.50
C GLY A 59 -10.03 -0.05 -6.65
N THR A 60 -8.93 0.67 -6.83
CA THR A 60 -7.99 0.37 -7.90
C THR A 60 -7.39 -1.02 -7.73
N SER A 61 -7.92 -1.98 -8.49
CA SER A 61 -7.45 -3.36 -8.43
C SER A 61 -6.17 -3.51 -9.24
N LEU A 62 -5.07 -3.81 -8.54
CA LEU A 62 -3.78 -3.98 -9.20
C LEU A 62 -3.24 -5.40 -8.98
N VAL A 63 -4.13 -6.35 -8.75
CA VAL A 63 -3.74 -7.74 -8.54
C VAL A 63 -3.29 -8.37 -9.85
N GLY A 64 -2.02 -8.22 -10.16
CA GLY A 64 -1.48 -8.79 -11.39
C GLY A 64 -0.59 -7.81 -12.13
N LEU A 65 -0.69 -6.53 -11.79
CA LEU A 65 0.12 -5.49 -12.43
C LEU A 65 1.53 -5.46 -11.83
N PRO A 66 2.51 -4.94 -12.59
CA PRO A 66 3.89 -4.85 -12.12
C PRO A 66 4.03 -3.95 -10.91
N LEU A 67 5.26 -3.72 -10.47
CA LEU A 67 5.52 -2.87 -9.31
C LEU A 67 5.41 -1.40 -9.67
N SER A 68 6.04 -1.01 -10.78
CA SER A 68 6.00 0.37 -11.23
C SER A 68 4.56 0.86 -11.33
N THR A 69 3.69 0.00 -11.83
CA THR A 69 2.28 0.34 -11.98
C THR A 69 1.63 0.52 -10.62
N CYS A 70 1.81 -0.46 -9.74
CA CYS A 70 1.23 -0.40 -8.39
C CYS A 70 1.65 0.87 -7.66
N GLN A 71 2.96 1.08 -7.52
CA GLN A 71 3.46 2.27 -6.85
C GLN A 71 2.80 3.51 -7.43
N SER A 72 2.63 3.52 -8.74
CA SER A 72 1.99 4.64 -9.42
C SER A 72 0.53 4.76 -8.97
N ILE A 73 -0.08 3.61 -8.68
CA ILE A 73 -1.48 3.60 -8.24
C ILE A 73 -1.62 4.41 -6.95
N ILE A 74 -0.75 4.14 -5.99
CA ILE A 74 -0.79 4.84 -4.72
C ILE A 74 -0.31 6.28 -4.87
N LYS A 75 0.80 6.47 -5.56
CA LYS A 75 1.34 7.80 -5.79
C LYS A 75 0.32 8.72 -6.44
N GLY A 76 -0.65 8.12 -7.12
CA GLY A 76 -1.68 8.89 -7.78
C GLY A 76 -2.71 9.42 -6.79
N LEU A 77 -2.97 8.64 -5.75
CA LEU A 77 -3.94 9.04 -4.72
C LEU A 77 -3.22 9.50 -3.46
N LYS A 78 -2.21 10.34 -3.64
CA LYS A 78 -1.44 10.86 -2.52
C LYS A 78 -2.16 12.04 -1.86
N ASN A 79 -3.01 12.71 -2.62
CA ASN A 79 -3.75 13.85 -2.10
C ASN A 79 -5.09 13.44 -1.52
N GLN A 80 -5.09 12.32 -0.78
CA GLN A 80 -6.31 11.81 -0.18
C GLN A 80 -6.27 11.92 1.34
N SER A 81 -7.38 12.37 1.92
CA SER A 81 -7.47 12.50 3.37
C SER A 81 -7.73 11.13 4.00
N ARG A 82 -8.06 10.16 3.15
CA ARG A 82 -8.32 8.79 3.61
C ARG A 82 -7.85 7.79 2.57
N VAL A 83 -7.03 6.83 3.00
CA VAL A 83 -6.50 5.83 2.08
C VAL A 83 -7.04 4.44 2.36
N LYS A 84 -7.96 3.99 1.52
CA LYS A 84 -8.55 2.66 1.66
C LYS A 84 -7.68 1.65 0.92
N LEU A 85 -7.27 0.59 1.61
CA LEU A 85 -6.41 -0.42 0.97
C LEU A 85 -6.83 -1.83 1.34
N ASN A 86 -7.22 -2.58 0.33
CA ASN A 86 -7.60 -3.97 0.54
C ASN A 86 -6.36 -4.85 0.40
N ILE A 87 -5.76 -5.20 1.53
CA ILE A 87 -4.55 -5.99 1.54
C ILE A 87 -4.71 -7.30 2.31
N VAL A 88 -3.69 -8.15 2.23
CA VAL A 88 -3.70 -9.43 2.92
C VAL A 88 -2.60 -9.48 3.98
N ARG A 89 -3.01 -9.47 5.24
CA ARG A 89 -2.05 -9.50 6.35
C ARG A 89 -1.57 -10.92 6.61
N PRO B 1 14.40 2.74 -1.65
CA PRO B 1 13.32 2.51 -2.61
C PRO B 1 12.29 3.63 -2.60
N VAL B 2 11.48 3.70 -3.65
CA VAL B 2 10.45 4.73 -3.75
C VAL B 2 9.49 4.65 -2.57
N TYR B 3 8.87 5.78 -2.25
CA TYR B 3 7.93 5.83 -1.14
C TYR B 3 6.58 6.43 -1.57
N ILE B 4 5.51 5.68 -1.36
CA ILE B 4 4.18 6.13 -1.72
C ILE B 4 3.42 6.62 -0.49
N GLU A 1 -4.49 -13.02 5.80
CA GLU A 1 -5.67 -12.43 6.41
C GLU A 1 -6.06 -11.13 5.72
N PHE A 2 -7.03 -11.21 4.81
CA PHE A 2 -7.51 -10.03 4.09
C PHE A 2 -8.03 -8.99 5.07
N LYS A 3 -7.82 -7.72 4.75
CA LYS A 3 -8.27 -6.65 5.63
C LYS A 3 -8.26 -5.29 4.93
N ASP A 4 -9.40 -4.60 5.00
CA ASP A 4 -9.54 -3.28 4.40
C ASP A 4 -8.75 -2.26 5.20
N VAL A 5 -7.58 -1.88 4.70
CA VAL A 5 -6.72 -0.93 5.37
C VAL A 5 -7.15 0.51 5.09
N PHE A 6 -7.56 1.20 6.14
CA PHE A 6 -7.99 2.59 6.02
C PHE A 6 -7.07 3.50 6.81
N ILE A 7 -6.19 4.21 6.12
CA ILE A 7 -5.26 5.11 6.76
C ILE A 7 -5.70 6.56 6.61
N GLU A 8 -6.33 7.09 7.66
CA GLU A 8 -6.80 8.47 7.65
C GLU A 8 -5.63 9.42 7.87
N LYS A 9 -5.27 10.16 6.82
CA LYS A 9 -4.16 11.10 6.90
C LYS A 9 -4.51 12.42 6.24
N GLN A 10 -3.53 13.29 6.09
CA GLN A 10 -3.74 14.59 5.46
C GLN A 10 -3.03 14.65 4.11
N LYS A 11 -3.54 15.50 3.23
CA LYS A 11 -2.97 15.66 1.90
C LYS A 11 -1.50 16.04 1.99
N GLY A 12 -0.74 15.70 0.96
CA GLY A 12 0.67 16.00 0.94
C GLY A 12 1.47 15.12 1.86
N GLU A 13 0.84 14.05 2.36
CA GLU A 13 1.51 13.12 3.26
C GLU A 13 1.42 11.70 2.71
N ILE A 14 1.40 11.61 1.39
CA ILE A 14 1.33 10.34 0.67
C ILE A 14 0.83 9.18 1.53
N LEU A 15 1.75 8.62 2.31
CA LEU A 15 1.45 7.49 3.19
C LEU A 15 2.73 7.02 3.87
N GLY A 16 3.79 6.92 3.07
CA GLY A 16 5.08 6.50 3.58
C GLY A 16 5.25 4.99 3.60
N VAL A 17 5.25 4.37 2.43
CA VAL A 17 5.43 2.92 2.35
C VAL A 17 6.13 2.49 1.04
N VAL A 18 6.76 1.33 1.09
CA VAL A 18 7.46 0.79 -0.07
C VAL A 18 6.83 -0.52 -0.52
N ILE A 19 6.53 -0.62 -1.80
CA ILE A 19 5.92 -1.83 -2.35
C ILE A 19 6.82 -2.47 -3.41
N VAL A 20 6.72 -3.79 -3.54
CA VAL A 20 7.51 -4.54 -4.50
C VAL A 20 6.75 -5.74 -5.04
N GLU A 21 7.25 -6.34 -6.11
CA GLU A 21 6.61 -7.51 -6.71
C GLU A 21 6.45 -8.63 -5.69
N SER A 22 5.26 -9.21 -5.64
CA SER A 22 4.98 -10.30 -4.70
C SER A 22 5.63 -11.60 -5.13
N GLY A 23 6.91 -11.76 -4.77
CA GLY A 23 7.64 -12.97 -5.12
C GLY A 23 7.39 -14.10 -4.15
N TRP A 24 6.63 -13.82 -3.10
CA TRP A 24 6.29 -14.83 -2.10
C TRP A 24 5.66 -16.05 -2.75
N GLY A 25 5.01 -16.89 -1.96
CA GLY A 25 4.35 -18.07 -2.51
C GLY A 25 3.46 -17.71 -3.68
N SER A 26 3.00 -16.46 -3.71
CA SER A 26 2.13 -15.95 -4.77
C SER A 26 0.69 -16.34 -4.53
N ILE A 27 0.21 -15.97 -3.36
CA ILE A 27 -1.16 -16.23 -2.98
C ILE A 27 -2.09 -15.33 -3.79
N LEU A 28 -1.62 -14.12 -4.03
CA LEU A 28 -2.33 -13.12 -4.80
C LEU A 28 -1.32 -12.21 -5.50
N PRO A 29 -1.20 -12.30 -6.84
CA PRO A 29 -0.24 -11.49 -7.59
C PRO A 29 -0.42 -9.99 -7.36
N THR A 30 0.22 -9.50 -6.30
CA THR A 30 0.14 -8.08 -5.95
C THR A 30 1.51 -7.56 -5.53
N VAL A 31 1.54 -6.49 -4.74
CA VAL A 31 2.80 -5.92 -4.26
C VAL A 31 3.01 -6.23 -2.78
N ILE A 32 4.26 -6.10 -2.32
CA ILE A 32 4.58 -6.38 -0.92
C ILE A 32 5.18 -5.15 -0.24
N ILE A 33 4.68 -4.85 0.96
CA ILE A 33 5.19 -3.75 1.73
C ILE A 33 6.55 -4.11 2.29
N ALA A 34 7.58 -3.80 1.53
CA ALA A 34 8.94 -4.11 1.91
C ALA A 34 9.56 -3.03 2.79
N ASN A 35 8.91 -1.87 2.84
CA ASN A 35 9.41 -0.78 3.66
C ASN A 35 8.28 0.19 4.04
N MET A 36 8.51 0.96 5.09
CA MET A 36 7.52 1.93 5.56
C MET A 36 8.17 3.10 6.29
N MET A 37 7.79 4.31 5.91
CA MET A 37 8.33 5.51 6.54
C MET A 37 7.90 5.57 7.99
N HIS A 38 8.75 5.05 8.88
CA HIS A 38 8.47 5.04 10.30
C HIS A 38 8.22 6.45 10.83
N GLY A 39 7.01 6.96 10.62
CA GLY A 39 6.67 8.30 11.07
C GLY A 39 5.45 8.82 10.37
N GLY A 40 5.23 8.37 9.15
CA GLY A 40 4.07 8.79 8.39
C GLY A 40 2.79 8.20 8.94
N PRO A 41 1.67 8.39 8.23
CA PRO A 41 0.37 7.86 8.65
C PRO A 41 0.28 6.34 8.56
N ALA A 42 1.23 5.72 7.86
CA ALA A 42 1.20 4.27 7.69
C ALA A 42 1.37 3.54 9.01
N GLU A 43 2.41 3.91 9.75
CA GLU A 43 2.67 3.29 11.05
C GLU A 43 1.78 3.90 12.13
N LYS A 44 1.59 5.22 12.06
CA LYS A 44 0.77 5.94 13.02
C LYS A 44 -0.60 5.28 13.19
N SER A 45 -1.24 4.98 12.06
CA SER A 45 -2.55 4.35 12.07
C SER A 45 -2.51 3.01 12.79
N GLY A 46 -1.87 2.02 12.15
CA GLY A 46 -1.77 0.70 12.74
C GLY A 46 -2.50 -0.35 11.92
N LYS A 47 -2.80 -0.02 10.67
CA LYS A 47 -3.50 -0.93 9.77
C LYS A 47 -2.51 -1.60 8.82
N LEU A 48 -1.42 -0.89 8.51
CA LEU A 48 -0.41 -1.41 7.60
C LEU A 48 0.82 -1.88 8.37
N ASN A 49 1.32 -3.06 8.00
CA ASN A 49 2.49 -3.63 8.64
C ASN A 49 3.37 -4.34 7.62
N ILE A 50 4.64 -3.99 7.58
CA ILE A 50 5.58 -4.59 6.63
C ILE A 50 5.39 -6.10 6.54
N GLY A 51 5.55 -6.62 5.32
CA GLY A 51 5.38 -8.04 5.09
C GLY A 51 3.96 -8.40 4.68
N ASP A 52 3.19 -7.40 4.24
CA ASP A 52 1.82 -7.63 3.82
C ASP A 52 1.69 -7.60 2.30
N GLN A 53 0.48 -7.82 1.80
CA GLN A 53 0.23 -7.82 0.37
C GLN A 53 -1.02 -7.01 0.03
N ILE A 54 -0.83 -5.91 -0.69
CA ILE A 54 -1.95 -5.06 -1.08
C ILE A 54 -2.57 -5.52 -2.39
N MET A 55 -3.88 -5.77 -2.37
CA MET A 55 -4.58 -6.24 -3.56
C MET A 55 -5.06 -5.07 -4.43
N SER A 56 -5.64 -4.05 -3.79
CA SER A 56 -6.14 -2.89 -4.52
C SER A 56 -6.27 -1.68 -3.59
N ILE A 57 -6.00 -0.50 -4.15
CA ILE A 57 -6.08 0.74 -3.39
C ILE A 57 -7.13 1.68 -3.99
N ASN A 58 -8.06 2.14 -3.16
CA ASN A 58 -9.11 3.04 -3.60
C ASN A 58 -9.86 2.48 -4.80
N GLY A 59 -9.89 1.16 -4.92
CA GLY A 59 -10.58 0.52 -6.03
C GLY A 59 -9.63 0.05 -7.12
N THR A 60 -8.44 0.64 -7.16
CA THR A 60 -7.45 0.27 -8.17
C THR A 60 -6.93 -1.14 -7.93
N SER A 61 -7.45 -2.09 -8.71
CA SER A 61 -7.05 -3.49 -8.58
C SER A 61 -5.58 -3.68 -8.95
N LEU A 62 -4.76 -3.99 -7.96
CA LEU A 62 -3.33 -4.22 -8.18
C LEU A 62 -3.05 -5.69 -8.48
N VAL A 63 -3.99 -6.56 -8.08
CA VAL A 63 -3.84 -8.00 -8.29
C VAL A 63 -3.59 -8.31 -9.77
N GLY A 64 -2.32 -8.31 -10.17
CA GLY A 64 -1.97 -8.61 -11.55
C GLY A 64 -1.08 -7.55 -12.16
N LEU A 65 -1.17 -6.33 -11.64
CA LEU A 65 -0.36 -5.22 -12.16
C LEU A 65 1.08 -5.31 -11.65
N PRO A 66 2.04 -4.77 -12.42
CA PRO A 66 3.45 -4.78 -12.03
C PRO A 66 3.75 -3.83 -10.88
N LEU A 67 5.03 -3.61 -10.61
CA LEU A 67 5.42 -2.71 -9.53
C LEU A 67 5.30 -1.25 -9.94
N SER A 68 5.91 -0.91 -11.08
CA SER A 68 5.86 0.46 -11.58
C SER A 68 4.42 0.95 -11.66
N THR A 69 3.53 0.07 -12.11
CA THR A 69 2.12 0.40 -12.23
C THR A 69 1.52 0.66 -10.86
N CYS A 70 1.73 -0.27 -9.92
CA CYS A 70 1.21 -0.12 -8.57
C CYS A 70 1.72 1.16 -7.92
N GLN A 71 3.03 1.36 -7.97
CA GLN A 71 3.64 2.56 -7.40
C GLN A 71 2.90 3.80 -7.87
N SER A 72 2.60 3.83 -9.16
CA SER A 72 1.88 4.95 -9.75
C SER A 72 0.50 5.11 -9.11
N ILE A 73 -0.14 3.97 -8.83
CA ILE A 73 -1.47 3.98 -8.23
C ILE A 73 -1.48 4.70 -6.89
N ILE A 74 -0.54 4.35 -6.02
CA ILE A 74 -0.44 4.94 -4.71
C ILE A 74 -0.03 6.41 -4.76
N LYS A 75 1.03 6.71 -5.51
CA LYS A 75 1.50 8.09 -5.63
C LYS A 75 0.42 8.98 -6.22
N GLY A 76 -0.53 8.35 -6.91
CA GLY A 76 -1.61 9.09 -7.52
C GLY A 76 -2.62 9.60 -6.49
N LEU A 77 -2.91 8.77 -5.49
CA LEU A 77 -3.85 9.14 -4.44
C LEU A 77 -3.13 9.76 -3.25
N LYS A 78 -2.21 10.68 -3.53
CA LYS A 78 -1.46 11.36 -2.49
C LYS A 78 -2.19 12.59 -1.98
N ASN A 79 -3.31 12.93 -2.62
CA ASN A 79 -4.09 14.10 -2.23
C ASN A 79 -5.46 13.70 -1.70
N GLN A 80 -5.49 12.75 -0.77
CA GLN A 80 -6.75 12.29 -0.18
C GLN A 80 -6.65 12.30 1.35
N SER A 81 -7.80 12.27 2.01
CA SER A 81 -7.85 12.28 3.46
C SER A 81 -7.93 10.86 4.03
N ARG A 82 -8.18 9.89 3.15
CA ARG A 82 -8.27 8.49 3.56
C ARG A 82 -7.63 7.58 2.53
N VAL A 83 -6.90 6.58 3.00
CA VAL A 83 -6.25 5.63 2.11
C VAL A 83 -6.86 4.25 2.25
N LYS A 84 -7.69 3.86 1.28
CA LYS A 84 -8.34 2.58 1.29
C LYS A 84 -7.49 1.54 0.56
N LEU A 85 -7.07 0.51 1.28
CA LEU A 85 -6.25 -0.54 0.68
C LEU A 85 -6.66 -1.92 1.15
N ASN A 86 -7.10 -2.73 0.22
CA ASN A 86 -7.50 -4.10 0.54
C ASN A 86 -6.28 -5.00 0.48
N ILE A 87 -5.67 -5.23 1.64
CA ILE A 87 -4.46 -6.05 1.70
C ILE A 87 -4.67 -7.31 2.53
N VAL A 88 -3.67 -8.20 2.49
CA VAL A 88 -3.72 -9.44 3.24
C VAL A 88 -2.49 -9.58 4.13
N ARG A 89 -2.72 -9.83 5.42
CA ARG A 89 -1.62 -9.98 6.38
C ARG A 89 -0.95 -11.34 6.22
N PRO B 1 14.35 2.25 -2.10
CA PRO B 1 12.93 2.43 -2.41
C PRO B 1 12.58 3.88 -2.72
N VAL B 2 11.43 4.07 -3.38
CA VAL B 2 10.97 5.40 -3.73
C VAL B 2 9.93 5.90 -2.72
N TYR B 3 9.29 4.96 -2.03
CA TYR B 3 8.28 5.28 -1.03
C TYR B 3 7.09 5.99 -1.65
N ILE B 4 5.89 5.58 -1.23
CA ILE B 4 4.66 6.16 -1.73
C ILE B 4 3.85 6.76 -0.60
N GLU A 1 -4.33 -13.43 6.00
CA GLU A 1 -5.73 -13.04 6.10
C GLU A 1 -5.97 -11.65 5.51
N PHE A 2 -7.00 -11.52 4.68
CA PHE A 2 -7.34 -10.24 4.07
C PHE A 2 -7.80 -9.24 5.12
N LYS A 3 -7.62 -7.95 4.84
CA LYS A 3 -8.02 -6.91 5.77
C LYS A 3 -8.10 -5.55 5.08
N ASP A 4 -9.26 -4.91 5.21
CA ASP A 4 -9.48 -3.60 4.60
C ASP A 4 -8.77 -2.52 5.42
N VAL A 5 -7.68 -2.01 4.87
CA VAL A 5 -6.90 -0.98 5.54
C VAL A 5 -7.44 0.41 5.26
N PHE A 6 -7.58 1.21 6.31
CA PHE A 6 -8.07 2.57 6.16
C PHE A 6 -7.14 3.55 6.86
N ILE A 7 -6.34 4.26 6.06
CA ILE A 7 -5.40 5.22 6.61
C ILE A 7 -5.86 6.66 6.39
N GLU A 8 -6.44 7.24 7.43
CA GLU A 8 -6.91 8.62 7.36
C GLU A 8 -5.74 9.57 7.61
N LYS A 9 -5.32 10.27 6.57
CA LYS A 9 -4.19 11.18 6.68
C LYS A 9 -4.52 12.53 6.04
N GLN A 10 -3.50 13.38 5.94
CA GLN A 10 -3.67 14.69 5.33
C GLN A 10 -2.98 14.74 3.98
N LYS A 11 -3.43 15.65 3.13
CA LYS A 11 -2.85 15.79 1.80
C LYS A 11 -1.37 16.12 1.88
N GLY A 12 -0.64 15.76 0.83
CA GLY A 12 0.79 16.01 0.81
C GLY A 12 1.55 15.12 1.76
N GLU A 13 0.89 14.07 2.27
CA GLU A 13 1.52 13.14 3.18
C GLU A 13 1.41 11.72 2.65
N ILE A 14 1.42 11.61 1.32
CA ILE A 14 1.33 10.33 0.60
C ILE A 14 0.80 9.19 1.47
N LEU A 15 1.68 8.62 2.28
CA LEU A 15 1.33 7.51 3.17
C LEU A 15 2.57 7.04 3.92
N GLY A 16 3.70 6.99 3.22
CA GLY A 16 4.93 6.57 3.83
C GLY A 16 5.14 5.07 3.86
N VAL A 17 5.16 4.44 2.68
CA VAL A 17 5.37 2.99 2.60
C VAL A 17 6.06 2.60 1.30
N VAL A 18 6.71 1.44 1.31
CA VAL A 18 7.40 0.95 0.12
C VAL A 18 6.90 -0.44 -0.26
N ILE A 19 6.40 -0.55 -1.49
CA ILE A 19 5.88 -1.80 -1.99
C ILE A 19 6.76 -2.35 -3.10
N VAL A 20 6.80 -3.67 -3.21
CA VAL A 20 7.61 -4.34 -4.24
C VAL A 20 6.84 -5.49 -4.87
N GLU A 21 7.38 -6.01 -5.97
CA GLU A 21 6.74 -7.11 -6.67
C GLU A 21 6.56 -8.32 -5.75
N SER A 22 5.36 -8.87 -5.73
CA SER A 22 5.06 -10.02 -4.88
C SER A 22 5.74 -11.30 -5.40
N GLY A 23 7.01 -11.47 -5.05
CA GLY A 23 7.75 -12.64 -5.48
C GLY A 23 7.52 -13.84 -4.58
N TRP A 24 6.79 -13.63 -3.48
CA TRP A 24 6.49 -14.68 -2.53
C TRP A 24 5.80 -15.87 -3.22
N GLY A 25 5.17 -16.73 -2.43
CA GLY A 25 4.47 -17.88 -2.99
C GLY A 25 3.49 -17.50 -4.09
N SER A 26 3.10 -16.21 -4.12
CA SER A 26 2.16 -15.67 -5.10
C SER A 26 0.83 -15.38 -4.47
N ILE A 27 -0.03 -16.39 -4.39
CA ILE A 27 -1.33 -16.23 -3.79
C ILE A 27 -2.14 -15.15 -4.50
N LEU A 28 -1.66 -13.93 -4.39
CA LEU A 28 -2.30 -12.78 -5.01
C LEU A 28 -1.23 -11.86 -5.61
N PRO A 29 -0.75 -12.18 -6.81
CA PRO A 29 0.29 -11.40 -7.50
C PRO A 29 -0.04 -9.91 -7.55
N THR A 30 0.46 -9.15 -6.57
CA THR A 30 0.22 -7.71 -6.52
C THR A 30 1.49 -6.95 -6.09
N VAL A 31 1.67 -6.80 -4.78
CA VAL A 31 2.84 -6.09 -4.25
C VAL A 31 3.08 -6.45 -2.78
N ILE A 32 4.26 -6.07 -2.27
CA ILE A 32 4.61 -6.37 -0.89
C ILE A 32 5.21 -5.17 -0.17
N ILE A 33 4.66 -4.80 0.98
CA ILE A 33 5.19 -3.70 1.76
C ILE A 33 6.57 -4.09 2.26
N ALA A 34 7.56 -3.74 1.47
CA ALA A 34 8.94 -4.07 1.78
C ALA A 34 9.60 -3.02 2.65
N ASN A 35 8.92 -1.89 2.86
CA ASN A 35 9.47 -0.82 3.68
C ASN A 35 8.39 0.17 4.10
N MET A 36 8.69 0.95 5.13
CA MET A 36 7.76 1.94 5.64
C MET A 36 8.50 3.08 6.33
N MET A 37 8.10 4.31 6.02
CA MET A 37 8.72 5.49 6.60
C MET A 37 8.80 5.39 8.12
N HIS A 38 7.88 4.62 8.70
CA HIS A 38 7.83 4.44 10.16
C HIS A 38 7.70 5.79 10.86
N GLY A 39 6.64 6.52 10.50
CA GLY A 39 6.41 7.82 11.11
C GLY A 39 5.21 8.51 10.50
N GLY A 40 5.02 8.33 9.20
CA GLY A 40 3.89 8.94 8.52
C GLY A 40 2.57 8.37 9.00
N PRO A 41 1.50 8.53 8.21
CA PRO A 41 0.17 8.02 8.58
C PRO A 41 0.12 6.49 8.53
N ALA A 42 1.02 5.89 7.78
CA ALA A 42 1.08 4.44 7.65
C ALA A 42 1.39 3.80 8.99
N GLU A 43 2.42 4.32 9.66
CA GLU A 43 2.83 3.81 10.96
C GLU A 43 1.89 4.30 12.05
N LYS A 44 1.46 5.55 11.93
CA LYS A 44 0.56 6.15 12.91
C LYS A 44 -0.74 5.37 13.02
N SER A 45 -1.14 4.74 11.91
CA SER A 45 -2.38 3.97 11.88
C SER A 45 -2.21 2.66 12.64
N GLY A 46 -1.40 1.76 12.09
CA GLY A 46 -1.16 0.48 12.73
C GLY A 46 -1.67 -0.67 11.90
N LYS A 47 -2.75 -0.45 11.16
CA LYS A 47 -3.33 -1.49 10.32
C LYS A 47 -2.33 -1.96 9.27
N LEU A 48 -1.41 -1.07 8.90
CA LEU A 48 -0.40 -1.41 7.90
C LEU A 48 0.92 -1.80 8.56
N ASN A 49 1.42 -2.97 8.19
CA ASN A 49 2.67 -3.47 8.74
C ASN A 49 3.48 -4.22 7.68
N ILE A 50 4.78 -3.98 7.64
CA ILE A 50 5.65 -4.64 6.67
C ILE A 50 5.37 -6.13 6.58
N GLY A 51 5.54 -6.67 5.37
CA GLY A 51 5.29 -8.08 5.15
C GLY A 51 3.86 -8.37 4.73
N ASP A 52 3.12 -7.32 4.36
CA ASP A 52 1.74 -7.47 3.94
C ASP A 52 1.62 -7.36 2.42
N GLN A 53 0.49 -7.82 1.89
CA GLN A 53 0.25 -7.79 0.45
C GLN A 53 -1.00 -6.97 0.13
N ILE A 54 -0.81 -5.77 -0.40
CA ILE A 54 -1.93 -4.91 -0.76
C ILE A 54 -2.55 -5.35 -2.08
N MET A 55 -3.88 -5.31 -2.16
CA MET A 55 -4.57 -5.71 -3.39
C MET A 55 -5.09 -4.52 -4.17
N SER A 56 -6.08 -3.82 -3.62
CA SER A 56 -6.65 -2.67 -4.30
C SER A 56 -6.60 -1.43 -3.42
N ILE A 57 -6.31 -0.29 -4.05
CA ILE A 57 -6.24 0.98 -3.34
C ILE A 57 -7.30 1.95 -3.86
N ASN A 58 -8.30 2.22 -3.02
CA ASN A 58 -9.37 3.14 -3.39
C ASN A 58 -10.10 2.65 -4.64
N GLY A 59 -10.07 1.34 -4.88
CA GLY A 59 -10.73 0.78 -6.05
C GLY A 59 -9.76 0.24 -7.06
N THR A 60 -8.61 0.89 -7.20
CA THR A 60 -7.59 0.47 -8.16
C THR A 60 -6.98 -0.87 -7.75
N SER A 61 -7.28 -1.92 -8.50
CA SER A 61 -6.77 -3.25 -8.22
C SER A 61 -5.30 -3.37 -8.60
N LEU A 62 -4.56 -4.18 -7.85
CA LEU A 62 -3.13 -4.37 -8.09
C LEU A 62 -2.84 -5.82 -8.49
N VAL A 63 -3.74 -6.73 -8.12
CA VAL A 63 -3.57 -8.14 -8.43
C VAL A 63 -3.55 -8.38 -9.93
N GLY A 64 -2.37 -8.59 -10.50
CA GLY A 64 -2.25 -8.84 -11.93
C GLY A 64 -1.29 -7.91 -12.63
N LEU A 65 -1.16 -6.68 -12.13
CA LEU A 65 -0.26 -5.69 -12.73
C LEU A 65 1.11 -5.71 -12.06
N PRO A 66 2.13 -5.20 -12.77
CA PRO A 66 3.51 -5.14 -12.25
C PRO A 66 3.65 -4.24 -11.04
N LEU A 67 4.87 -4.04 -10.58
CA LEU A 67 5.15 -3.20 -9.43
C LEU A 67 5.09 -1.72 -9.81
N SER A 68 5.68 -1.37 -10.95
CA SER A 68 5.69 0.01 -11.41
C SER A 68 4.28 0.57 -11.46
N THR A 69 3.35 -0.25 -11.93
CA THR A 69 1.96 0.16 -12.02
C THR A 69 1.38 0.41 -10.63
N CYS A 70 1.56 -0.56 -9.73
CA CYS A 70 1.05 -0.45 -8.36
C CYS A 70 1.57 0.81 -7.68
N GLN A 71 2.89 0.97 -7.61
CA GLN A 71 3.47 2.15 -6.99
C GLN A 71 2.82 3.41 -7.56
N SER A 72 2.58 3.39 -8.86
CA SER A 72 1.95 4.51 -9.53
C SER A 72 0.54 4.74 -8.97
N ILE A 73 -0.14 3.65 -8.66
CA ILE A 73 -1.49 3.72 -8.12
C ILE A 73 -1.54 4.49 -6.81
N ILE A 74 -0.64 4.14 -5.89
CA ILE A 74 -0.59 4.79 -4.59
C ILE A 74 -0.10 6.23 -4.70
N LYS A 75 1.02 6.44 -5.38
CA LYS A 75 1.56 7.79 -5.54
C LYS A 75 0.55 8.69 -6.24
N GLY A 76 -0.38 8.09 -6.96
CA GLY A 76 -1.40 8.85 -7.64
C GLY A 76 -2.38 9.49 -6.67
N LEU A 77 -2.79 8.72 -5.67
CA LEU A 77 -3.72 9.22 -4.66
C LEU A 77 -2.97 9.82 -3.48
N LYS A 78 -2.05 10.74 -3.78
CA LYS A 78 -1.26 11.40 -2.76
C LYS A 78 -1.97 12.66 -2.24
N ASN A 79 -2.92 13.17 -3.02
CA ASN A 79 -3.65 14.37 -2.64
C ASN A 79 -5.02 14.03 -2.07
N GLN A 80 -5.06 13.09 -1.12
CA GLN A 80 -6.32 12.69 -0.49
C GLN A 80 -6.19 12.75 1.03
N SER A 81 -7.26 12.39 1.74
CA SER A 81 -7.25 12.41 3.19
C SER A 81 -7.62 11.04 3.78
N ARG A 82 -7.95 10.08 2.91
CA ARG A 82 -8.31 8.74 3.36
C ARG A 82 -7.81 7.70 2.37
N VAL A 83 -7.20 6.64 2.89
CA VAL A 83 -6.67 5.58 2.03
C VAL A 83 -7.33 4.24 2.33
N LYS A 84 -8.23 3.82 1.44
CA LYS A 84 -8.94 2.55 1.60
C LYS A 84 -8.27 1.46 0.78
N LEU A 85 -7.43 0.67 1.44
CA LEU A 85 -6.71 -0.41 0.77
C LEU A 85 -7.21 -1.78 1.22
N ASN A 86 -7.03 -2.77 0.37
CA ASN A 86 -7.42 -4.14 0.67
C ASN A 86 -6.19 -5.04 0.64
N ILE A 87 -5.55 -5.20 1.80
CA ILE A 87 -4.34 -6.01 1.88
C ILE A 87 -4.55 -7.27 2.71
N VAL A 88 -3.52 -8.13 2.71
CA VAL A 88 -3.57 -9.38 3.45
C VAL A 88 -2.41 -9.45 4.45
N ARG A 89 -2.75 -9.66 5.72
CA ARG A 89 -1.75 -9.75 6.77
C ARG A 89 -1.04 -11.09 6.75
N PRO B 1 14.34 3.42 -0.96
CA PRO B 1 13.23 3.57 -1.90
C PRO B 1 12.62 4.97 -1.89
N VAL B 2 11.60 5.17 -2.70
CA VAL B 2 10.93 6.47 -2.79
C VAL B 2 9.67 6.51 -1.95
N TYR B 3 9.17 5.34 -1.56
CA TYR B 3 7.96 5.24 -0.75
C TYR B 3 6.73 5.74 -1.51
N ILE B 4 5.57 5.51 -0.94
CA ILE B 4 4.31 5.95 -1.54
C ILE B 4 3.36 6.47 -0.48
N GLU A 1 -4.85 -13.29 5.54
CA GLU A 1 -6.03 -12.68 6.13
C GLU A 1 -6.26 -11.28 5.58
N PHE A 2 -7.21 -11.18 4.64
CA PHE A 2 -7.53 -9.89 4.03
C PHE A 2 -7.97 -8.89 5.09
N LYS A 3 -7.79 -7.60 4.81
CA LYS A 3 -8.18 -6.58 5.76
C LYS A 3 -8.23 -5.20 5.12
N ASP A 4 -9.37 -4.53 5.26
CA ASP A 4 -9.57 -3.19 4.72
C ASP A 4 -8.75 -2.18 5.51
N VAL A 5 -7.62 -1.78 4.96
CA VAL A 5 -6.73 -0.82 5.62
C VAL A 5 -7.20 0.61 5.37
N PHE A 6 -7.73 1.24 6.41
CA PHE A 6 -8.19 2.62 6.31
C PHE A 6 -7.18 3.57 6.92
N ILE A 7 -6.43 4.28 6.08
CA ILE A 7 -5.42 5.21 6.56
C ILE A 7 -5.90 6.66 6.41
N GLU A 8 -6.38 7.22 7.51
CA GLU A 8 -6.85 8.60 7.52
C GLU A 8 -5.68 9.56 7.66
N LYS A 9 -5.46 10.39 6.65
CA LYS A 9 -4.35 11.34 6.68
C LYS A 9 -4.71 12.61 5.93
N GLN A 10 -3.72 13.48 5.74
CA GLN A 10 -3.92 14.73 5.03
C GLN A 10 -3.09 14.77 3.76
N LYS A 11 -3.18 15.86 3.02
CA LYS A 11 -2.42 16.02 1.78
C LYS A 11 -0.94 16.21 2.07
N GLY A 12 -0.13 15.98 1.06
CA GLY A 12 1.32 16.13 1.22
C GLY A 12 1.89 15.13 2.20
N GLU A 13 1.12 14.09 2.53
CA GLU A 13 1.58 13.07 3.45
C GLU A 13 1.37 11.68 2.87
N ILE A 14 1.51 11.62 1.54
CA ILE A 14 1.36 10.38 0.77
C ILE A 14 0.83 9.22 1.60
N LEU A 15 1.71 8.62 2.38
CA LEU A 15 1.37 7.48 3.24
C LEU A 15 2.61 6.97 3.94
N GLY A 16 3.69 6.86 3.17
CA GLY A 16 4.95 6.40 3.72
C GLY A 16 5.10 4.88 3.71
N VAL A 17 5.12 4.30 2.51
CA VAL A 17 5.29 2.85 2.38
C VAL A 17 5.93 2.49 1.05
N VAL A 18 6.56 1.31 1.00
CA VAL A 18 7.21 0.85 -0.21
C VAL A 18 6.73 -0.53 -0.60
N ILE A 19 6.23 -0.65 -1.83
CA ILE A 19 5.72 -1.92 -2.33
C ILE A 19 6.63 -2.48 -3.41
N VAL A 20 6.68 -3.81 -3.49
CA VAL A 20 7.51 -4.49 -4.47
C VAL A 20 6.80 -5.71 -5.05
N GLU A 21 7.34 -6.26 -6.13
CA GLU A 21 6.74 -7.43 -6.76
C GLU A 21 6.58 -8.57 -5.75
N SER A 22 5.40 -9.20 -5.78
CA SER A 22 5.10 -10.29 -4.87
C SER A 22 5.75 -11.59 -5.30
N GLY A 23 7.02 -11.76 -4.94
CA GLY A 23 7.74 -12.98 -5.28
C GLY A 23 7.51 -14.10 -4.29
N TRP A 24 6.78 -13.80 -3.23
CA TRP A 24 6.45 -14.78 -2.21
C TRP A 24 5.75 -15.99 -2.83
N GLY A 25 5.07 -16.78 -2.00
CA GLY A 25 4.35 -17.94 -2.52
C GLY A 25 3.47 -17.56 -3.71
N SER A 26 3.06 -16.30 -3.74
CA SER A 26 2.22 -15.76 -4.81
C SER A 26 0.76 -16.07 -4.57
N ILE A 27 0.35 -15.96 -3.33
CA ILE A 27 -1.02 -16.18 -2.96
C ILE A 27 -1.93 -15.28 -3.80
N LEU A 28 -1.42 -14.09 -4.09
CA LEU A 28 -2.12 -13.11 -4.90
C LEU A 28 -1.10 -12.18 -5.54
N PRO A 29 -0.71 -12.44 -6.81
CA PRO A 29 0.28 -11.65 -7.52
C PRO A 29 -0.06 -10.16 -7.58
N THR A 30 0.43 -9.40 -6.61
CA THR A 30 0.19 -7.96 -6.57
C THR A 30 1.46 -7.20 -6.16
N VAL A 31 1.66 -7.01 -4.86
CA VAL A 31 2.84 -6.31 -4.36
C VAL A 31 3.10 -6.64 -2.88
N ILE A 32 4.27 -6.27 -2.39
CA ILE A 32 4.64 -6.52 -1.00
C ILE A 32 5.20 -5.28 -0.32
N ILE A 33 4.69 -4.98 0.88
CA ILE A 33 5.18 -3.85 1.65
C ILE A 33 6.58 -4.17 2.12
N ALA A 34 7.55 -3.75 1.33
CA ALA A 34 8.94 -4.01 1.61
C ALA A 34 9.58 -2.90 2.45
N ASN A 35 8.82 -1.82 2.68
CA ASN A 35 9.33 -0.70 3.47
C ASN A 35 8.19 0.20 3.93
N MET A 36 8.43 0.96 4.99
CA MET A 36 7.43 1.86 5.53
C MET A 36 8.07 3.01 6.31
N MET A 37 7.60 4.24 6.04
CA MET A 37 8.12 5.42 6.72
C MET A 37 7.59 5.48 8.15
N HIS A 38 8.38 5.00 9.09
CA HIS A 38 7.99 5.00 10.50
C HIS A 38 7.80 6.42 11.01
N GLY A 39 6.65 7.02 10.68
CA GLY A 39 6.38 8.37 11.12
C GLY A 39 5.15 8.94 10.45
N GLY A 40 4.91 8.53 9.21
CA GLY A 40 3.75 9.00 8.48
C GLY A 40 2.47 8.35 8.97
N PRO A 41 1.36 8.50 8.24
CA PRO A 41 0.08 7.90 8.62
C PRO A 41 0.08 6.38 8.49
N ALA A 42 1.06 5.85 7.76
CA ALA A 42 1.17 4.42 7.57
C ALA A 42 1.51 3.73 8.88
N GLU A 43 2.52 4.25 9.56
CA GLU A 43 2.95 3.69 10.84
C GLU A 43 2.01 4.11 11.96
N LYS A 44 1.50 5.34 11.88
CA LYS A 44 0.59 5.87 12.89
C LYS A 44 -0.65 4.99 13.03
N SER A 45 -1.24 4.64 11.88
CA SER A 45 -2.43 3.80 11.87
C SER A 45 -2.16 2.44 12.49
N GLY A 46 -1.21 1.72 11.93
CA GLY A 46 -0.86 0.40 12.44
C GLY A 46 -1.50 -0.71 11.63
N LYS A 47 -2.38 -0.34 10.71
CA LYS A 47 -3.06 -1.32 9.87
C LYS A 47 -2.10 -1.90 8.83
N LEU A 48 -1.12 -1.10 8.43
CA LEU A 48 -0.13 -1.53 7.45
C LEU A 48 1.17 -1.92 8.13
N ASN A 49 1.58 -3.16 7.95
CA ASN A 49 2.81 -3.67 8.55
C ASN A 49 3.63 -4.41 7.50
N ILE A 50 4.93 -4.12 7.46
CA ILE A 50 5.82 -4.77 6.50
C ILE A 50 5.60 -6.28 6.45
N GLY A 51 5.73 -6.84 5.25
CA GLY A 51 5.53 -8.25 5.07
C GLY A 51 4.10 -8.60 4.68
N ASP A 52 3.32 -7.57 4.30
CA ASP A 52 1.94 -7.78 3.90
C ASP A 52 1.80 -7.66 2.38
N GLN A 53 0.61 -7.99 1.88
CA GLN A 53 0.35 -7.92 0.43
C GLN A 53 -0.91 -7.12 0.14
N ILE A 54 -0.73 -5.94 -0.48
CA ILE A 54 -1.87 -5.09 -0.83
C ILE A 54 -2.49 -5.54 -2.14
N MET A 55 -3.81 -5.45 -2.24
CA MET A 55 -4.52 -5.86 -3.46
C MET A 55 -5.00 -4.66 -4.25
N SER A 56 -6.00 -3.96 -3.73
CA SER A 56 -6.56 -2.81 -4.42
C SER A 56 -6.54 -1.57 -3.52
N ILE A 57 -6.07 -0.46 -4.07
CA ILE A 57 -5.99 0.79 -3.33
C ILE A 57 -7.11 1.73 -3.77
N ASN A 58 -8.05 1.98 -2.89
CA ASN A 58 -9.18 2.86 -3.19
C ASN A 58 -9.99 2.34 -4.38
N GLY A 59 -9.85 1.05 -4.67
CA GLY A 59 -10.58 0.46 -5.78
C GLY A 59 -9.67 -0.06 -6.88
N THR A 60 -8.55 0.61 -7.08
CA THR A 60 -7.59 0.21 -8.11
C THR A 60 -6.92 -1.11 -7.74
N SER A 61 -7.39 -2.20 -8.35
CA SER A 61 -6.84 -3.51 -8.09
C SER A 61 -5.40 -3.61 -8.58
N LEU A 62 -4.60 -4.44 -7.90
CA LEU A 62 -3.20 -4.62 -8.26
C LEU A 62 -2.92 -6.06 -8.67
N VAL A 63 -3.77 -6.98 -8.22
CA VAL A 63 -3.61 -8.40 -8.55
C VAL A 63 -3.43 -8.61 -10.05
N GLY A 64 -2.17 -8.67 -10.49
CA GLY A 64 -1.89 -8.87 -11.89
C GLY A 64 -1.17 -7.69 -12.52
N LEU A 65 -0.87 -6.66 -11.73
CA LEU A 65 -0.18 -5.49 -12.23
C LEU A 65 1.27 -5.44 -11.73
N PRO A 66 2.16 -4.83 -12.51
CA PRO A 66 3.58 -4.71 -12.14
C PRO A 66 3.78 -3.71 -11.01
N LEU A 67 4.99 -3.71 -10.44
CA LEU A 67 5.30 -2.80 -9.35
C LEU A 67 5.19 -1.35 -9.79
N SER A 68 5.74 -1.04 -10.96
CA SER A 68 5.70 0.32 -11.49
C SER A 68 4.27 0.83 -11.52
N THR A 69 3.36 -0.03 -11.97
CA THR A 69 1.95 0.32 -12.06
C THR A 69 1.36 0.56 -10.68
N CYS A 70 1.56 -0.39 -9.76
CA CYS A 70 1.05 -0.26 -8.40
C CYS A 70 1.53 1.03 -7.74
N GLN A 71 2.85 1.21 -7.69
CA GLN A 71 3.43 2.40 -7.09
C GLN A 71 2.75 3.65 -7.66
N SER A 72 2.50 3.63 -8.96
CA SER A 72 1.84 4.75 -9.63
C SER A 72 0.45 4.96 -9.05
N ILE A 73 -0.24 3.85 -8.75
CA ILE A 73 -1.58 3.90 -8.21
C ILE A 73 -1.64 4.67 -6.90
N ILE A 74 -0.75 4.33 -5.98
CA ILE A 74 -0.71 4.98 -4.68
C ILE A 74 -0.09 6.38 -4.76
N LYS A 75 1.07 6.48 -5.37
CA LYS A 75 1.74 7.77 -5.49
C LYS A 75 0.83 8.80 -6.15
N GLY A 76 -0.13 8.31 -6.92
CA GLY A 76 -1.06 9.20 -7.59
C GLY A 76 -2.00 9.89 -6.62
N LEU A 77 -2.52 9.13 -5.66
CA LEU A 77 -3.43 9.70 -4.65
C LEU A 77 -2.65 10.31 -3.49
N LYS A 78 -1.85 11.32 -3.79
CA LYS A 78 -1.05 12.00 -2.77
C LYS A 78 -1.87 13.07 -2.06
N ASN A 79 -2.91 13.57 -2.72
CA ASN A 79 -3.77 14.60 -2.13
C ASN A 79 -5.05 13.99 -1.56
N GLN A 80 -4.93 12.82 -0.94
CA GLN A 80 -6.07 12.15 -0.36
C GLN A 80 -6.17 12.43 1.14
N SER A 81 -7.36 12.18 1.69
CA SER A 81 -7.59 12.40 3.11
C SER A 81 -7.96 11.10 3.82
N ARG A 82 -8.23 10.05 3.04
CA ARG A 82 -8.59 8.75 3.57
C ARG A 82 -8.26 7.66 2.56
N VAL A 83 -7.34 6.77 2.92
CA VAL A 83 -6.93 5.69 2.04
C VAL A 83 -7.62 4.37 2.38
N LYS A 84 -8.41 3.86 1.44
CA LYS A 84 -9.12 2.61 1.64
C LYS A 84 -8.43 1.49 0.86
N LEU A 85 -7.60 0.71 1.55
CA LEU A 85 -6.88 -0.37 0.92
C LEU A 85 -7.39 -1.73 1.38
N ASN A 86 -7.18 -2.74 0.54
CA ASN A 86 -7.60 -4.10 0.85
C ASN A 86 -6.40 -5.03 0.73
N ILE A 87 -5.69 -5.23 1.83
CA ILE A 87 -4.49 -6.07 1.81
C ILE A 87 -4.68 -7.36 2.60
N VAL A 88 -3.73 -8.26 2.45
CA VAL A 88 -3.77 -9.54 3.13
C VAL A 88 -2.61 -9.68 4.11
N ARG A 89 -2.94 -9.95 5.38
CA ARG A 89 -1.93 -10.10 6.41
C ARG A 89 -1.54 -11.57 6.57
N PRO B 1 14.04 3.42 -1.46
CA PRO B 1 13.08 3.19 -2.55
C PRO B 1 11.93 4.20 -2.53
N VAL B 2 11.23 4.29 -3.65
CA VAL B 2 10.10 5.22 -3.75
C VAL B 2 9.06 4.95 -2.67
N TYR B 3 8.75 5.97 -1.88
CA TYR B 3 7.77 5.84 -0.81
C TYR B 3 6.43 6.44 -1.21
N ILE B 4 5.42 5.60 -1.35
CA ILE B 4 4.08 6.05 -1.72
C ILE B 4 3.32 6.51 -0.48
N GLU A 1 -4.70 -13.12 5.51
CA GLU A 1 -6.05 -12.67 5.86
C GLU A 1 -6.30 -11.26 5.32
N PHE A 2 -7.26 -11.14 4.42
CA PHE A 2 -7.62 -9.86 3.83
C PHE A 2 -8.07 -8.88 4.91
N LYS A 3 -7.89 -7.59 4.66
CA LYS A 3 -8.29 -6.58 5.63
C LYS A 3 -8.30 -5.18 5.03
N ASP A 4 -9.45 -4.52 5.16
CA ASP A 4 -9.62 -3.15 4.66
C ASP A 4 -8.83 -2.18 5.52
N VAL A 5 -7.69 -1.73 5.01
CA VAL A 5 -6.84 -0.81 5.74
C VAL A 5 -7.25 0.64 5.49
N PHE A 6 -7.83 1.26 6.52
CA PHE A 6 -8.25 2.65 6.42
C PHE A 6 -7.19 3.58 7.00
N ILE A 7 -6.56 4.37 6.13
CA ILE A 7 -5.52 5.29 6.57
C ILE A 7 -5.99 6.74 6.47
N GLU A 8 -6.34 7.32 7.61
CA GLU A 8 -6.78 8.71 7.65
C GLU A 8 -5.59 9.64 7.81
N LYS A 9 -5.35 10.46 6.79
CA LYS A 9 -4.23 11.39 6.81
C LYS A 9 -4.58 12.70 6.11
N GLN A 10 -3.57 13.55 5.93
CA GLN A 10 -3.76 14.82 5.26
C GLN A 10 -3.11 14.82 3.89
N LYS A 11 -3.69 15.59 2.96
CA LYS A 11 -3.15 15.66 1.61
C LYS A 11 -1.68 16.07 1.62
N GLY A 12 -0.93 15.58 0.65
CA GLY A 12 0.47 15.90 0.57
C GLY A 12 1.30 15.08 1.55
N GLU A 13 0.70 14.01 2.09
CA GLU A 13 1.40 13.15 3.03
C GLU A 13 1.28 11.69 2.59
N ILE A 14 1.22 11.51 1.28
CA ILE A 14 1.12 10.18 0.64
C ILE A 14 0.75 9.08 1.62
N LEU A 15 1.75 8.62 2.38
CA LEU A 15 1.56 7.55 3.35
C LEU A 15 2.90 7.15 3.94
N GLY A 16 3.88 6.96 3.05
CA GLY A 16 5.22 6.60 3.48
C GLY A 16 5.43 5.10 3.58
N VAL A 17 5.42 4.41 2.44
CA VAL A 17 5.64 2.97 2.42
C VAL A 17 6.29 2.52 1.11
N VAL A 18 6.97 1.38 1.16
CA VAL A 18 7.63 0.84 -0.02
C VAL A 18 7.04 -0.51 -0.41
N ILE A 19 6.67 -0.63 -1.67
CA ILE A 19 6.07 -1.86 -2.18
C ILE A 19 6.95 -2.51 -3.23
N VAL A 20 6.88 -3.83 -3.32
CA VAL A 20 7.67 -4.60 -4.28
C VAL A 20 6.86 -5.76 -4.85
N GLU A 21 7.37 -6.37 -5.91
CA GLU A 21 6.70 -7.50 -6.55
C GLU A 21 6.52 -8.66 -5.57
N SER A 22 5.30 -9.16 -5.49
CA SER A 22 4.98 -10.27 -4.59
C SER A 22 5.60 -11.58 -5.08
N GLY A 23 6.87 -11.79 -4.74
CA GLY A 23 7.55 -13.01 -5.15
C GLY A 23 7.26 -14.19 -4.24
N TRP A 24 6.52 -13.94 -3.17
CA TRP A 24 6.16 -14.97 -2.22
C TRP A 24 5.46 -16.14 -2.94
N GLY A 25 4.79 -16.99 -2.17
CA GLY A 25 4.07 -18.11 -2.77
C GLY A 25 3.19 -17.66 -3.92
N SER A 26 2.78 -16.40 -3.88
CA SER A 26 1.94 -15.80 -4.92
C SER A 26 0.48 -16.17 -4.71
N ILE A 27 0.06 -16.09 -3.48
CA ILE A 27 -1.31 -16.35 -3.12
C ILE A 27 -2.23 -15.41 -3.88
N LEU A 28 -1.76 -14.18 -4.04
CA LEU A 28 -2.48 -13.14 -4.76
C LEU A 28 -1.46 -12.20 -5.41
N PRO A 29 -1.27 -12.31 -6.73
CA PRO A 29 -0.30 -11.47 -7.45
C PRO A 29 -0.50 -9.98 -7.18
N THR A 30 0.24 -9.46 -6.21
CA THR A 30 0.16 -8.04 -5.85
C THR A 30 1.54 -7.52 -5.43
N VAL A 31 1.57 -6.48 -4.60
CA VAL A 31 2.83 -5.92 -4.13
C VAL A 31 3.05 -6.24 -2.65
N ILE A 32 4.28 -6.07 -2.18
CA ILE A 32 4.61 -6.35 -0.78
C ILE A 32 5.25 -5.15 -0.09
N ILE A 33 4.72 -4.78 1.07
CA ILE A 33 5.28 -3.70 1.83
C ILE A 33 6.65 -4.11 2.34
N ALA A 34 7.66 -3.75 1.58
CA ALA A 34 9.02 -4.11 1.90
C ALA A 34 9.72 -3.03 2.72
N ASN A 35 9.06 -1.89 2.91
CA ASN A 35 9.64 -0.80 3.68
C ASN A 35 8.58 0.23 4.05
N MET A 36 8.89 1.07 5.04
CA MET A 36 7.96 2.09 5.49
C MET A 36 8.69 3.30 6.05
N MET A 37 8.14 4.49 5.81
CA MET A 37 8.74 5.72 6.28
C MET A 37 8.91 5.70 7.80
N HIS A 38 8.04 4.95 8.47
CA HIS A 38 8.09 4.83 9.92
C HIS A 38 7.88 6.19 10.58
N GLY A 39 6.73 6.80 10.34
CA GLY A 39 6.42 8.09 10.91
C GLY A 39 5.14 8.68 10.36
N GLY A 40 4.87 8.41 9.09
CA GLY A 40 3.67 8.92 8.46
C GLY A 40 2.43 8.22 8.98
N PRO A 41 1.29 8.39 8.29
CA PRO A 41 0.02 7.76 8.70
C PRO A 41 0.04 6.24 8.53
N ALA A 42 0.99 5.75 7.75
CA ALA A 42 1.12 4.32 7.52
C ALA A 42 1.53 3.60 8.79
N GLU A 43 2.54 4.13 9.46
CA GLU A 43 3.04 3.54 10.71
C GLU A 43 2.10 3.90 11.86
N LYS A 44 1.53 5.10 11.81
CA LYS A 44 0.62 5.55 12.85
C LYS A 44 -0.57 4.62 12.98
N SER A 45 -1.18 4.28 11.84
CA SER A 45 -2.34 3.40 11.83
C SER A 45 -2.00 2.04 12.44
N GLY A 46 -0.91 1.43 11.95
CA GLY A 46 -0.50 0.13 12.45
C GLY A 46 -1.09 -1.00 11.65
N LYS A 47 -2.09 -0.70 10.83
CA LYS A 47 -2.74 -1.69 9.99
C LYS A 47 -1.83 -2.12 8.85
N LEU A 48 -1.00 -1.19 8.40
CA LEU A 48 -0.07 -1.46 7.31
C LEU A 48 1.31 -1.79 7.86
N ASN A 49 1.63 -3.08 7.92
CA ASN A 49 2.92 -3.53 8.42
C ASN A 49 3.68 -4.30 7.35
N ILE A 50 5.01 -4.15 7.34
CA ILE A 50 5.84 -4.83 6.36
C ILE A 50 5.48 -6.31 6.24
N GLY A 51 5.55 -6.83 5.02
CA GLY A 51 5.24 -8.22 4.78
C GLY A 51 3.77 -8.41 4.41
N ASP A 52 3.06 -7.32 4.16
CA ASP A 52 1.65 -7.39 3.79
C ASP A 52 1.49 -7.30 2.28
N GLN A 53 0.39 -7.85 1.78
CA GLN A 53 0.13 -7.84 0.34
C GLN A 53 -1.05 -6.93 0.01
N ILE A 54 -0.76 -5.82 -0.67
CA ILE A 54 -1.80 -4.87 -1.05
C ILE A 54 -2.44 -5.25 -2.37
N MET A 55 -3.71 -5.63 -2.32
CA MET A 55 -4.43 -6.03 -3.53
C MET A 55 -4.86 -4.81 -4.34
N SER A 56 -5.73 -4.00 -3.76
CA SER A 56 -6.22 -2.80 -4.44
C SER A 56 -6.21 -1.60 -3.51
N ILE A 57 -6.01 -0.41 -4.08
CA ILE A 57 -5.97 0.81 -3.31
C ILE A 57 -7.08 1.76 -3.77
N ASN A 58 -8.04 2.02 -2.90
CA ASN A 58 -9.14 2.92 -3.22
C ASN A 58 -9.95 2.39 -4.40
N GLY A 59 -9.96 1.07 -4.55
CA GLY A 59 -10.70 0.46 -5.65
C GLY A 59 -9.81 0.13 -6.82
N THR A 60 -8.65 0.77 -6.90
CA THR A 60 -7.70 0.53 -7.98
C THR A 60 -7.08 -0.86 -7.86
N SER A 61 -7.67 -1.81 -8.59
CA SER A 61 -7.17 -3.18 -8.57
C SER A 61 -5.84 -3.30 -9.31
N LEU A 62 -4.81 -3.75 -8.60
CA LEU A 62 -3.49 -3.91 -9.19
C LEU A 62 -2.94 -5.31 -8.92
N VAL A 63 -3.86 -6.27 -8.77
CA VAL A 63 -3.46 -7.66 -8.50
C VAL A 63 -2.94 -8.33 -9.77
N GLY A 64 -1.65 -8.17 -10.03
CA GLY A 64 -1.05 -8.76 -11.21
C GLY A 64 -0.05 -7.85 -11.89
N LEU A 65 -0.47 -6.61 -12.14
CA LEU A 65 0.40 -5.63 -12.80
C LEU A 65 1.77 -5.54 -12.10
N PRO A 66 2.77 -4.95 -12.78
CA PRO A 66 4.11 -4.80 -12.22
C PRO A 66 4.15 -3.94 -10.97
N LEU A 67 5.35 -3.76 -10.43
CA LEU A 67 5.55 -2.96 -9.22
C LEU A 67 5.49 -1.46 -9.53
N SER A 68 6.18 -1.06 -10.59
CA SER A 68 6.21 0.34 -10.98
C SER A 68 4.79 0.90 -11.14
N THR A 69 3.92 0.09 -11.72
CA THR A 69 2.53 0.48 -11.91
C THR A 69 1.83 0.65 -10.57
N CYS A 70 1.95 -0.36 -9.71
CA CYS A 70 1.31 -0.33 -8.39
C CYS A 70 1.71 0.92 -7.61
N GLN A 71 3.02 1.12 -7.42
CA GLN A 71 3.50 2.28 -6.69
C GLN A 71 2.82 3.54 -7.23
N SER A 72 2.80 3.66 -8.56
CA SER A 72 2.18 4.79 -9.21
C SER A 72 0.72 4.93 -8.76
N ILE A 73 0.07 3.78 -8.55
CA ILE A 73 -1.32 3.76 -8.11
C ILE A 73 -1.48 4.49 -6.77
N ILE A 74 -0.59 4.17 -5.84
CA ILE A 74 -0.63 4.76 -4.52
C ILE A 74 -0.24 6.24 -4.54
N LYS A 75 0.89 6.57 -5.16
CA LYS A 75 1.34 7.96 -5.23
C LYS A 75 0.34 8.81 -6.02
N GLY A 76 -0.51 8.16 -6.79
CA GLY A 76 -1.49 8.88 -7.57
C GLY A 76 -2.69 9.33 -6.75
N LEU A 77 -2.88 8.71 -5.59
CA LEU A 77 -3.99 9.06 -4.71
C LEU A 77 -3.49 9.60 -3.37
N LYS A 78 -2.47 10.44 -3.42
CA LYS A 78 -1.90 11.03 -2.22
C LYS A 78 -2.62 12.33 -1.82
N ASN A 79 -3.53 12.79 -2.68
CA ASN A 79 -4.29 14.01 -2.41
C ASN A 79 -5.65 13.72 -1.78
N GLN A 80 -5.69 12.68 -0.95
CA GLN A 80 -6.93 12.32 -0.26
C GLN A 80 -6.70 12.25 1.24
N SER A 81 -7.62 12.83 2.00
CA SER A 81 -7.51 12.84 3.45
C SER A 81 -7.74 11.45 4.05
N ARG A 82 -8.17 10.50 3.21
CA ARG A 82 -8.40 9.13 3.66
C ARG A 82 -8.05 8.13 2.56
N VAL A 83 -7.63 6.94 2.97
CA VAL A 83 -7.25 5.91 2.01
C VAL A 83 -7.82 4.54 2.39
N LYS A 84 -8.67 4.00 1.51
CA LYS A 84 -9.27 2.69 1.74
C LYS A 84 -8.50 1.62 0.99
N LEU A 85 -7.62 0.93 1.70
CA LEU A 85 -6.81 -0.13 1.08
C LEU A 85 -7.36 -1.50 1.43
N ASN A 86 -7.10 -2.46 0.55
CA ASN A 86 -7.54 -3.84 0.77
C ASN A 86 -6.35 -4.77 0.63
N ILE A 87 -5.74 -5.09 1.76
CA ILE A 87 -4.55 -5.95 1.76
C ILE A 87 -4.75 -7.21 2.57
N VAL A 88 -3.79 -8.11 2.48
CA VAL A 88 -3.83 -9.37 3.22
C VAL A 88 -2.68 -9.45 4.21
N ARG A 89 -3.01 -9.54 5.50
CA ARG A 89 -2.02 -9.61 6.55
C ARG A 89 -1.36 -10.99 6.58
N PRO B 1 14.17 3.15 -1.75
CA PRO B 1 13.33 2.57 -2.80
C PRO B 1 12.10 3.42 -3.09
N VAL B 2 11.31 3.02 -4.10
CA VAL B 2 10.11 3.74 -4.47
C VAL B 2 9.14 3.84 -3.29
N TYR B 3 8.98 5.05 -2.77
CA TYR B 3 8.09 5.29 -1.64
C TYR B 3 6.76 5.86 -2.11
N ILE B 4 5.68 5.44 -1.44
CA ILE B 4 4.33 5.92 -1.78
C ILE B 4 3.63 6.46 -0.55
N GLU A 1 -4.49 -12.91 5.98
CA GLU A 1 -5.92 -12.67 5.83
C GLU A 1 -6.18 -11.25 5.32
N PHE A 2 -7.16 -11.12 4.43
CA PHE A 2 -7.51 -9.83 3.86
C PHE A 2 -8.01 -8.87 4.94
N LYS A 3 -7.87 -7.58 4.69
CA LYS A 3 -8.32 -6.57 5.63
C LYS A 3 -8.32 -5.18 5.00
N ASP A 4 -9.48 -4.52 5.07
CA ASP A 4 -9.64 -3.18 4.53
C ASP A 4 -8.84 -2.18 5.35
N VAL A 5 -7.68 -1.79 4.83
CA VAL A 5 -6.82 -0.84 5.50
C VAL A 5 -7.23 0.60 5.22
N PHE A 6 -7.64 1.30 6.26
CA PHE A 6 -8.04 2.69 6.13
C PHE A 6 -7.09 3.61 6.88
N ILE A 7 -6.23 4.29 6.13
CA ILE A 7 -5.26 5.19 6.73
C ILE A 7 -5.68 6.65 6.54
N GLU A 8 -6.25 7.23 7.59
CA GLU A 8 -6.69 8.61 7.54
C GLU A 8 -5.49 9.54 7.65
N LYS A 9 -5.16 10.23 6.56
CA LYS A 9 -4.02 11.13 6.54
C LYS A 9 -4.39 12.49 5.95
N GLN A 10 -3.38 13.33 5.79
CA GLN A 10 -3.59 14.66 5.23
C GLN A 10 -2.93 14.77 3.86
N LYS A 11 -3.37 15.74 3.07
CA LYS A 11 -2.83 15.95 1.74
C LYS A 11 -1.34 16.25 1.81
N GLY A 12 -0.63 15.99 0.72
CA GLY A 12 0.80 16.23 0.69
C GLY A 12 1.55 15.35 1.67
N GLU A 13 0.90 14.27 2.11
CA GLU A 13 1.52 13.33 3.04
C GLU A 13 1.37 11.91 2.54
N ILE A 14 1.36 11.78 1.20
CA ILE A 14 1.24 10.50 0.51
C ILE A 14 0.77 9.36 1.42
N LEU A 15 1.71 8.80 2.17
CA LEU A 15 1.43 7.70 3.09
C LEU A 15 2.72 7.25 3.77
N GLY A 16 3.78 7.18 2.97
CA GLY A 16 5.08 6.78 3.50
C GLY A 16 5.26 5.27 3.57
N VAL A 17 5.20 4.60 2.44
CA VAL A 17 5.38 3.14 2.40
C VAL A 17 6.05 2.69 1.12
N VAL A 18 6.69 1.53 1.17
CA VAL A 18 7.37 0.96 0.01
C VAL A 18 6.80 -0.41 -0.35
N ILE A 19 6.41 -0.55 -1.60
CA ILE A 19 5.85 -1.80 -2.09
C ILE A 19 6.72 -2.42 -3.17
N VAL A 20 6.79 -3.76 -3.17
CA VAL A 20 7.60 -4.47 -4.14
C VAL A 20 6.82 -5.65 -4.74
N GLU A 21 7.30 -6.16 -5.87
CA GLU A 21 6.66 -7.29 -6.53
C GLU A 21 6.51 -8.47 -5.59
N SER A 22 5.27 -8.94 -5.42
CA SER A 22 4.98 -10.07 -4.54
C SER A 22 5.63 -11.36 -5.06
N GLY A 23 6.90 -11.55 -4.73
CA GLY A 23 7.61 -12.74 -5.16
C GLY A 23 7.32 -13.95 -4.28
N TRP A 24 6.55 -13.74 -3.22
CA TRP A 24 6.20 -14.81 -2.30
C TRP A 24 5.53 -15.96 -3.04
N GLY A 25 4.84 -16.83 -2.29
CA GLY A 25 4.16 -17.96 -2.90
C GLY A 25 3.22 -17.56 -4.03
N SER A 26 2.86 -16.26 -4.05
CA SER A 26 1.97 -15.70 -5.08
C SER A 26 0.61 -15.41 -4.50
N ILE A 27 -0.27 -16.39 -4.50
CA ILE A 27 -1.60 -16.23 -3.96
C ILE A 27 -2.34 -15.09 -4.64
N LEU A 28 -1.84 -13.89 -4.45
CA LEU A 28 -2.40 -12.69 -5.03
C LEU A 28 -1.28 -11.81 -5.60
N PRO A 29 -0.69 -12.23 -6.73
CA PRO A 29 0.41 -11.49 -7.37
C PRO A 29 0.15 -9.99 -7.49
N THR A 30 0.55 -9.24 -6.47
CA THR A 30 0.37 -7.79 -6.48
C THR A 30 1.63 -7.06 -6.00
N VAL A 31 1.71 -6.77 -4.70
CA VAL A 31 2.87 -6.09 -4.14
C VAL A 31 3.06 -6.42 -2.67
N ILE A 32 4.22 -6.06 -2.12
CA ILE A 32 4.53 -6.33 -0.72
C ILE A 32 5.16 -5.12 -0.03
N ILE A 33 4.61 -4.74 1.12
CA ILE A 33 5.15 -3.63 1.88
C ILE A 33 6.53 -4.00 2.37
N ALA A 34 7.54 -3.61 1.60
CA ALA A 34 8.92 -3.93 1.92
C ALA A 34 9.61 -2.81 2.69
N ASN A 35 8.88 -1.73 2.98
CA ASN A 35 9.45 -0.61 3.71
C ASN A 35 8.38 0.43 4.04
N MET A 36 8.68 1.29 5.02
CA MET A 36 7.74 2.32 5.43
C MET A 36 8.48 3.51 6.06
N MET A 37 7.82 4.65 6.09
CA MET A 37 8.40 5.85 6.67
C MET A 37 8.65 5.69 8.16
N HIS A 38 7.95 4.74 8.78
CA HIS A 38 8.10 4.48 10.20
C HIS A 38 7.73 5.72 11.02
N GLY A 39 6.59 6.32 10.68
CA GLY A 39 6.14 7.51 11.37
C GLY A 39 4.92 8.13 10.72
N GLY A 40 4.88 8.06 9.39
CA GLY A 40 3.76 8.62 8.66
C GLY A 40 2.45 7.95 9.02
N PRO A 41 1.37 8.27 8.31
CA PRO A 41 0.04 7.68 8.57
C PRO A 41 0.06 6.16 8.52
N ALA A 42 1.05 5.60 7.82
CA ALA A 42 1.16 4.15 7.70
C ALA A 42 1.48 3.51 9.04
N GLU A 43 2.49 4.05 9.72
CA GLU A 43 2.89 3.54 11.03
C GLU A 43 1.94 4.04 12.11
N LYS A 44 1.54 5.31 11.99
CA LYS A 44 0.62 5.92 12.96
C LYS A 44 -0.63 5.07 13.17
N SER A 45 -1.23 4.64 12.07
CA SER A 45 -2.44 3.81 12.13
C SER A 45 -2.12 2.42 12.70
N GLY A 46 -1.26 1.70 11.99
CA GLY A 46 -0.91 0.36 12.42
C GLY A 46 -1.55 -0.71 11.58
N LYS A 47 -2.37 -0.29 10.62
CA LYS A 47 -3.06 -1.21 9.73
C LYS A 47 -2.10 -1.75 8.66
N LEU A 48 -1.10 -0.93 8.32
CA LEU A 48 -0.12 -1.32 7.32
C LEU A 48 1.22 -1.66 7.96
N ASN A 49 1.62 -2.92 7.87
CA ASN A 49 2.87 -3.37 8.44
C ASN A 49 3.66 -4.18 7.42
N ILE A 50 4.98 -4.00 7.40
CA ILE A 50 5.85 -4.71 6.47
C ILE A 50 5.49 -6.19 6.39
N GLY A 51 5.58 -6.74 5.18
CA GLY A 51 5.25 -8.13 4.97
C GLY A 51 3.79 -8.36 4.64
N ASP A 52 3.11 -7.28 4.23
CA ASP A 52 1.70 -7.37 3.88
C ASP A 52 1.51 -7.38 2.37
N GLN A 53 0.37 -7.88 1.92
CA GLN A 53 0.08 -7.94 0.48
C GLN A 53 -1.14 -7.09 0.13
N ILE A 54 -0.90 -5.95 -0.52
CA ILE A 54 -1.98 -5.06 -0.91
C ILE A 54 -2.57 -5.47 -2.25
N MET A 55 -3.86 -5.79 -2.26
CA MET A 55 -4.53 -6.20 -3.48
C MET A 55 -4.92 -5.01 -4.34
N SER A 56 -5.83 -4.19 -3.83
CA SER A 56 -6.30 -3.02 -4.58
C SER A 56 -6.32 -1.78 -3.70
N ILE A 57 -6.05 -0.62 -4.31
CA ILE A 57 -6.04 0.64 -3.60
C ILE A 57 -7.17 1.54 -4.10
N ASN A 58 -8.13 1.82 -3.22
CA ASN A 58 -9.27 2.67 -3.57
C ASN A 58 -10.05 2.09 -4.74
N GLY A 59 -9.92 0.78 -4.95
CA GLY A 59 -10.63 0.13 -6.04
C GLY A 59 -9.69 -0.36 -7.13
N THR A 60 -8.57 0.32 -7.30
CA THR A 60 -7.59 -0.06 -8.32
C THR A 60 -6.93 -1.40 -7.98
N SER A 61 -7.29 -2.43 -8.73
CA SER A 61 -6.74 -3.76 -8.52
C SER A 61 -5.27 -3.83 -8.90
N LEU A 62 -4.47 -4.50 -8.08
CA LEU A 62 -3.04 -4.63 -8.33
C LEU A 62 -2.69 -6.07 -8.69
N VAL A 63 -3.52 -7.01 -8.26
CA VAL A 63 -3.28 -8.42 -8.55
C VAL A 63 -3.20 -8.70 -10.04
N GLY A 64 -1.98 -8.78 -10.56
CA GLY A 64 -1.80 -9.05 -11.98
C GLY A 64 -0.85 -8.08 -12.66
N LEU A 65 -0.79 -6.84 -12.16
CA LEU A 65 0.09 -5.83 -12.74
C LEU A 65 1.42 -5.75 -12.02
N PRO A 66 2.46 -5.19 -12.68
CA PRO A 66 3.80 -5.04 -12.10
C PRO A 66 3.82 -4.09 -10.92
N LEU A 67 5.00 -3.92 -10.32
CA LEU A 67 5.16 -3.04 -9.17
C LEU A 67 5.09 -1.57 -9.59
N SER A 68 5.68 -1.25 -10.74
CA SER A 68 5.67 0.11 -11.25
C SER A 68 4.24 0.65 -11.30
N THR A 69 3.34 -0.16 -11.84
CA THR A 69 1.95 0.22 -11.95
C THR A 69 1.33 0.47 -10.58
N CYS A 70 1.51 -0.50 -9.67
CA CYS A 70 0.96 -0.38 -8.31
C CYS A 70 1.43 0.90 -7.64
N GLN A 71 2.76 1.08 -7.57
CA GLN A 71 3.32 2.28 -6.95
C GLN A 71 2.64 3.52 -7.49
N SER A 72 2.39 3.53 -8.80
CA SER A 72 1.74 4.65 -9.44
C SER A 72 0.32 4.83 -8.90
N ILE A 73 -0.35 3.71 -8.63
CA ILE A 73 -1.71 3.72 -8.10
C ILE A 73 -1.77 4.49 -6.80
N ILE A 74 -0.88 4.16 -5.88
CA ILE A 74 -0.84 4.82 -4.59
C ILE A 74 -0.30 6.24 -4.72
N LYS A 75 0.75 6.40 -5.50
CA LYS A 75 1.36 7.72 -5.71
C LYS A 75 0.33 8.71 -6.21
N GLY A 76 -0.71 8.20 -6.85
CA GLY A 76 -1.77 9.05 -7.36
C GLY A 76 -2.54 9.73 -6.25
N LEU A 77 -3.00 8.93 -5.28
CA LEU A 77 -3.75 9.46 -4.15
C LEU A 77 -2.82 10.08 -3.11
N LYS A 78 -2.08 11.12 -3.52
CA LYS A 78 -1.15 11.79 -2.63
C LYS A 78 -1.85 12.91 -1.84
N ASN A 79 -2.93 13.44 -2.41
CA ASN A 79 -3.67 14.51 -1.75
C ASN A 79 -5.02 14.02 -1.23
N GLN A 80 -5.00 12.93 -0.47
CA GLN A 80 -6.21 12.36 0.10
C GLN A 80 -6.29 12.57 1.60
N SER A 81 -7.49 12.39 2.14
CA SER A 81 -7.72 12.53 3.56
C SER A 81 -7.72 11.16 4.24
N ARG A 82 -7.75 10.11 3.43
CA ARG A 82 -7.74 8.73 3.92
C ARG A 82 -7.39 7.77 2.79
N VAL A 83 -6.77 6.65 3.14
CA VAL A 83 -6.37 5.67 2.13
C VAL A 83 -7.03 4.31 2.37
N LYS A 84 -7.81 3.86 1.39
CA LYS A 84 -8.48 2.56 1.48
C LYS A 84 -7.68 1.52 0.72
N LEU A 85 -7.20 0.50 1.43
CA LEU A 85 -6.40 -0.55 0.81
C LEU A 85 -6.79 -1.93 1.30
N ASN A 86 -7.25 -2.75 0.38
CA ASN A 86 -7.62 -4.11 0.70
C ASN A 86 -6.39 -5.00 0.62
N ILE A 87 -5.76 -5.23 1.76
CA ILE A 87 -4.53 -6.03 1.80
C ILE A 87 -4.68 -7.26 2.68
N VAL A 88 -3.68 -8.14 2.61
CA VAL A 88 -3.67 -9.36 3.42
C VAL A 88 -2.62 -9.25 4.52
N ARG A 89 -3.08 -9.21 5.77
CA ARG A 89 -2.19 -9.10 6.91
C ARG A 89 -1.74 -10.48 7.41
N PRO B 1 14.60 2.23 -1.77
CA PRO B 1 13.45 2.11 -2.67
C PRO B 1 12.59 3.38 -2.68
N VAL B 2 11.57 3.38 -3.54
CA VAL B 2 10.67 4.52 -3.64
C VAL B 2 9.56 4.43 -2.60
N TYR B 3 8.91 5.56 -2.33
CA TYR B 3 7.83 5.60 -1.34
C TYR B 3 6.52 6.05 -1.98
N ILE B 4 5.42 5.74 -1.31
CA ILE B 4 4.09 6.12 -1.79
C ILE B 4 3.22 6.62 -0.65
N GLU A 1 -4.53 -13.59 5.65
CA GLU A 1 -5.92 -13.19 5.86
C GLU A 1 -6.17 -11.77 5.38
N PHE A 2 -7.15 -11.61 4.50
CA PHE A 2 -7.49 -10.29 3.97
C PHE A 2 -7.88 -9.34 5.09
N LYS A 3 -7.70 -8.04 4.84
CA LYS A 3 -8.04 -7.03 5.83
C LYS A 3 -8.09 -5.63 5.22
N ASP A 4 -9.22 -4.96 5.41
CA ASP A 4 -9.40 -3.60 4.90
C ASP A 4 -8.53 -2.63 5.67
N VAL A 5 -7.78 -1.80 4.95
CA VAL A 5 -6.90 -0.83 5.57
C VAL A 5 -7.40 0.58 5.35
N PHE A 6 -7.51 1.35 6.43
CA PHE A 6 -7.98 2.71 6.35
C PHE A 6 -6.94 3.67 6.92
N ILE A 7 -6.25 4.38 6.05
CA ILE A 7 -5.22 5.32 6.48
C ILE A 7 -5.68 6.76 6.29
N GLU A 8 -6.14 7.38 7.37
CA GLU A 8 -6.61 8.76 7.32
C GLU A 8 -5.46 9.72 7.58
N LYS A 9 -5.06 10.46 6.56
CA LYS A 9 -3.96 11.40 6.68
C LYS A 9 -4.30 12.74 6.02
N GLN A 10 -3.29 13.58 5.85
CA GLN A 10 -3.46 14.88 5.24
C GLN A 10 -2.82 14.91 3.85
N LYS A 11 -3.04 16.00 3.13
CA LYS A 11 -2.47 16.14 1.80
C LYS A 11 -0.97 16.32 1.87
N GLY A 12 -0.29 16.03 0.76
CA GLY A 12 1.15 16.16 0.72
C GLY A 12 1.85 15.24 1.70
N GLU A 13 1.12 14.23 2.18
CA GLU A 13 1.69 13.28 3.13
C GLU A 13 1.49 11.86 2.63
N ILE A 14 1.48 11.73 1.30
CA ILE A 14 1.32 10.44 0.60
C ILE A 14 0.77 9.34 1.51
N LEU A 15 1.65 8.75 2.29
CA LEU A 15 1.29 7.68 3.21
C LEU A 15 2.55 7.17 3.92
N GLY A 16 3.60 6.96 3.15
CA GLY A 16 4.85 6.50 3.71
C GLY A 16 4.99 4.99 3.77
N VAL A 17 5.02 4.35 2.60
CA VAL A 17 5.19 2.89 2.54
C VAL A 17 5.87 2.47 1.25
N VAL A 18 6.50 1.30 1.27
CA VAL A 18 7.20 0.79 0.11
C VAL A 18 6.64 -0.56 -0.33
N ILE A 19 6.20 -0.62 -1.58
CA ILE A 19 5.64 -1.83 -2.13
C ILE A 19 6.55 -2.42 -3.21
N VAL A 20 6.63 -3.74 -3.24
CA VAL A 20 7.47 -4.43 -4.23
C VAL A 20 6.72 -5.61 -4.85
N GLU A 21 7.30 -6.20 -5.89
CA GLU A 21 6.69 -7.33 -6.56
C GLU A 21 6.51 -8.50 -5.60
N SER A 22 5.33 -9.11 -5.66
CA SER A 22 5.02 -10.24 -4.78
C SER A 22 5.71 -11.52 -5.25
N GLY A 23 6.98 -11.68 -4.86
CA GLY A 23 7.73 -12.86 -5.23
C GLY A 23 7.48 -14.03 -4.32
N TRP A 24 6.78 -13.79 -3.22
CA TRP A 24 6.45 -14.84 -2.26
C TRP A 24 5.73 -16.00 -2.95
N GLY A 25 5.05 -16.84 -2.18
CA GLY A 25 4.33 -17.96 -2.77
C GLY A 25 3.44 -17.51 -3.92
N SER A 26 3.03 -16.24 -3.89
CA SER A 26 2.19 -15.66 -4.92
C SER A 26 0.74 -16.01 -4.72
N ILE A 27 0.32 -15.96 -3.47
CA ILE A 27 -1.05 -16.23 -3.12
C ILE A 27 -2.00 -15.39 -3.98
N LEU A 28 -1.62 -14.14 -4.15
CA LEU A 28 -2.38 -13.20 -4.98
C LEU A 28 -1.42 -12.16 -5.56
N PRO A 29 -0.85 -12.43 -6.74
CA PRO A 29 0.10 -11.52 -7.39
C PRO A 29 -0.34 -10.05 -7.40
N THR A 30 0.39 -9.23 -6.63
CA THR A 30 0.10 -7.80 -6.56
C THR A 30 1.35 -7.04 -6.12
N VAL A 31 1.53 -6.86 -4.82
CA VAL A 31 2.69 -6.15 -4.29
C VAL A 31 2.92 -6.50 -2.82
N ILE A 32 4.09 -6.13 -2.29
CA ILE A 32 4.41 -6.41 -0.90
C ILE A 32 5.00 -5.20 -0.19
N ILE A 33 4.44 -4.87 0.98
CA ILE A 33 4.94 -3.76 1.76
C ILE A 33 6.29 -4.13 2.33
N ALA A 34 7.33 -3.71 1.65
CA ALA A 34 8.69 -4.02 2.04
C ALA A 34 9.32 -2.90 2.86
N ASN A 35 8.57 -1.83 3.11
CA ASN A 35 9.08 -0.72 3.89
C ASN A 35 7.96 0.26 4.26
N MET A 36 8.23 1.08 5.28
CA MET A 36 7.25 2.06 5.72
C MET A 36 7.93 3.23 6.43
N MET A 37 7.50 4.44 6.09
CA MET A 37 8.06 5.65 6.69
C MET A 37 7.63 5.76 8.15
N HIS A 38 8.48 5.29 9.05
CA HIS A 38 8.19 5.34 10.47
C HIS A 38 7.98 6.77 10.95
N GLY A 39 6.80 7.31 10.72
CA GLY A 39 6.50 8.66 11.13
C GLY A 39 5.25 9.21 10.48
N GLY A 40 4.99 8.75 9.26
CA GLY A 40 3.81 9.19 8.54
C GLY A 40 2.55 8.49 9.02
N PRO A 41 1.45 8.61 8.28
CA PRO A 41 0.17 7.97 8.64
C PRO A 41 0.23 6.45 8.51
N ALA A 42 1.23 5.95 7.80
CA ALA A 42 1.37 4.51 7.60
C ALA A 42 1.69 3.82 8.91
N GLU A 43 2.68 4.34 9.62
CA GLU A 43 3.09 3.78 10.90
C GLU A 43 2.13 4.18 12.01
N LYS A 44 1.65 5.43 11.94
CA LYS A 44 0.72 5.94 12.92
C LYS A 44 -0.53 5.09 13.01
N SER A 45 -1.11 4.77 11.85
CA SER A 45 -2.31 3.95 11.79
C SER A 45 -2.08 2.59 12.44
N GLY A 46 -1.26 1.76 11.80
CA GLY A 46 -0.98 0.44 12.33
C GLY A 46 -1.65 -0.65 11.52
N LYS A 47 -2.53 -0.24 10.60
CA LYS A 47 -3.23 -1.19 9.75
C LYS A 47 -2.28 -1.79 8.71
N LEU A 48 -1.28 -1.00 8.32
CA LEU A 48 -0.31 -1.45 7.33
C LEU A 48 1.00 -1.85 8.01
N ASN A 49 1.49 -3.04 7.67
CA ASN A 49 2.74 -3.54 8.24
C ASN A 49 3.54 -4.31 7.21
N ILE A 50 4.85 -4.08 7.19
CA ILE A 50 5.74 -4.75 6.25
C ILE A 50 5.44 -6.24 6.17
N GLY A 51 5.49 -6.79 4.96
CA GLY A 51 5.22 -8.20 4.78
C GLY A 51 3.77 -8.48 4.43
N ASP A 52 3.06 -7.44 4.01
CA ASP A 52 1.65 -7.58 3.64
C ASP A 52 1.46 -7.38 2.15
N GLN A 53 0.37 -7.91 1.61
CA GLN A 53 0.07 -7.78 0.19
C GLN A 53 -1.16 -6.92 -0.04
N ILE A 54 -0.98 -5.80 -0.73
CA ILE A 54 -2.08 -4.88 -1.00
C ILE A 54 -2.73 -5.20 -2.35
N MET A 55 -3.94 -5.76 -2.29
CA MET A 55 -4.67 -6.11 -3.51
C MET A 55 -5.07 -4.88 -4.31
N SER A 56 -5.98 -4.08 -3.75
CA SER A 56 -6.46 -2.89 -4.43
C SER A 56 -6.43 -1.68 -3.49
N ILE A 57 -6.36 -0.49 -4.09
CA ILE A 57 -6.34 0.75 -3.33
C ILE A 57 -7.47 1.67 -3.78
N ASN A 58 -8.46 1.84 -2.92
CA ASN A 58 -9.60 2.70 -3.22
C ASN A 58 -10.40 2.14 -4.40
N GLY A 59 -10.37 0.82 -4.55
CA GLY A 59 -11.10 0.18 -5.64
C GLY A 59 -10.20 -0.21 -6.79
N THR A 60 -9.03 0.40 -6.88
CA THR A 60 -8.10 0.11 -7.96
C THR A 60 -7.36 -1.20 -7.71
N SER A 61 -7.86 -2.28 -8.30
CA SER A 61 -7.24 -3.58 -8.15
C SER A 61 -6.01 -3.68 -9.03
N LEU A 62 -4.90 -4.16 -8.46
CA LEU A 62 -3.66 -4.28 -9.21
C LEU A 62 -3.10 -5.70 -9.11
N VAL A 63 -3.96 -6.65 -8.75
CA VAL A 63 -3.54 -8.04 -8.62
C VAL A 63 -3.03 -8.57 -9.96
N GLY A 64 -1.74 -8.39 -10.22
CA GLY A 64 -1.16 -8.85 -11.47
C GLY A 64 -0.28 -7.79 -12.13
N LEU A 65 -0.55 -6.53 -11.83
CA LEU A 65 0.23 -5.43 -12.41
C LEU A 65 1.64 -5.40 -11.83
N PRO A 66 2.60 -4.82 -12.58
CA PRO A 66 3.99 -4.73 -12.13
C PRO A 66 4.13 -3.80 -10.93
N LEU A 67 5.38 -3.54 -10.52
CA LEU A 67 5.64 -2.66 -9.39
C LEU A 67 5.50 -1.20 -9.78
N SER A 68 6.11 -0.82 -10.90
CA SER A 68 6.04 0.55 -11.38
C SER A 68 4.59 1.00 -11.49
N THR A 69 3.74 0.13 -12.01
CA THR A 69 2.34 0.42 -12.15
C THR A 69 1.67 0.58 -10.79
N CYS A 70 1.85 -0.41 -9.92
CA CYS A 70 1.26 -0.37 -8.58
C CYS A 70 1.69 0.89 -7.84
N GLN A 71 3.00 1.15 -7.82
CA GLN A 71 3.53 2.33 -7.14
C GLN A 71 2.76 3.57 -7.60
N SER A 72 2.54 3.68 -8.90
CA SER A 72 1.81 4.80 -9.46
C SER A 72 0.40 4.86 -8.89
N ILE A 73 -0.18 3.68 -8.66
CA ILE A 73 -1.53 3.60 -8.12
C ILE A 73 -1.61 4.31 -6.77
N ILE A 74 -0.66 3.99 -5.89
CA ILE A 74 -0.60 4.60 -4.58
C ILE A 74 -0.13 6.04 -4.65
N LYS A 75 0.87 6.30 -5.48
CA LYS A 75 1.40 7.64 -5.65
C LYS A 75 0.30 8.62 -6.02
N GLY A 76 -0.75 8.09 -6.65
CA GLY A 76 -1.88 8.92 -7.04
C GLY A 76 -2.66 9.44 -5.85
N LEU A 77 -2.45 8.83 -4.69
CA LEU A 77 -3.15 9.24 -3.47
C LEU A 77 -2.30 10.25 -2.69
N LYS A 78 -1.74 11.23 -3.39
CA LYS A 78 -0.92 12.26 -2.76
C LYS A 78 -1.77 13.36 -2.16
N ASN A 79 -2.97 13.57 -2.72
CA ASN A 79 -3.87 14.60 -2.25
C ASN A 79 -5.12 13.99 -1.62
N GLN A 80 -4.95 12.86 -0.95
CA GLN A 80 -6.07 12.17 -0.31
C GLN A 80 -6.04 12.34 1.20
N SER A 81 -7.21 12.13 1.82
CA SER A 81 -7.33 12.24 3.27
C SER A 81 -7.65 10.87 3.88
N ARG A 82 -7.95 9.90 3.02
CA ARG A 82 -8.27 8.55 3.46
C ARG A 82 -7.86 7.53 2.40
N VAL A 83 -7.22 6.45 2.83
CA VAL A 83 -6.77 5.42 1.91
C VAL A 83 -7.35 4.05 2.26
N LYS A 84 -8.34 3.62 1.49
CA LYS A 84 -8.97 2.32 1.71
C LYS A 84 -8.24 1.24 0.91
N LEU A 85 -7.38 0.48 1.58
CA LEU A 85 -6.62 -0.57 0.90
C LEU A 85 -6.99 -1.96 1.40
N ASN A 86 -7.40 -2.81 0.48
CA ASN A 86 -7.74 -4.18 0.81
C ASN A 86 -6.51 -5.06 0.68
N ILE A 87 -5.80 -5.25 1.79
CA ILE A 87 -4.58 -6.05 1.78
C ILE A 87 -4.72 -7.32 2.60
N VAL A 88 -3.73 -8.20 2.48
CA VAL A 88 -3.73 -9.46 3.21
C VAL A 88 -2.58 -9.51 4.22
N ARG A 89 -2.92 -9.79 5.47
CA ARG A 89 -1.92 -9.86 6.54
C ARG A 89 -1.21 -11.21 6.52
N PRO B 1 13.73 3.85 -0.17
CA PRO B 1 13.43 3.51 -1.56
C PRO B 1 12.36 4.43 -2.16
N VAL B 2 11.74 3.99 -3.25
CA VAL B 2 10.71 4.77 -3.92
C VAL B 2 9.71 5.35 -2.91
N TYR B 3 9.09 4.47 -2.12
CA TYR B 3 8.13 4.91 -1.13
C TYR B 3 6.90 5.54 -1.78
N ILE B 4 5.74 5.39 -1.13
CA ILE B 4 4.50 5.94 -1.65
C ILE B 4 3.69 6.59 -0.53
N GLU A 1 -4.60 -13.39 5.60
CA GLU A 1 -5.90 -12.88 6.04
C GLU A 1 -6.14 -11.46 5.50
N PHE A 2 -7.10 -11.35 4.59
CA PHE A 2 -7.42 -10.05 3.99
C PHE A 2 -7.85 -9.06 5.06
N LYS A 3 -7.67 -7.77 4.78
CA LYS A 3 -8.04 -6.73 5.73
C LYS A 3 -8.09 -5.36 5.06
N ASP A 4 -9.24 -4.70 5.21
CA ASP A 4 -9.43 -3.37 4.64
C ASP A 4 -8.66 -2.33 5.44
N VAL A 5 -7.57 -1.84 4.86
CA VAL A 5 -6.74 -0.85 5.52
C VAL A 5 -7.30 0.56 5.32
N PHE A 6 -7.39 1.30 6.41
CA PHE A 6 -7.90 2.67 6.38
C PHE A 6 -6.88 3.64 6.95
N ILE A 7 -6.21 4.39 6.09
CA ILE A 7 -5.21 5.35 6.52
C ILE A 7 -5.67 6.78 6.31
N GLU A 8 -6.14 7.41 7.39
CA GLU A 8 -6.61 8.79 7.33
C GLU A 8 -5.46 9.74 7.56
N LYS A 9 -5.06 10.46 6.50
CA LYS A 9 -3.96 11.40 6.59
C LYS A 9 -4.31 12.72 5.93
N GLN A 10 -3.32 13.60 5.80
CA GLN A 10 -3.53 14.90 5.18
C GLN A 10 -2.89 14.94 3.80
N LYS A 11 -3.28 15.91 2.99
CA LYS A 11 -2.72 16.04 1.65
C LYS A 11 -1.23 16.32 1.71
N GLY A 12 -0.53 15.98 0.63
CA GLY A 12 0.89 16.20 0.58
C GLY A 12 1.65 15.34 1.58
N GLU A 13 0.98 14.30 2.10
CA GLU A 13 1.62 13.41 3.06
C GLU A 13 1.49 11.97 2.59
N ILE A 14 1.46 11.80 1.27
CA ILE A 14 1.36 10.50 0.61
C ILE A 14 0.82 9.40 1.53
N LEU A 15 1.71 8.84 2.33
CA LEU A 15 1.38 7.78 3.26
C LEU A 15 2.64 7.27 3.94
N GLY A 16 3.68 7.03 3.13
CA GLY A 16 4.94 6.56 3.65
C GLY A 16 5.06 5.05 3.69
N VAL A 17 5.11 4.41 2.53
CA VAL A 17 5.25 2.96 2.46
C VAL A 17 5.97 2.53 1.18
N VAL A 18 6.58 1.34 1.22
CA VAL A 18 7.30 0.82 0.06
C VAL A 18 6.77 -0.55 -0.33
N ILE A 19 6.27 -0.65 -1.56
CA ILE A 19 5.73 -1.89 -2.07
C ILE A 19 6.62 -2.47 -3.16
N VAL A 20 6.68 -3.80 -3.22
CA VAL A 20 7.49 -4.49 -4.20
C VAL A 20 6.72 -5.67 -4.81
N GLU A 21 7.23 -6.20 -5.92
CA GLU A 21 6.59 -7.32 -6.58
C GLU A 21 6.47 -8.51 -5.63
N SER A 22 5.28 -9.09 -5.58
CA SER A 22 5.01 -10.23 -4.71
C SER A 22 5.73 -11.49 -5.19
N GLY A 23 6.99 -11.63 -4.81
CA GLY A 23 7.78 -12.79 -5.21
C GLY A 23 7.53 -13.99 -4.31
N TRP A 24 6.75 -13.80 -3.26
CA TRP A 24 6.44 -14.86 -2.32
C TRP A 24 5.82 -16.05 -3.06
N GLY A 25 5.17 -16.95 -2.33
CA GLY A 25 4.54 -18.09 -2.96
C GLY A 25 3.67 -17.68 -4.12
N SER A 26 3.17 -16.44 -4.07
CA SER A 26 2.32 -15.88 -5.11
C SER A 26 0.88 -16.30 -4.93
N ILE A 27 0.34 -15.87 -3.81
CA ILE A 27 -1.04 -16.13 -3.47
C ILE A 27 -1.96 -15.19 -4.24
N LEU A 28 -1.44 -13.99 -4.47
CA LEU A 28 -2.15 -12.94 -5.18
C LEU A 28 -1.14 -11.96 -5.79
N PRO A 29 -0.68 -12.23 -7.03
CA PRO A 29 0.32 -11.38 -7.70
C PRO A 29 -0.02 -9.90 -7.67
N THR A 30 0.38 -9.22 -6.58
CA THR A 30 0.13 -7.78 -6.45
C THR A 30 1.39 -7.04 -6.01
N VAL A 31 1.56 -6.89 -4.69
CA VAL A 31 2.74 -6.19 -4.16
C VAL A 31 2.96 -6.55 -2.69
N ILE A 32 4.13 -6.19 -2.17
CA ILE A 32 4.46 -6.48 -0.78
C ILE A 32 5.05 -5.26 -0.07
N ILE A 33 4.49 -4.91 1.08
CA ILE A 33 4.99 -3.81 1.86
C ILE A 33 6.35 -4.18 2.40
N ALA A 34 7.37 -3.79 1.67
CA ALA A 34 8.74 -4.10 2.03
C ALA A 34 9.37 -3.00 2.87
N ASN A 35 8.64 -1.90 3.06
CA ASN A 35 9.14 -0.79 3.86
C ASN A 35 8.02 0.18 4.21
N MET A 36 8.20 0.93 5.28
CA MET A 36 7.19 1.90 5.72
C MET A 36 7.83 3.05 6.50
N MET A 37 7.45 4.27 6.13
CA MET A 37 7.98 5.46 6.80
C MET A 37 7.56 5.48 8.26
N HIS A 38 8.49 5.09 9.14
CA HIS A 38 8.21 5.06 10.58
C HIS A 38 8.01 6.47 11.11
N GLY A 39 6.86 7.07 10.79
CA GLY A 39 6.56 8.41 11.25
C GLY A 39 5.32 8.97 10.60
N GLY A 40 5.11 8.60 9.34
CA GLY A 40 3.95 9.08 8.62
C GLY A 40 2.68 8.41 9.10
N PRO A 41 1.56 8.57 8.36
CA PRO A 41 0.28 7.97 8.74
C PRO A 41 0.29 6.45 8.58
N ALA A 42 1.27 5.93 7.84
CA ALA A 42 1.37 4.50 7.63
C ALA A 42 1.64 3.77 8.93
N GLU A 43 2.62 4.26 9.67
CA GLU A 43 2.98 3.66 10.95
C GLU A 43 2.00 4.08 12.04
N LYS A 44 1.59 5.35 12.00
CA LYS A 44 0.65 5.88 12.98
C LYS A 44 -0.67 5.11 12.98
N SER A 45 -1.02 4.55 11.82
CA SER A 45 -2.26 3.80 11.69
C SER A 45 -2.17 2.48 12.46
N GLY A 46 -1.30 1.59 12.02
CA GLY A 46 -1.13 0.30 12.67
C GLY A 46 -1.66 -0.84 11.83
N LYS A 47 -2.71 -0.57 11.07
CA LYS A 47 -3.32 -1.59 10.22
C LYS A 47 -2.31 -2.08 9.17
N LEU A 48 -1.39 -1.20 8.79
CA LEU A 48 -0.37 -1.54 7.80
C LEU A 48 0.89 -2.06 8.48
N ASN A 49 1.25 -3.31 8.17
CA ASN A 49 2.43 -3.92 8.75
C ASN A 49 3.26 -4.60 7.67
N ILE A 50 4.55 -4.30 7.65
CA ILE A 50 5.47 -4.87 6.66
C ILE A 50 5.25 -6.37 6.51
N GLY A 51 5.37 -6.84 5.27
CA GLY A 51 5.17 -8.25 4.99
C GLY A 51 3.75 -8.57 4.55
N ASP A 52 2.98 -7.54 4.24
CA ASP A 52 1.60 -7.72 3.80
C ASP A 52 1.47 -7.47 2.30
N GLN A 53 0.39 -7.96 1.72
CA GLN A 53 0.14 -7.79 0.29
C GLN A 53 -1.07 -6.89 0.05
N ILE A 54 -0.85 -5.78 -0.64
CA ILE A 54 -1.92 -4.83 -0.93
C ILE A 54 -2.60 -5.17 -2.25
N MET A 55 -3.72 -5.88 -2.18
CA MET A 55 -4.46 -6.28 -3.37
C MET A 55 -4.87 -5.07 -4.20
N SER A 56 -5.73 -4.22 -3.65
CA SER A 56 -6.19 -3.05 -4.37
C SER A 56 -6.21 -1.81 -3.46
N ILE A 57 -6.00 -0.65 -4.06
CA ILE A 57 -5.99 0.60 -3.32
C ILE A 57 -7.11 1.52 -3.78
N ASN A 58 -8.02 1.85 -2.88
CA ASN A 58 -9.15 2.73 -3.19
C ASN A 58 -9.95 2.19 -4.38
N GLY A 59 -9.95 0.87 -4.53
CA GLY A 59 -10.68 0.25 -5.63
C GLY A 59 -9.81 0.01 -6.84
N THR A 60 -8.50 0.15 -6.69
CA THR A 60 -7.57 -0.08 -7.79
C THR A 60 -6.93 -1.46 -7.69
N SER A 61 -7.50 -2.42 -8.42
CA SER A 61 -6.98 -3.78 -8.41
C SER A 61 -5.53 -3.83 -8.85
N LEU A 62 -4.68 -4.45 -8.04
CA LEU A 62 -3.27 -4.57 -8.34
C LEU A 62 -2.90 -6.01 -8.70
N VAL A 63 -3.70 -6.95 -8.22
CA VAL A 63 -3.47 -8.37 -8.47
C VAL A 63 -3.39 -8.66 -9.97
N GLY A 64 -2.19 -8.55 -10.53
CA GLY A 64 -2.00 -8.81 -11.96
C GLY A 64 -1.05 -7.85 -12.63
N LEU A 65 -1.12 -6.57 -12.24
CA LEU A 65 -0.25 -5.56 -12.84
C LEU A 65 1.15 -5.57 -12.21
N PRO A 66 2.14 -5.00 -12.92
CA PRO A 66 3.53 -4.94 -12.45
C PRO A 66 3.68 -4.08 -11.20
N LEU A 67 4.93 -3.89 -10.77
CA LEU A 67 5.23 -3.08 -9.59
C LEU A 67 5.17 -1.59 -9.91
N SER A 68 5.79 -1.19 -11.01
CA SER A 68 5.80 0.21 -11.43
C SER A 68 4.38 0.75 -11.50
N THR A 69 3.47 -0.04 -12.05
CA THR A 69 2.09 0.35 -12.17
C THR A 69 1.46 0.58 -10.80
N CYS A 70 1.65 -0.39 -9.90
CA CYS A 70 1.10 -0.28 -8.54
C CYS A 70 1.60 0.99 -7.87
N GLN A 71 2.90 1.24 -7.97
CA GLN A 71 3.49 2.44 -7.38
C GLN A 71 2.73 3.67 -7.84
N SER A 72 2.41 3.71 -9.13
CA SER A 72 1.67 4.82 -9.70
C SER A 72 0.30 4.95 -9.05
N ILE A 73 -0.30 3.80 -8.74
CA ILE A 73 -1.61 3.77 -8.10
C ILE A 73 -1.59 4.53 -6.78
N ILE A 74 -0.61 4.22 -5.95
CA ILE A 74 -0.47 4.87 -4.66
C ILE A 74 -0.01 6.31 -4.81
N LYS A 75 0.98 6.52 -5.66
CA LYS A 75 1.51 7.86 -5.91
C LYS A 75 0.41 8.80 -6.40
N GLY A 76 -0.66 8.21 -6.93
CA GLY A 76 -1.77 9.00 -7.43
C GLY A 76 -2.69 9.49 -6.34
N LEU A 77 -2.67 8.84 -5.17
CA LEU A 77 -3.51 9.23 -4.06
C LEU A 77 -2.74 10.06 -3.02
N LYS A 78 -1.94 11.00 -3.51
CA LYS A 78 -1.15 11.85 -2.64
C LYS A 78 -1.94 13.08 -2.20
N ASN A 79 -3.14 13.25 -2.76
CA ASN A 79 -3.98 14.40 -2.42
C ASN A 79 -5.34 13.93 -1.90
N GLN A 80 -5.32 13.09 -0.87
CA GLN A 80 -6.56 12.59 -0.26
C GLN A 80 -6.46 12.61 1.26
N SER A 81 -7.61 12.58 1.93
CA SER A 81 -7.64 12.60 3.38
C SER A 81 -7.80 11.21 3.98
N ARG A 82 -8.21 10.25 3.15
CA ARG A 82 -8.40 8.88 3.60
C ARG A 82 -7.90 7.89 2.56
N VAL A 83 -7.33 6.79 3.02
CA VAL A 83 -6.81 5.77 2.12
C VAL A 83 -7.43 4.40 2.43
N LYS A 84 -8.36 3.98 1.58
CA LYS A 84 -9.02 2.69 1.75
C LYS A 84 -8.35 1.64 0.89
N LEU A 85 -7.45 0.86 1.51
CA LEU A 85 -6.73 -0.18 0.79
C LEU A 85 -7.20 -1.57 1.22
N ASN A 86 -7.03 -2.54 0.34
CA ASN A 86 -7.41 -3.91 0.63
C ASN A 86 -6.18 -4.80 0.56
N ILE A 87 -5.59 -5.09 1.72
CA ILE A 87 -4.38 -5.91 1.77
C ILE A 87 -4.61 -7.19 2.58
N VAL A 88 -3.63 -8.08 2.52
CA VAL A 88 -3.70 -9.35 3.25
C VAL A 88 -2.53 -9.48 4.21
N ARG A 89 -2.82 -9.88 5.45
CA ARG A 89 -1.80 -10.04 6.46
C ARG A 89 -1.07 -11.37 6.29
N PRO B 1 14.66 2.67 -0.67
CA PRO B 1 13.70 2.27 -1.70
C PRO B 1 12.72 3.38 -2.03
N VAL B 2 11.78 3.10 -2.93
CA VAL B 2 10.78 4.08 -3.35
C VAL B 2 9.64 4.15 -2.34
N TYR B 3 9.44 5.32 -1.76
CA TYR B 3 8.38 5.52 -0.78
C TYR B 3 7.17 6.20 -1.41
N ILE B 4 5.99 5.66 -1.15
CA ILE B 4 4.75 6.22 -1.68
C ILE B 4 3.91 6.81 -0.56
N GLU A 1 -4.69 -13.28 5.64
CA GLU A 1 -6.04 -13.06 5.13
C GLU A 1 -6.26 -11.60 4.75
N PHE A 2 -7.20 -11.37 3.84
CA PHE A 2 -7.51 -10.02 3.39
C PHE A 2 -7.98 -9.16 4.55
N LYS A 3 -7.76 -7.85 4.44
CA LYS A 3 -8.18 -6.93 5.48
C LYS A 3 -8.22 -5.49 4.95
N ASP A 4 -9.38 -4.87 5.10
CA ASP A 4 -9.57 -3.48 4.66
C ASP A 4 -8.77 -2.53 5.53
N VAL A 5 -7.87 -1.78 4.91
CA VAL A 5 -7.04 -0.82 5.62
C VAL A 5 -7.56 0.59 5.39
N PHE A 6 -7.41 1.44 6.41
CA PHE A 6 -7.85 2.82 6.30
C PHE A 6 -6.86 3.76 6.96
N ILE A 7 -6.09 4.47 6.14
CA ILE A 7 -5.10 5.41 6.63
C ILE A 7 -5.55 6.85 6.41
N GLU A 8 -6.08 7.46 7.47
CA GLU A 8 -6.53 8.85 7.40
C GLU A 8 -5.38 9.81 7.62
N LYS A 9 -4.98 10.50 6.56
CA LYS A 9 -3.87 11.44 6.63
C LYS A 9 -4.24 12.78 5.98
N GLN A 10 -3.27 13.68 5.91
CA GLN A 10 -3.48 14.98 5.31
C GLN A 10 -2.84 15.05 3.93
N LYS A 11 -3.49 15.75 3.01
CA LYS A 11 -2.98 15.89 1.65
C LYS A 11 -1.53 16.31 1.65
N GLY A 12 -0.77 15.79 0.69
CA GLY A 12 0.64 16.13 0.59
C GLY A 12 1.50 15.26 1.50
N GLU A 13 0.91 14.20 2.06
CA GLU A 13 1.65 13.30 2.93
C GLU A 13 1.55 11.87 2.43
N ILE A 14 1.43 11.74 1.11
CA ILE A 14 1.32 10.46 0.42
C ILE A 14 0.75 9.35 1.32
N LEU A 15 1.61 8.76 2.13
CA LEU A 15 1.23 7.68 3.03
C LEU A 15 2.45 7.17 3.78
N GLY A 16 3.56 7.04 3.05
CA GLY A 16 4.80 6.60 3.66
C GLY A 16 4.94 5.09 3.72
N VAL A 17 5.00 4.44 2.56
CA VAL A 17 5.16 2.99 2.51
C VAL A 17 5.89 2.56 1.23
N VAL A 18 6.51 1.40 1.28
CA VAL A 18 7.24 0.87 0.13
C VAL A 18 6.69 -0.49 -0.29
N ILE A 19 6.40 -0.63 -1.57
CA ILE A 19 5.87 -1.87 -2.10
C ILE A 19 6.79 -2.45 -3.17
N VAL A 20 6.91 -3.78 -3.15
CA VAL A 20 7.75 -4.48 -4.11
C VAL A 20 7.00 -5.65 -4.72
N GLU A 21 7.56 -6.23 -5.79
CA GLU A 21 6.92 -7.36 -6.46
C GLU A 21 6.73 -8.52 -5.50
N SER A 22 5.52 -9.08 -5.51
CA SER A 22 5.19 -10.21 -4.64
C SER A 22 5.84 -11.50 -5.13
N GLY A 23 7.10 -11.71 -4.75
CA GLY A 23 7.81 -12.89 -5.16
C GLY A 23 7.45 -14.11 -4.34
N TRP A 24 6.68 -13.90 -3.27
CA TRP A 24 6.25 -14.99 -2.40
C TRP A 24 5.53 -16.08 -3.22
N GLY A 25 4.78 -16.93 -2.54
CA GLY A 25 4.04 -17.98 -3.24
C GLY A 25 3.26 -17.42 -4.42
N SER A 26 2.90 -16.15 -4.32
CA SER A 26 2.15 -15.45 -5.36
C SER A 26 0.68 -15.77 -5.28
N ILE A 27 0.17 -15.71 -4.07
CA ILE A 27 -1.23 -15.95 -3.81
C ILE A 27 -2.08 -14.96 -4.60
N LEU A 28 -1.59 -13.73 -4.63
CA LEU A 28 -2.25 -12.63 -5.35
C LEU A 28 -1.19 -11.71 -5.93
N PRO A 29 -0.62 -12.06 -7.08
CA PRO A 29 0.43 -11.27 -7.73
C PRO A 29 0.14 -9.76 -7.72
N THR A 30 0.63 -9.07 -6.70
CA THR A 30 0.43 -7.63 -6.60
C THR A 30 1.70 -6.92 -6.11
N VAL A 31 1.85 -6.77 -4.79
CA VAL A 31 3.02 -6.11 -4.22
C VAL A 31 3.20 -6.47 -2.75
N ILE A 32 4.36 -6.14 -2.19
CA ILE A 32 4.64 -6.43 -0.79
C ILE A 32 5.19 -5.22 -0.04
N ILE A 33 4.60 -4.91 1.10
CA ILE A 33 5.07 -3.81 1.91
C ILE A 33 6.42 -4.16 2.48
N ALA A 34 7.45 -3.77 1.74
CA ALA A 34 8.82 -4.06 2.12
C ALA A 34 9.39 -2.96 3.02
N ASN A 35 8.71 -1.83 3.09
CA ASN A 35 9.16 -0.72 3.92
C ASN A 35 8.00 0.20 4.27
N MET A 36 8.17 0.98 5.34
CA MET A 36 7.15 1.91 5.78
C MET A 36 7.75 3.09 6.53
N MET A 37 7.38 4.30 6.13
CA MET A 37 7.89 5.50 6.77
C MET A 37 7.60 5.49 8.26
N HIS A 38 8.61 5.16 9.06
CA HIS A 38 8.46 5.10 10.50
C HIS A 38 8.20 6.49 11.08
N GLY A 39 7.01 7.02 10.83
CA GLY A 39 6.65 8.33 11.33
C GLY A 39 5.44 8.89 10.63
N GLY A 40 5.29 8.58 9.36
CA GLY A 40 4.16 9.06 8.60
C GLY A 40 2.85 8.43 9.06
N PRO A 41 1.77 8.59 8.29
CA PRO A 41 0.46 8.03 8.63
C PRO A 41 0.42 6.51 8.53
N ALA A 42 1.42 5.94 7.86
CA ALA A 42 1.48 4.49 7.69
C ALA A 42 1.76 3.81 9.02
N GLU A 43 2.79 4.29 9.71
CA GLU A 43 3.18 3.73 11.00
C GLU A 43 2.24 4.22 12.10
N LYS A 44 1.82 5.48 11.99
CA LYS A 44 0.93 6.08 12.99
C LYS A 44 -0.36 5.28 13.14
N SER A 45 -0.96 4.91 12.02
CA SER A 45 -2.20 4.14 12.03
C SER A 45 -2.00 2.81 12.74
N GLY A 46 -1.32 1.89 12.08
CA GLY A 46 -1.08 0.58 12.67
C GLY A 46 -1.77 -0.53 11.90
N LYS A 47 -2.55 -0.15 10.89
CA LYS A 47 -3.27 -1.11 10.07
C LYS A 47 -2.32 -1.82 9.10
N LEU A 48 -1.37 -1.05 8.58
CA LEU A 48 -0.38 -1.58 7.64
C LEU A 48 0.85 -2.08 8.36
N ASN A 49 1.22 -3.34 8.10
CA ASN A 49 2.39 -3.93 8.72
C ASN A 49 3.26 -4.62 7.67
N ILE A 50 4.54 -4.30 7.66
CA ILE A 50 5.48 -4.87 6.70
C ILE A 50 5.28 -6.38 6.55
N GLY A 51 5.43 -6.86 5.33
CA GLY A 51 5.25 -8.27 5.06
C GLY A 51 3.84 -8.61 4.64
N ASP A 52 3.05 -7.59 4.30
CA ASP A 52 1.67 -7.80 3.88
C ASP A 52 1.55 -7.67 2.36
N GLN A 53 0.42 -8.11 1.82
CA GLN A 53 0.20 -8.04 0.38
C GLN A 53 -1.02 -7.18 0.04
N ILE A 54 -0.77 -5.97 -0.46
CA ILE A 54 -1.85 -5.06 -0.83
C ILE A 54 -2.46 -5.44 -2.18
N MET A 55 -3.78 -5.55 -2.22
CA MET A 55 -4.48 -5.90 -3.45
C MET A 55 -4.96 -4.68 -4.21
N SER A 56 -5.91 -3.95 -3.62
CA SER A 56 -6.46 -2.76 -4.26
C SER A 56 -6.39 -1.54 -3.34
N ILE A 57 -6.10 -0.39 -3.92
CA ILE A 57 -6.01 0.85 -3.18
C ILE A 57 -7.03 1.87 -3.69
N ASN A 58 -7.89 2.35 -2.80
CA ASN A 58 -8.91 3.32 -3.16
C ASN A 58 -9.83 2.75 -4.24
N GLY A 59 -10.03 1.45 -4.21
CA GLY A 59 -10.87 0.79 -5.19
C GLY A 59 -10.15 0.47 -6.47
N THR A 60 -8.81 0.52 -6.42
CA THR A 60 -8.00 0.22 -7.60
C THR A 60 -7.26 -1.10 -7.43
N SER A 61 -7.85 -2.17 -7.97
CA SER A 61 -7.25 -3.49 -7.87
C SER A 61 -6.05 -3.60 -8.81
N LEU A 62 -4.94 -4.09 -8.28
CA LEU A 62 -3.73 -4.24 -9.08
C LEU A 62 -3.21 -5.68 -9.02
N VAL A 63 -4.06 -6.61 -8.58
CA VAL A 63 -3.67 -8.01 -8.50
C VAL A 63 -3.36 -8.55 -9.88
N GLY A 64 -2.11 -8.43 -10.29
CA GLY A 64 -1.69 -8.92 -11.59
C GLY A 64 -0.81 -7.91 -12.32
N LEU A 65 -0.91 -6.64 -11.94
CA LEU A 65 -0.11 -5.59 -12.57
C LEU A 65 1.35 -5.67 -12.14
N PRO A 66 2.22 -4.93 -12.84
CA PRO A 66 3.64 -4.88 -12.51
C PRO A 66 3.89 -4.16 -11.19
N LEU A 67 5.17 -4.02 -10.83
CA LEU A 67 5.53 -3.34 -9.60
C LEU A 67 5.44 -1.83 -9.77
N SER A 68 6.12 -1.32 -10.79
CA SER A 68 6.11 0.11 -11.06
C SER A 68 4.68 0.64 -11.18
N THR A 69 3.80 -0.16 -11.79
CA THR A 69 2.42 0.23 -11.95
C THR A 69 1.73 0.39 -10.60
N CYS A 70 1.99 -0.54 -9.68
CA CYS A 70 1.38 -0.46 -8.35
C CYS A 70 1.75 0.84 -7.66
N GLN A 71 3.05 1.14 -7.61
CA GLN A 71 3.50 2.37 -6.98
C GLN A 71 2.73 3.56 -7.53
N SER A 72 2.56 3.59 -8.84
CA SER A 72 1.83 4.66 -9.49
C SER A 72 0.39 4.72 -8.96
N ILE A 73 -0.17 3.55 -8.68
CA ILE A 73 -1.54 3.45 -8.16
C ILE A 73 -1.67 4.25 -6.86
N ILE A 74 -0.73 4.01 -5.94
CA ILE A 74 -0.73 4.70 -4.67
C ILE A 74 -0.32 6.16 -4.86
N LYS A 75 0.71 6.39 -5.67
CA LYS A 75 1.18 7.74 -5.93
C LYS A 75 0.07 8.63 -6.43
N GLY A 76 -0.95 8.00 -7.02
CA GLY A 76 -2.08 8.75 -7.55
C GLY A 76 -2.99 9.28 -6.45
N LEU A 77 -3.26 8.43 -5.45
CA LEU A 77 -4.12 8.83 -4.34
C LEU A 77 -3.32 9.48 -3.22
N LYS A 78 -2.52 10.48 -3.58
CA LYS A 78 -1.71 11.20 -2.60
C LYS A 78 -2.49 12.36 -1.99
N ASN A 79 -3.50 12.84 -2.72
CA ASN A 79 -4.32 13.96 -2.23
C ASN A 79 -5.76 13.52 -2.02
N GLN A 80 -5.97 12.60 -1.08
CA GLN A 80 -7.31 12.09 -0.78
C GLN A 80 -7.66 12.26 0.70
N SER A 81 -6.64 12.21 1.55
CA SER A 81 -6.82 12.34 3.00
C SER A 81 -7.24 11.01 3.63
N ARG A 82 -7.41 9.98 2.79
CA ARG A 82 -7.79 8.65 3.28
C ARG A 82 -7.32 7.59 2.28
N VAL A 83 -6.72 6.52 2.81
CA VAL A 83 -6.23 5.45 1.97
C VAL A 83 -6.90 4.12 2.30
N LYS A 84 -7.82 3.70 1.45
CA LYS A 84 -8.52 2.44 1.63
C LYS A 84 -7.78 1.32 0.91
N LEU A 85 -7.01 0.52 1.65
CA LEU A 85 -6.24 -0.55 1.05
C LEU A 85 -6.68 -1.93 1.51
N ASN A 86 -7.09 -2.74 0.55
CA ASN A 86 -7.49 -4.11 0.84
C ASN A 86 -6.28 -5.01 0.73
N ILE A 87 -5.58 -5.20 1.85
CA ILE A 87 -4.38 -6.01 1.86
C ILE A 87 -4.55 -7.30 2.64
N VAL A 88 -3.62 -8.22 2.44
CA VAL A 88 -3.65 -9.51 3.13
C VAL A 88 -2.62 -9.51 4.26
N ARG A 89 -3.12 -9.46 5.50
CA ARG A 89 -2.25 -9.46 6.67
C ARG A 89 -1.55 -10.80 6.82
N PRO B 1 13.89 3.99 -0.63
CA PRO B 1 12.94 3.80 -1.72
C PRO B 1 12.07 5.04 -1.96
N VAL B 2 11.29 5.01 -3.03
CA VAL B 2 10.42 6.12 -3.37
C VAL B 2 9.48 6.48 -2.22
N TYR B 3 8.92 5.45 -1.58
CA TYR B 3 8.01 5.65 -0.46
C TYR B 3 6.74 6.36 -0.91
N ILE B 4 5.73 5.57 -1.29
CA ILE B 4 4.46 6.13 -1.74
C ILE B 4 3.69 6.73 -0.57
N GLU A 1 -4.71 -13.28 5.08
CA GLU A 1 -5.98 -12.82 5.61
C GLU A 1 -6.29 -11.40 5.13
N PHE A 2 -7.27 -11.28 4.24
CA PHE A 2 -7.66 -9.98 3.70
C PHE A 2 -8.11 -9.04 4.82
N LYS A 3 -7.94 -7.74 4.59
CA LYS A 3 -8.33 -6.75 5.58
C LYS A 3 -8.39 -5.34 4.97
N ASP A 4 -9.56 -4.71 5.13
CA ASP A 4 -9.77 -3.36 4.62
C ASP A 4 -9.03 -2.33 5.46
N VAL A 5 -7.90 -1.86 4.95
CA VAL A 5 -7.09 -0.87 5.67
C VAL A 5 -7.62 0.54 5.43
N PHE A 6 -7.69 1.32 6.49
CA PHE A 6 -8.17 2.69 6.41
C PHE A 6 -7.13 3.65 6.99
N ILE A 7 -6.45 4.37 6.10
CA ILE A 7 -5.42 5.31 6.52
C ILE A 7 -5.90 6.75 6.36
N GLU A 8 -6.32 7.35 7.48
CA GLU A 8 -6.81 8.72 7.48
C GLU A 8 -5.64 9.68 7.67
N LYS A 9 -5.30 10.42 6.61
CA LYS A 9 -4.20 11.37 6.66
C LYS A 9 -4.56 12.67 5.96
N GLN A 10 -3.58 13.54 5.78
CA GLN A 10 -3.79 14.82 5.12
C GLN A 10 -3.11 14.84 3.76
N LYS A 11 -3.40 15.85 2.96
CA LYS A 11 -2.80 15.98 1.64
C LYS A 11 -1.30 16.21 1.75
N GLY A 12 -0.59 15.89 0.68
CA GLY A 12 0.85 16.07 0.68
C GLY A 12 1.53 15.20 1.71
N GLU A 13 0.85 14.16 2.19
CA GLU A 13 1.41 13.26 3.18
C GLU A 13 1.29 11.82 2.71
N ILE A 14 1.30 11.66 1.39
CA ILE A 14 1.21 10.35 0.71
C ILE A 14 0.84 9.21 1.67
N LEU A 15 1.82 8.75 2.43
CA LEU A 15 1.62 7.65 3.37
C LEU A 15 2.96 7.22 3.96
N GLY A 16 3.94 7.06 3.07
CA GLY A 16 5.27 6.66 3.49
C GLY A 16 5.46 5.16 3.57
N VAL A 17 5.42 4.49 2.42
CA VAL A 17 5.62 3.04 2.38
C VAL A 17 6.27 2.61 1.06
N VAL A 18 6.92 1.46 1.09
CA VAL A 18 7.58 0.92 -0.09
C VAL A 18 7.03 -0.46 -0.45
N ILE A 19 6.59 -0.61 -1.69
CA ILE A 19 6.02 -1.86 -2.15
C ILE A 19 6.89 -2.52 -3.21
N VAL A 20 6.82 -3.85 -3.29
CA VAL A 20 7.60 -4.61 -4.25
C VAL A 20 6.79 -5.79 -4.80
N GLU A 21 7.28 -6.41 -5.86
CA GLU A 21 6.60 -7.55 -6.47
C GLU A 21 6.45 -8.69 -5.47
N SER A 22 5.24 -9.22 -5.36
CA SER A 22 4.95 -10.32 -4.44
C SER A 22 5.61 -11.62 -4.92
N GLY A 23 6.87 -11.80 -4.55
CA GLY A 23 7.60 -13.00 -4.94
C GLY A 23 7.27 -14.19 -4.07
N TRP A 24 6.49 -13.96 -3.01
CA TRP A 24 6.09 -15.02 -2.09
C TRP A 24 5.42 -16.17 -2.86
N GLY A 25 4.72 -17.04 -2.14
CA GLY A 25 4.02 -18.14 -2.80
C GLY A 25 3.18 -17.67 -3.96
N SER A 26 2.78 -16.40 -3.91
CA SER A 26 1.97 -15.78 -4.96
C SER A 26 0.50 -16.10 -4.78
N ILE A 27 0.10 -16.16 -3.54
CA ILE A 27 -1.29 -16.41 -3.20
C ILE A 27 -2.18 -15.43 -3.96
N LEU A 28 -1.68 -14.21 -4.08
CA LEU A 28 -2.36 -13.14 -4.79
C LEU A 28 -1.33 -12.23 -5.45
N PRO A 29 -1.11 -12.38 -6.77
CA PRO A 29 -0.11 -11.58 -7.50
C PRO A 29 -0.27 -10.07 -7.27
N THR A 30 0.29 -9.58 -6.16
CA THR A 30 0.20 -8.16 -5.83
C THR A 30 1.58 -7.63 -5.41
N VAL A 31 1.59 -6.59 -4.57
CA VAL A 31 2.85 -6.03 -4.10
C VAL A 31 3.05 -6.30 -2.61
N ILE A 32 4.27 -6.08 -2.13
CA ILE A 32 4.59 -6.33 -0.73
C ILE A 32 5.24 -5.11 -0.07
N ILE A 33 4.73 -4.73 1.10
CA ILE A 33 5.29 -3.64 1.85
C ILE A 33 6.67 -4.02 2.35
N ALA A 34 7.66 -3.68 1.56
CA ALA A 34 9.04 -4.02 1.86
C ALA A 34 9.73 -2.93 2.67
N ASN A 35 9.08 -1.77 2.81
CA ASN A 35 9.67 -0.67 3.56
C ASN A 35 8.60 0.35 3.95
N MET A 36 8.90 1.17 4.95
CA MET A 36 7.97 2.17 5.43
C MET A 36 8.70 3.36 6.05
N MET A 37 8.13 4.55 5.90
CA MET A 37 8.72 5.77 6.44
C MET A 37 8.89 5.67 7.96
N HIS A 38 8.02 4.87 8.60
CA HIS A 38 8.08 4.70 10.04
C HIS A 38 7.87 6.02 10.76
N GLY A 39 6.71 6.64 10.53
CA GLY A 39 6.41 7.91 11.16
C GLY A 39 5.18 8.56 10.58
N GLY A 40 4.92 8.29 9.30
CA GLY A 40 3.75 8.86 8.64
C GLY A 40 2.48 8.16 9.05
N PRO A 41 1.35 8.45 8.38
CA PRO A 41 0.07 7.83 8.69
C PRO A 41 0.08 6.32 8.46
N ALA A 42 1.07 5.84 7.71
CA ALA A 42 1.19 4.43 7.42
C ALA A 42 1.53 3.65 8.70
N GLU A 43 2.53 4.13 9.42
CA GLU A 43 2.95 3.49 10.67
C GLU A 43 1.98 3.84 11.79
N LYS A 44 1.51 5.08 11.80
CA LYS A 44 0.58 5.54 12.83
C LYS A 44 -0.67 4.66 12.86
N SER A 45 -1.21 4.37 11.69
CA SER A 45 -2.41 3.54 11.58
C SER A 45 -2.19 2.19 12.25
N GLY A 46 -1.16 1.48 11.82
CA GLY A 46 -0.86 0.17 12.39
C GLY A 46 -1.40 -0.96 11.54
N LYS A 47 -2.49 -0.69 10.82
CA LYS A 47 -3.10 -1.70 9.96
C LYS A 47 -2.12 -2.15 8.89
N LEU A 48 -1.22 -1.25 8.49
CA LEU A 48 -0.23 -1.54 7.46
C LEU A 48 1.13 -1.84 8.10
N ASN A 49 1.69 -3.00 7.77
CA ASN A 49 2.99 -3.40 8.29
C ASN A 49 3.80 -4.15 7.25
N ILE A 50 5.13 -3.99 7.30
CA ILE A 50 6.01 -4.67 6.36
C ILE A 50 5.71 -6.15 6.27
N GLY A 51 5.89 -6.71 5.08
CA GLY A 51 5.63 -8.12 4.87
C GLY A 51 4.17 -8.40 4.60
N ASP A 52 3.44 -7.36 4.17
CA ASP A 52 2.02 -7.50 3.88
C ASP A 52 1.78 -7.59 2.37
N GLN A 53 0.54 -7.83 1.98
CA GLN A 53 0.20 -7.94 0.56
C GLN A 53 -1.01 -7.07 0.22
N ILE A 54 -0.78 -5.97 -0.49
CA ILE A 54 -1.86 -5.07 -0.87
C ILE A 54 -2.48 -5.49 -2.21
N MET A 55 -3.81 -5.50 -2.26
CA MET A 55 -4.53 -5.88 -3.47
C MET A 55 -4.95 -4.66 -4.27
N SER A 56 -5.91 -3.90 -3.73
CA SER A 56 -6.42 -2.72 -4.41
C SER A 56 -6.43 -1.51 -3.48
N ILE A 57 -6.15 -0.33 -4.05
CA ILE A 57 -6.13 0.89 -3.28
C ILE A 57 -7.25 1.82 -3.72
N ASN A 58 -8.25 2.02 -2.84
CA ASN A 58 -9.38 2.89 -3.14
C ASN A 58 -10.10 2.43 -4.40
N GLY A 59 -9.94 1.16 -4.76
CA GLY A 59 -10.60 0.62 -5.94
C GLY A 59 -9.61 0.16 -7.00
N THR A 60 -8.48 0.84 -7.10
CA THR A 60 -7.47 0.48 -8.09
C THR A 60 -6.87 -0.88 -7.78
N SER A 61 -7.30 -1.90 -8.54
CA SER A 61 -6.81 -3.25 -8.35
C SER A 61 -5.34 -3.38 -8.75
N LEU A 62 -4.57 -4.07 -7.90
CA LEU A 62 -3.14 -4.27 -8.17
C LEU A 62 -2.83 -5.73 -8.45
N VAL A 63 -3.73 -6.62 -8.03
CA VAL A 63 -3.54 -8.05 -8.23
C VAL A 63 -3.35 -8.39 -9.70
N GLY A 64 -2.10 -8.35 -10.16
CA GLY A 64 -1.82 -8.68 -11.55
C GLY A 64 -0.83 -7.72 -12.20
N LEU A 65 -1.07 -6.43 -12.06
CA LEU A 65 -0.19 -5.42 -12.66
C LEU A 65 1.20 -5.46 -12.04
N PRO A 66 2.20 -4.91 -12.75
CA PRO A 66 3.60 -4.88 -12.29
C PRO A 66 3.78 -4.04 -11.03
N LEU A 67 5.03 -3.92 -10.58
CA LEU A 67 5.35 -3.16 -9.38
C LEU A 67 5.36 -1.65 -9.65
N SER A 68 6.08 -1.25 -10.69
CA SER A 68 6.17 0.16 -11.05
C SER A 68 4.77 0.78 -11.18
N THR A 69 3.88 0.02 -11.79
CA THR A 69 2.50 0.48 -11.97
C THR A 69 1.81 0.68 -10.64
N CYS A 70 1.91 -0.31 -9.75
CA CYS A 70 1.27 -0.22 -8.44
C CYS A 70 1.73 1.02 -7.69
N GLN A 71 3.04 1.20 -7.55
CA GLN A 71 3.58 2.36 -6.86
C GLN A 71 2.93 3.64 -7.38
N SER A 72 2.87 3.76 -8.70
CA SER A 72 2.27 4.93 -9.32
C SER A 72 0.82 5.09 -8.86
N ILE A 73 0.15 3.96 -8.65
CA ILE A 73 -1.23 3.97 -8.19
C ILE A 73 -1.37 4.70 -6.87
N ILE A 74 -0.51 4.35 -5.92
CA ILE A 74 -0.54 4.96 -4.61
C ILE A 74 -0.15 6.44 -4.65
N LYS A 75 0.98 6.75 -5.27
CA LYS A 75 1.42 8.15 -5.35
C LYS A 75 0.41 9.01 -6.08
N GLY A 76 -0.45 8.36 -6.86
CA GLY A 76 -1.47 9.09 -7.60
C GLY A 76 -2.64 9.51 -6.73
N LEU A 77 -2.83 8.82 -5.61
CA LEU A 77 -3.91 9.14 -4.69
C LEU A 77 -3.38 9.65 -3.36
N LYS A 78 -2.39 10.53 -3.41
CA LYS A 78 -1.80 11.10 -2.22
C LYS A 78 -2.55 12.36 -1.77
N ASN A 79 -3.42 12.87 -2.64
CA ASN A 79 -4.19 14.08 -2.33
C ASN A 79 -5.56 13.74 -1.75
N GLN A 80 -5.61 12.73 -0.90
CA GLN A 80 -6.87 12.32 -0.27
C GLN A 80 -6.72 12.29 1.25
N SER A 81 -7.80 12.59 1.95
CA SER A 81 -7.79 12.60 3.42
C SER A 81 -7.99 11.20 3.99
N ARG A 82 -8.34 10.25 3.13
CA ARG A 82 -8.56 8.87 3.56
C ARG A 82 -8.14 7.89 2.47
N VAL A 83 -7.55 6.77 2.88
CA VAL A 83 -7.10 5.76 1.93
C VAL A 83 -7.64 4.38 2.29
N LYS A 84 -8.64 3.92 1.54
CA LYS A 84 -9.24 2.61 1.77
C LYS A 84 -8.49 1.55 0.99
N LEU A 85 -7.59 0.85 1.65
CA LEU A 85 -6.80 -0.20 1.02
C LEU A 85 -7.33 -1.58 1.36
N ASN A 86 -7.07 -2.53 0.49
CA ASN A 86 -7.49 -3.91 0.69
C ASN A 86 -6.27 -4.82 0.61
N ILE A 87 -5.72 -5.17 1.77
CA ILE A 87 -4.53 -6.01 1.80
C ILE A 87 -4.74 -7.30 2.59
N VAL A 88 -3.75 -8.18 2.53
CA VAL A 88 -3.80 -9.45 3.23
C VAL A 88 -2.59 -9.63 4.14
N ARG A 89 -2.83 -10.00 5.39
CA ARG A 89 -1.74 -10.20 6.35
C ARG A 89 -1.20 -11.62 6.27
N PRO B 1 13.65 3.46 -2.47
CA PRO B 1 12.94 2.50 -3.31
C PRO B 1 11.57 3.01 -3.76
N VAL B 2 11.51 4.26 -4.19
CA VAL B 2 10.27 4.87 -4.63
C VAL B 2 9.19 4.75 -3.55
N TYR B 3 9.15 5.72 -2.65
CA TYR B 3 8.17 5.73 -1.57
C TYR B 3 6.83 6.27 -2.03
N ILE B 4 5.75 5.72 -1.47
CA ILE B 4 4.41 6.16 -1.81
C ILE B 4 3.67 6.65 -0.57
N GLU A 1 -4.99 -13.28 5.68
CA GLU A 1 -6.37 -12.82 5.77
C GLU A 1 -6.50 -11.38 5.27
N PHE A 2 -7.46 -11.16 4.37
CA PHE A 2 -7.69 -9.83 3.83
C PHE A 2 -8.17 -8.88 4.90
N LYS A 3 -7.92 -7.59 4.70
CA LYS A 3 -8.34 -6.59 5.67
C LYS A 3 -8.35 -5.19 5.05
N ASP A 4 -9.50 -4.53 5.15
CA ASP A 4 -9.67 -3.19 4.63
C ASP A 4 -8.83 -2.19 5.43
N VAL A 5 -7.68 -1.83 4.88
CA VAL A 5 -6.78 -0.90 5.53
C VAL A 5 -7.20 0.54 5.27
N PHE A 6 -7.65 1.23 6.32
CA PHE A 6 -8.07 2.61 6.20
C PHE A 6 -7.10 3.54 6.92
N ILE A 7 -6.28 4.24 6.15
CA ILE A 7 -5.30 5.16 6.70
C ILE A 7 -5.73 6.61 6.50
N GLU A 8 -6.21 7.23 7.56
CA GLU A 8 -6.66 8.62 7.49
C GLU A 8 -5.48 9.57 7.66
N LYS A 9 -5.12 10.26 6.57
CA LYS A 9 -4.01 11.20 6.60
C LYS A 9 -4.39 12.51 5.92
N GLN A 10 -3.40 13.37 5.72
CA GLN A 10 -3.63 14.66 5.08
C GLN A 10 -2.96 14.71 3.73
N LYS A 11 -3.30 15.71 2.92
CA LYS A 11 -2.72 15.85 1.59
C LYS A 11 -1.23 16.13 1.69
N GLY A 12 -0.52 15.84 0.60
CA GLY A 12 0.91 16.07 0.59
C GLY A 12 1.65 15.21 1.59
N GLU A 13 0.99 14.15 2.07
CA GLU A 13 1.61 13.26 3.04
C GLU A 13 1.53 11.82 2.56
N ILE A 14 1.53 11.67 1.23
CA ILE A 14 1.47 10.37 0.56
C ILE A 14 0.87 9.26 1.43
N LEU A 15 1.71 8.69 2.29
CA LEU A 15 1.29 7.61 3.19
C LEU A 15 2.50 7.09 3.95
N GLY A 16 3.63 6.98 3.24
CA GLY A 16 4.85 6.50 3.86
C GLY A 16 5.02 5.00 3.82
N VAL A 17 5.13 4.43 2.63
CA VAL A 17 5.30 2.98 2.49
C VAL A 17 6.04 2.62 1.21
N VAL A 18 6.68 1.45 1.21
CA VAL A 18 7.42 0.98 0.04
C VAL A 18 6.96 -0.43 -0.34
N ILE A 19 6.39 -0.53 -1.53
CA ILE A 19 5.90 -1.80 -2.03
C ILE A 19 6.85 -2.40 -3.07
N VAL A 20 6.83 -3.73 -3.16
CA VAL A 20 7.68 -4.43 -4.11
C VAL A 20 6.94 -5.59 -4.75
N GLU A 21 7.53 -6.17 -5.79
CA GLU A 21 6.92 -7.29 -6.48
C GLU A 21 6.69 -8.46 -5.53
N SER A 22 5.48 -9.02 -5.58
CA SER A 22 5.13 -10.14 -4.72
C SER A 22 5.79 -11.44 -5.19
N GLY A 23 7.04 -11.65 -4.78
CA GLY A 23 7.75 -12.85 -5.16
C GLY A 23 7.42 -14.04 -4.29
N TRP A 24 6.70 -13.79 -3.19
CA TRP A 24 6.30 -14.85 -2.27
C TRP A 24 5.54 -15.95 -3.01
N GLY A 25 4.80 -16.78 -2.28
CA GLY A 25 4.02 -17.84 -2.91
C GLY A 25 3.20 -17.32 -4.07
N SER A 26 2.86 -16.03 -4.00
CA SER A 26 2.08 -15.36 -5.03
C SER A 26 0.61 -15.64 -4.88
N ILE A 27 0.18 -15.73 -3.64
CA ILE A 27 -1.22 -15.95 -3.32
C ILE A 27 -2.09 -14.98 -4.09
N LEU A 28 -1.60 -13.75 -4.20
CA LEU A 28 -2.27 -12.68 -4.91
C LEU A 28 -1.23 -11.77 -5.57
N PRO A 29 -0.80 -12.10 -6.79
CA PRO A 29 0.22 -11.33 -7.51
C PRO A 29 -0.07 -9.84 -7.55
N THR A 30 0.43 -9.10 -6.54
CA THR A 30 0.25 -7.66 -6.48
C THR A 30 1.54 -6.96 -6.05
N VAL A 31 1.68 -6.74 -4.75
CA VAL A 31 2.88 -6.09 -4.21
C VAL A 31 3.08 -6.42 -2.74
N ILE A 32 4.25 -6.10 -2.20
CA ILE A 32 4.55 -6.39 -0.80
C ILE A 32 5.13 -5.18 -0.08
N ILE A 33 4.58 -4.87 1.09
CA ILE A 33 5.08 -3.78 1.90
C ILE A 33 6.46 -4.14 2.42
N ALA A 34 7.46 -3.71 1.67
CA ALA A 34 8.83 -3.99 2.01
C ALA A 34 9.48 -2.88 2.83
N ASN A 35 8.72 -1.82 3.08
CA ASN A 35 9.22 -0.70 3.86
C ASN A 35 8.10 0.26 4.20
N MET A 36 8.24 0.98 5.31
CA MET A 36 7.22 1.93 5.74
C MET A 36 7.84 3.14 6.44
N MET A 37 7.58 4.32 5.89
CA MET A 37 8.10 5.56 6.46
C MET A 37 7.71 5.69 7.93
N HIS A 38 8.58 5.19 8.81
CA HIS A 38 8.33 5.23 10.24
C HIS A 38 8.17 6.67 10.72
N GLY A 39 6.96 7.20 10.56
CA GLY A 39 6.69 8.57 10.99
C GLY A 39 5.43 9.11 10.35
N GLY A 40 5.12 8.63 9.16
CA GLY A 40 3.93 9.07 8.46
C GLY A 40 2.68 8.39 8.98
N PRO A 41 1.55 8.50 8.26
CA PRO A 41 0.29 7.88 8.66
C PRO A 41 0.32 6.35 8.57
N ALA A 42 1.30 5.82 7.85
CA ALA A 42 1.42 4.39 7.68
C ALA A 42 1.78 3.71 8.99
N GLU A 43 2.81 4.24 9.67
CA GLU A 43 3.25 3.69 10.94
C GLU A 43 2.31 4.11 12.07
N LYS A 44 1.75 5.31 11.94
CA LYS A 44 0.84 5.84 12.95
C LYS A 44 -0.40 4.96 13.08
N SER A 45 -0.97 4.57 11.95
CA SER A 45 -2.17 3.74 11.93
C SER A 45 -1.87 2.37 12.55
N GLY A 46 -1.05 1.58 11.86
CA GLY A 46 -0.71 0.26 12.36
C GLY A 46 -1.35 -0.85 11.54
N LYS A 47 -2.46 -0.54 10.90
CA LYS A 47 -3.17 -1.53 10.09
C LYS A 47 -2.24 -2.14 9.04
N LEU A 48 -1.23 -1.37 8.64
CA LEU A 48 -0.27 -1.83 7.64
C LEU A 48 1.00 -2.35 8.30
N ASN A 49 1.48 -3.51 7.84
CA ASN A 49 2.69 -4.11 8.38
C ASN A 49 3.53 -4.72 7.27
N ILE A 50 4.83 -4.46 7.31
CA ILE A 50 5.75 -4.98 6.31
C ILE A 50 5.51 -6.46 6.04
N GLY A 51 5.69 -6.86 4.78
CA GLY A 51 5.48 -8.25 4.40
C GLY A 51 4.05 -8.54 4.00
N ASP A 52 3.19 -7.53 4.09
CA ASP A 52 1.79 -7.69 3.72
C ASP A 52 1.60 -7.48 2.22
N GLN A 53 0.45 -7.92 1.71
CA GLN A 53 0.17 -7.77 0.28
C GLN A 53 -1.07 -6.92 0.05
N ILE A 54 -0.90 -5.79 -0.63
CA ILE A 54 -2.02 -4.89 -0.91
C ILE A 54 -2.66 -5.22 -2.26
N MET A 55 -3.86 -5.77 -2.23
CA MET A 55 -4.57 -6.13 -3.44
C MET A 55 -5.01 -4.91 -4.23
N SER A 56 -5.93 -4.14 -3.67
CA SER A 56 -6.44 -2.94 -4.35
C SER A 56 -6.53 -1.76 -3.39
N ILE A 57 -6.33 -0.57 -3.93
CA ILE A 57 -6.39 0.65 -3.15
C ILE A 57 -7.51 1.57 -3.63
N ASN A 58 -8.53 1.73 -2.79
CA ASN A 58 -9.67 2.58 -3.13
C ASN A 58 -10.36 2.08 -4.40
N GLY A 59 -10.20 0.80 -4.70
CA GLY A 59 -10.83 0.24 -5.88
C GLY A 59 -9.83 -0.19 -6.95
N THR A 60 -8.70 0.51 -7.00
CA THR A 60 -7.66 0.20 -7.98
C THR A 60 -7.02 -1.15 -7.68
N SER A 61 -7.42 -2.16 -8.44
CA SER A 61 -6.87 -3.51 -8.26
C SER A 61 -5.40 -3.57 -8.68
N LEU A 62 -4.59 -4.24 -7.87
CA LEU A 62 -3.17 -4.38 -8.15
C LEU A 62 -2.82 -5.83 -8.49
N VAL A 63 -3.74 -6.75 -8.20
CA VAL A 63 -3.51 -8.17 -8.47
C VAL A 63 -3.43 -8.44 -9.97
N GLY A 64 -2.22 -8.46 -10.51
CA GLY A 64 -2.04 -8.74 -11.93
C GLY A 64 -1.08 -7.78 -12.61
N LEU A 65 -0.88 -6.60 -12.03
CA LEU A 65 0.02 -5.61 -12.61
C LEU A 65 1.38 -5.62 -11.91
N PRO A 66 2.42 -5.12 -12.60
CA PRO A 66 3.80 -5.07 -12.05
C PRO A 66 3.91 -4.18 -10.82
N LEU A 67 5.13 -4.00 -10.35
CA LEU A 67 5.40 -3.17 -9.18
C LEU A 67 5.36 -1.69 -9.52
N SER A 68 6.05 -1.31 -10.57
CA SER A 68 6.10 0.09 -11.00
C SER A 68 4.68 0.65 -11.15
N THR A 69 3.81 -0.16 -11.75
CA THR A 69 2.42 0.25 -11.94
C THR A 69 1.74 0.51 -10.61
N CYS A 70 1.88 -0.43 -9.67
CA CYS A 70 1.27 -0.29 -8.35
C CYS A 70 1.70 1.01 -7.68
N GLN A 71 3.02 1.25 -7.65
CA GLN A 71 3.54 2.46 -7.04
C GLN A 71 2.82 3.69 -7.57
N SER A 72 2.65 3.74 -8.89
CA SER A 72 1.96 4.85 -9.52
C SER A 72 0.53 4.96 -9.00
N ILE A 73 -0.09 3.81 -8.72
CA ILE A 73 -1.46 3.78 -8.21
C ILE A 73 -1.55 4.57 -6.91
N ILE A 74 -0.65 4.27 -5.97
CA ILE A 74 -0.64 4.95 -4.70
C ILE A 74 -0.21 6.41 -4.85
N LYS A 75 0.85 6.62 -5.63
CA LYS A 75 1.36 7.97 -5.86
C LYS A 75 0.26 8.89 -6.41
N GLY A 76 -0.75 8.28 -7.02
CA GLY A 76 -1.85 9.04 -7.58
C GLY A 76 -2.87 9.46 -6.53
N LEU A 77 -3.07 8.61 -5.52
CA LEU A 77 -4.03 8.90 -4.45
C LEU A 77 -3.34 9.55 -3.25
N LYS A 78 -2.33 10.37 -3.53
CA LYS A 78 -1.59 11.05 -2.48
C LYS A 78 -2.24 12.38 -2.11
N ASN A 79 -3.27 12.78 -2.84
CA ASN A 79 -3.95 14.05 -2.58
C ASN A 79 -5.33 13.86 -1.95
N GLN A 80 -5.42 12.95 -0.97
CA GLN A 80 -6.68 12.71 -0.29
C GLN A 80 -6.50 12.71 1.22
N SER A 81 -7.60 12.57 1.95
CA SER A 81 -7.56 12.58 3.41
C SER A 81 -7.68 11.15 3.98
N ARG A 82 -8.13 10.23 3.15
CA ARG A 82 -8.28 8.84 3.57
C ARG A 82 -7.65 7.89 2.55
N VAL A 83 -7.17 6.75 3.01
CA VAL A 83 -6.56 5.77 2.13
C VAL A 83 -7.15 4.37 2.33
N LYS A 84 -8.00 3.95 1.40
CA LYS A 84 -8.63 2.64 1.48
C LYS A 84 -7.75 1.61 0.75
N LEU A 85 -7.31 0.58 1.47
CA LEU A 85 -6.48 -0.45 0.85
C LEU A 85 -6.83 -1.84 1.33
N ASN A 86 -7.26 -2.67 0.41
CA ASN A 86 -7.61 -4.05 0.73
C ASN A 86 -6.37 -4.92 0.64
N ILE A 87 -5.76 -5.22 1.77
CA ILE A 87 -4.55 -6.02 1.80
C ILE A 87 -4.74 -7.32 2.59
N VAL A 88 -3.79 -8.22 2.44
CA VAL A 88 -3.82 -9.50 3.15
C VAL A 88 -2.71 -9.56 4.19
N ARG A 89 -3.07 -9.90 5.42
CA ARG A 89 -2.10 -9.99 6.51
C ARG A 89 -1.81 -11.45 6.87
N PRO B 1 14.52 2.79 -0.91
CA PRO B 1 13.51 2.71 -1.97
C PRO B 1 12.50 3.85 -1.89
N VAL B 2 11.89 4.18 -3.03
CA VAL B 2 10.91 5.25 -3.10
C VAL B 2 9.73 4.96 -2.18
N TYR B 3 9.24 6.00 -1.51
CA TYR B 3 8.11 5.85 -0.60
C TYR B 3 6.85 6.49 -1.15
N ILE B 4 5.75 5.75 -1.12
CA ILE B 4 4.47 6.24 -1.62
C ILE B 4 3.60 6.74 -0.47
N GLU A 1 -4.35 -13.19 5.75
CA GLU A 1 -5.76 -12.86 5.79
C GLU A 1 -6.03 -11.47 5.24
N PHE A 2 -7.08 -11.35 4.43
CA PHE A 2 -7.45 -10.08 3.82
C PHE A 2 -7.93 -9.10 4.89
N LYS A 3 -7.74 -7.80 4.64
CA LYS A 3 -8.18 -6.79 5.58
C LYS A 3 -8.24 -5.40 4.94
N ASP A 4 -9.40 -4.77 5.05
CA ASP A 4 -9.62 -3.44 4.50
C ASP A 4 -8.94 -2.38 5.36
N VAL A 5 -7.83 -1.85 4.87
CA VAL A 5 -7.09 -0.83 5.58
C VAL A 5 -7.66 0.56 5.34
N PHE A 6 -7.68 1.37 6.39
CA PHE A 6 -8.20 2.72 6.31
C PHE A 6 -7.24 3.70 6.98
N ILE A 7 -6.50 4.45 6.17
CA ILE A 7 -5.52 5.40 6.68
C ILE A 7 -6.02 6.84 6.52
N GLU A 8 -6.56 7.40 7.60
CA GLU A 8 -7.05 8.77 7.57
C GLU A 8 -5.90 9.74 7.86
N LYS A 9 -5.50 10.49 6.83
CA LYS A 9 -4.41 11.43 6.98
C LYS A 9 -4.71 12.72 6.21
N GLN A 10 -3.71 13.60 6.15
CA GLN A 10 -3.85 14.87 5.44
C GLN A 10 -3.09 14.83 4.13
N LYS A 11 -3.33 15.84 3.29
CA LYS A 11 -2.65 15.91 2.00
C LYS A 11 -1.16 16.12 2.18
N GLY A 12 -0.39 15.75 1.17
CA GLY A 12 1.04 15.89 1.25
C GLY A 12 1.67 14.92 2.23
N GLU A 13 0.89 13.96 2.72
CA GLU A 13 1.38 12.97 3.65
C GLU A 13 1.23 11.57 3.07
N ILE A 14 1.34 11.51 1.74
CA ILE A 14 1.23 10.25 0.98
C ILE A 14 0.84 9.06 1.84
N LEU A 15 1.81 8.56 2.60
CA LEU A 15 1.60 7.41 3.49
C LEU A 15 2.94 6.97 4.07
N GLY A 16 3.95 6.95 3.21
CA GLY A 16 5.28 6.54 3.65
C GLY A 16 5.48 5.04 3.67
N VAL A 17 5.37 4.40 2.52
CA VAL A 17 5.56 2.95 2.44
C VAL A 17 6.22 2.53 1.12
N VAL A 18 6.86 1.37 1.14
CA VAL A 18 7.52 0.85 -0.05
C VAL A 18 6.94 -0.50 -0.44
N ILE A 19 6.63 -0.65 -1.73
CA ILE A 19 6.06 -1.88 -2.23
C ILE A 19 6.97 -2.56 -3.25
N VAL A 20 6.80 -3.87 -3.40
CA VAL A 20 7.61 -4.64 -4.34
C VAL A 20 6.81 -5.81 -4.90
N GLU A 21 7.30 -6.42 -5.98
CA GLU A 21 6.62 -7.55 -6.59
C GLU A 21 6.46 -8.70 -5.61
N SER A 22 5.25 -9.25 -5.52
CA SER A 22 4.97 -10.35 -4.61
C SER A 22 5.65 -11.63 -5.07
N GLY A 23 6.92 -11.80 -4.70
CA GLY A 23 7.67 -12.98 -5.08
C GLY A 23 7.43 -14.15 -4.16
N TRP A 24 6.61 -13.95 -3.13
CA TRP A 24 6.27 -14.99 -2.18
C TRP A 24 5.69 -16.21 -2.90
N GLY A 25 5.03 -17.09 -2.17
CA GLY A 25 4.43 -18.26 -2.78
C GLY A 25 3.58 -17.90 -3.98
N SER A 26 3.09 -16.67 -3.99
CA SER A 26 2.25 -16.15 -5.07
C SER A 26 0.81 -16.56 -4.91
N ILE A 27 0.22 -16.07 -3.83
CA ILE A 27 -1.16 -16.33 -3.53
C ILE A 27 -2.06 -15.37 -4.31
N LEU A 28 -1.52 -14.18 -4.53
CA LEU A 28 -2.21 -13.12 -5.26
C LEU A 28 -1.17 -12.16 -5.83
N PRO A 29 -0.85 -12.27 -7.12
CA PRO A 29 0.16 -11.42 -7.77
C PRO A 29 -0.06 -9.93 -7.54
N THR A 30 0.41 -9.44 -6.40
CA THR A 30 0.28 -8.02 -6.05
C THR A 30 1.61 -7.49 -5.53
N VAL A 31 1.57 -6.40 -4.76
CA VAL A 31 2.79 -5.81 -4.22
C VAL A 31 2.95 -6.09 -2.73
N ILE A 32 4.19 -6.11 -2.25
CA ILE A 32 4.49 -6.37 -0.85
C ILE A 32 5.12 -5.18 -0.16
N ILE A 33 4.62 -4.83 1.01
CA ILE A 33 5.19 -3.74 1.78
C ILE A 33 6.55 -4.15 2.27
N ALA A 34 7.55 -3.84 1.47
CA ALA A 34 8.92 -4.19 1.77
C ALA A 34 9.60 -3.14 2.63
N ASN A 35 8.97 -1.98 2.80
CA ASN A 35 9.54 -0.92 3.62
C ASN A 35 8.48 0.10 4.01
N MET A 36 8.78 0.86 5.06
CA MET A 36 7.87 1.87 5.56
C MET A 36 8.62 3.04 6.18
N MET A 37 8.20 4.26 5.85
CA MET A 37 8.84 5.46 6.38
C MET A 37 8.95 5.41 7.90
N HIS A 38 8.04 4.68 8.54
CA HIS A 38 8.04 4.55 9.99
C HIS A 38 7.92 5.92 10.65
N GLY A 39 6.88 6.66 10.27
CA GLY A 39 6.66 7.98 10.84
C GLY A 39 5.42 8.64 10.29
N GLY A 40 5.15 8.42 9.01
CA GLY A 40 3.98 9.00 8.38
C GLY A 40 2.69 8.42 8.94
N PRO A 41 1.56 8.64 8.27
CA PRO A 41 0.27 8.11 8.72
C PRO A 41 0.19 6.60 8.59
N ALA A 42 1.08 6.02 7.79
CA ALA A 42 1.12 4.59 7.59
C ALA A 42 1.55 3.88 8.87
N GLU A 43 2.59 4.41 9.51
CA GLU A 43 3.11 3.85 10.74
C GLU A 43 2.21 4.21 11.91
N LYS A 44 1.73 5.45 11.91
CA LYS A 44 0.86 5.94 12.97
C LYS A 44 -0.39 5.09 13.10
N SER A 45 -1.03 4.80 11.96
CA SER A 45 -2.24 3.99 11.94
C SER A 45 -1.97 2.59 12.48
N GLY A 46 -1.10 1.85 11.81
CA GLY A 46 -0.78 0.51 12.23
C GLY A 46 -1.41 -0.55 11.33
N LYS A 47 -2.47 -0.18 10.64
CA LYS A 47 -3.16 -1.10 9.74
C LYS A 47 -2.19 -1.65 8.68
N LEU A 48 -1.27 -0.79 8.23
CA LEU A 48 -0.31 -1.18 7.22
C LEU A 48 1.04 -1.49 7.87
N ASN A 49 1.36 -2.78 7.97
CA ASN A 49 2.62 -3.21 8.56
C ASN A 49 3.42 -4.04 7.56
N ILE A 50 4.74 -3.85 7.54
CA ILE A 50 5.60 -4.58 6.64
C ILE A 50 5.29 -6.08 6.62
N GLY A 51 5.44 -6.67 5.45
CA GLY A 51 5.15 -8.10 5.30
C GLY A 51 3.74 -8.36 4.81
N ASP A 52 3.00 -7.29 4.49
CA ASP A 52 1.64 -7.42 4.00
C ASP A 52 1.59 -7.14 2.51
N GLN A 53 0.63 -7.76 1.83
CA GLN A 53 0.47 -7.57 0.39
C GLN A 53 -0.82 -6.85 0.06
N ILE A 54 -0.71 -5.76 -0.69
CA ILE A 54 -1.87 -4.97 -1.07
C ILE A 54 -2.48 -5.48 -2.37
N MET A 55 -3.80 -5.60 -2.40
CA MET A 55 -4.50 -6.09 -3.58
C MET A 55 -5.03 -4.93 -4.43
N SER A 56 -5.85 -4.08 -3.83
CA SER A 56 -6.41 -2.93 -4.53
C SER A 56 -6.62 -1.75 -3.60
N ILE A 57 -6.43 -0.54 -4.14
CA ILE A 57 -6.60 0.68 -3.38
C ILE A 57 -7.75 1.51 -3.93
N ASN A 58 -8.75 1.76 -3.08
CA ASN A 58 -9.91 2.54 -3.47
C ASN A 58 -10.59 1.94 -4.71
N GLY A 59 -10.45 0.63 -4.87
CA GLY A 59 -11.05 -0.04 -6.01
C GLY A 59 -10.05 -0.40 -7.08
N THR A 60 -8.95 0.35 -7.14
CA THR A 60 -7.91 0.09 -8.13
C THR A 60 -7.24 -1.26 -7.89
N SER A 61 -7.61 -2.25 -8.69
CA SER A 61 -7.05 -3.59 -8.56
C SER A 61 -5.58 -3.62 -8.96
N LEU A 62 -4.76 -4.23 -8.11
CA LEU A 62 -3.33 -4.33 -8.37
C LEU A 62 -2.94 -5.78 -8.69
N VAL A 63 -3.73 -6.72 -8.20
CA VAL A 63 -3.47 -8.13 -8.42
C VAL A 63 -3.34 -8.46 -9.90
N GLY A 64 -2.12 -8.37 -10.43
CA GLY A 64 -1.90 -8.66 -11.83
C GLY A 64 -0.87 -7.76 -12.49
N LEU A 65 -0.88 -6.49 -12.11
CA LEU A 65 0.06 -5.52 -12.68
C LEU A 65 1.41 -5.55 -11.94
N PRO A 66 2.48 -5.05 -12.59
CA PRO A 66 3.81 -5.01 -12.00
C PRO A 66 3.91 -4.09 -10.79
N LEU A 67 5.12 -3.89 -10.30
CA LEU A 67 5.35 -3.03 -9.14
C LEU A 67 5.30 -1.55 -9.53
N SER A 68 5.96 -1.21 -10.64
CA SER A 68 5.98 0.17 -11.11
C SER A 68 4.56 0.72 -11.23
N THR A 69 3.67 -0.10 -11.78
CA THR A 69 2.28 0.29 -11.95
C THR A 69 1.62 0.52 -10.59
N CYS A 70 1.80 -0.44 -9.68
CA CYS A 70 1.21 -0.33 -8.34
C CYS A 70 1.64 0.95 -7.63
N GLN A 71 2.95 1.14 -7.50
CA GLN A 71 3.47 2.35 -6.84
C GLN A 71 2.79 3.58 -7.42
N SER A 72 2.64 3.61 -8.73
CA SER A 72 1.99 4.72 -9.40
C SER A 72 0.55 4.87 -8.92
N ILE A 73 -0.09 3.74 -8.64
CA ILE A 73 -1.47 3.73 -8.15
C ILE A 73 -1.58 4.52 -6.86
N ILE A 74 -0.69 4.21 -5.91
CA ILE A 74 -0.69 4.87 -4.62
C ILE A 74 -0.19 6.31 -4.75
N LYS A 75 0.91 6.48 -5.47
CA LYS A 75 1.49 7.80 -5.68
C LYS A 75 0.47 8.76 -6.27
N GLY A 76 -0.53 8.21 -6.94
CA GLY A 76 -1.57 9.02 -7.54
C GLY A 76 -2.47 9.66 -6.49
N LEU A 77 -2.92 8.84 -5.53
CA LEU A 77 -3.79 9.32 -4.46
C LEU A 77 -2.96 9.92 -3.32
N LYS A 78 -2.12 10.89 -3.66
CA LYS A 78 -1.28 11.55 -2.66
C LYS A 78 -2.00 12.73 -2.02
N ASN A 79 -3.04 13.23 -2.68
CA ASN A 79 -3.79 14.37 -2.17
C ASN A 79 -5.18 13.96 -1.69
N GLN A 80 -5.24 12.98 -0.79
CA GLN A 80 -6.51 12.51 -0.24
C GLN A 80 -6.48 12.54 1.29
N SER A 81 -7.66 12.63 1.90
CA SER A 81 -7.76 12.68 3.35
C SER A 81 -7.98 11.30 3.95
N ARG A 82 -8.29 10.32 3.11
CA ARG A 82 -8.51 8.95 3.55
C ARG A 82 -7.98 7.97 2.53
N VAL A 83 -7.35 6.90 3.01
CA VAL A 83 -6.79 5.88 2.12
C VAL A 83 -7.40 4.51 2.39
N LYS A 84 -8.29 4.09 1.50
CA LYS A 84 -8.93 2.79 1.60
C LYS A 84 -8.17 1.76 0.81
N LEU A 85 -7.67 0.73 1.50
CA LEU A 85 -6.90 -0.31 0.83
C LEU A 85 -7.38 -1.70 1.24
N ASN A 86 -7.18 -2.66 0.36
CA ASN A 86 -7.56 -4.04 0.63
C ASN A 86 -6.33 -4.92 0.55
N ILE A 87 -5.68 -5.13 1.69
CA ILE A 87 -4.45 -5.93 1.71
C ILE A 87 -4.62 -7.20 2.54
N VAL A 88 -3.62 -8.07 2.46
CA VAL A 88 -3.63 -9.33 3.20
C VAL A 88 -2.44 -9.41 4.15
N ARG A 89 -2.73 -9.41 5.45
CA ARG A 89 -1.69 -9.49 6.45
C ARG A 89 -1.11 -10.90 6.54
N PRO B 1 14.05 3.37 -1.32
CA PRO B 1 13.51 2.56 -2.41
C PRO B 1 12.12 3.01 -2.86
N VAL B 2 11.98 4.30 -3.12
CA VAL B 2 10.71 4.87 -3.56
C VAL B 2 9.62 4.66 -2.51
N TYR B 3 9.02 5.76 -2.06
CA TYR B 3 7.96 5.69 -1.05
C TYR B 3 6.65 6.24 -1.60
N ILE B 4 5.54 5.63 -1.19
CA ILE B 4 4.23 6.06 -1.64
C ILE B 4 3.39 6.53 -0.45
N GLU A 1 -4.82 -13.41 6.25
CA GLU A 1 -6.22 -13.00 6.22
C GLU A 1 -6.35 -11.58 5.65
N PHE A 2 -7.31 -11.39 4.75
CA PHE A 2 -7.55 -10.09 4.13
C PHE A 2 -7.99 -9.07 5.18
N LYS A 3 -7.74 -7.80 4.90
CA LYS A 3 -8.13 -6.75 5.82
C LYS A 3 -8.17 -5.38 5.14
N ASP A 4 -9.30 -4.71 5.30
CA ASP A 4 -9.51 -3.38 4.73
C ASP A 4 -8.76 -2.33 5.54
N VAL A 5 -7.62 -1.90 5.02
CA VAL A 5 -6.80 -0.90 5.70
C VAL A 5 -7.31 0.51 5.40
N PHE A 6 -7.39 1.33 6.44
CA PHE A 6 -7.85 2.71 6.29
C PHE A 6 -6.86 3.68 6.89
N ILE A 7 -6.11 4.37 6.02
CA ILE A 7 -5.13 5.34 6.47
C ILE A 7 -5.62 6.76 6.25
N GLU A 8 -6.11 7.37 7.32
CA GLU A 8 -6.62 8.74 7.27
C GLU A 8 -5.49 9.72 7.57
N LYS A 9 -5.05 10.45 6.55
CA LYS A 9 -3.97 11.41 6.70
C LYS A 9 -4.31 12.73 6.01
N GLN A 10 -3.29 13.57 5.83
CA GLN A 10 -3.47 14.85 5.18
C GLN A 10 -2.88 14.82 3.79
N LYS A 11 -3.28 15.78 2.95
CA LYS A 11 -2.77 15.86 1.59
C LYS A 11 -1.26 16.07 1.59
N GLY A 12 -0.63 15.73 0.48
CA GLY A 12 0.81 15.87 0.38
C GLY A 12 1.53 15.05 1.43
N GLU A 13 0.85 14.05 1.99
CA GLU A 13 1.43 13.20 2.99
C GLU A 13 1.32 11.75 2.57
N ILE A 14 1.33 11.55 1.26
CA ILE A 14 1.25 10.22 0.62
C ILE A 14 0.78 9.13 1.58
N LEU A 15 1.71 8.62 2.37
CA LEU A 15 1.41 7.56 3.34
C LEU A 15 2.70 7.09 4.00
N GLY A 16 3.70 6.83 3.17
CA GLY A 16 4.98 6.39 3.67
C GLY A 16 5.13 4.87 3.74
N VAL A 17 5.16 4.23 2.58
CA VAL A 17 5.31 2.78 2.52
C VAL A 17 5.99 2.35 1.20
N VAL A 18 6.62 1.19 1.21
CA VAL A 18 7.29 0.68 0.03
C VAL A 18 6.71 -0.66 -0.38
N ILE A 19 6.26 -0.73 -1.63
CA ILE A 19 5.69 -1.94 -2.18
C ILE A 19 6.60 -2.54 -3.24
N VAL A 20 6.70 -3.86 -3.26
CA VAL A 20 7.54 -4.55 -4.22
C VAL A 20 6.80 -5.72 -4.86
N GLU A 21 7.38 -6.28 -5.92
CA GLU A 21 6.77 -7.41 -6.61
C GLU A 21 6.58 -8.58 -5.66
N SER A 22 5.38 -9.17 -5.68
CA SER A 22 5.06 -10.29 -4.82
C SER A 22 5.75 -11.57 -5.27
N GLY A 23 7.00 -11.74 -4.86
CA GLY A 23 7.75 -12.93 -5.25
C GLY A 23 7.49 -14.12 -4.35
N TRP A 24 6.76 -13.87 -3.26
CA TRP A 24 6.40 -14.92 -2.31
C TRP A 24 5.69 -16.07 -3.03
N GLY A 25 4.99 -16.92 -2.27
CA GLY A 25 4.27 -18.02 -2.88
C GLY A 25 3.40 -17.56 -4.03
N SER A 26 2.99 -16.29 -3.99
CA SER A 26 2.17 -15.68 -5.02
C SER A 26 0.71 -16.03 -4.83
N ILE A 27 0.26 -15.89 -3.60
CA ILE A 27 -1.11 -16.14 -3.24
C ILE A 27 -2.04 -15.30 -4.12
N LEU A 28 -1.66 -14.05 -4.32
CA LEU A 28 -2.41 -13.11 -5.15
C LEU A 28 -1.45 -12.07 -5.72
N PRO A 29 -0.86 -12.35 -6.90
CA PRO A 29 0.10 -11.46 -7.54
C PRO A 29 -0.30 -9.99 -7.51
N THR A 30 0.42 -9.20 -6.71
CA THR A 30 0.18 -7.76 -6.60
C THR A 30 1.45 -7.04 -6.16
N VAL A 31 1.62 -6.86 -4.84
CA VAL A 31 2.79 -6.19 -4.30
C VAL A 31 2.99 -6.54 -2.83
N ILE A 32 4.16 -6.20 -2.29
CA ILE A 32 4.47 -6.49 -0.89
C ILE A 32 5.06 -5.29 -0.17
N ILE A 33 4.51 -4.97 1.00
CA ILE A 33 5.01 -3.87 1.79
C ILE A 33 6.37 -4.25 2.34
N ALA A 34 7.40 -3.84 1.62
CA ALA A 34 8.77 -4.16 1.98
C ALA A 34 9.43 -3.05 2.79
N ASN A 35 8.71 -1.96 3.02
CA ASN A 35 9.24 -0.84 3.80
C ASN A 35 8.14 0.14 4.19
N MET A 36 8.40 0.94 5.22
CA MET A 36 7.43 1.91 5.70
C MET A 36 8.09 3.09 6.39
N MET A 37 7.64 4.30 6.07
CA MET A 37 8.18 5.50 6.67
C MET A 37 7.74 5.62 8.13
N HIS A 38 8.63 5.23 9.04
CA HIS A 38 8.32 5.29 10.47
C HIS A 38 8.12 6.73 10.92
N GLY A 39 6.95 7.28 10.62
CA GLY A 39 6.64 8.64 11.00
C GLY A 39 5.37 9.16 10.36
N GLY A 40 5.13 8.73 9.13
CA GLY A 40 3.94 9.15 8.43
C GLY A 40 2.70 8.48 8.96
N PRO A 41 1.56 8.62 8.27
CA PRO A 41 0.30 8.00 8.69
C PRO A 41 0.31 6.48 8.56
N ALA A 42 1.28 5.96 7.80
CA ALA A 42 1.40 4.52 7.60
C ALA A 42 1.73 3.82 8.90
N GLU A 43 2.75 4.33 9.58
CA GLU A 43 3.19 3.76 10.86
C GLU A 43 2.25 4.17 11.98
N LYS A 44 1.80 5.42 11.94
CA LYS A 44 0.90 5.95 12.97
C LYS A 44 -0.37 5.12 13.08
N SER A 45 -0.97 4.82 11.93
CA SER A 45 -2.19 4.03 11.89
C SER A 45 -2.00 2.68 12.58
N GLY A 46 -1.12 1.85 12.02
CA GLY A 46 -0.87 0.55 12.59
C GLY A 46 -1.58 -0.56 11.82
N LYS A 47 -2.46 -0.17 10.89
CA LYS A 47 -3.21 -1.13 10.10
C LYS A 47 -2.30 -1.79 9.07
N LEU A 48 -1.30 -1.04 8.60
CA LEU A 48 -0.36 -1.54 7.62
C LEU A 48 0.91 -2.05 8.29
N ASN A 49 1.32 -3.26 7.93
CA ASN A 49 2.52 -3.85 8.50
C ASN A 49 3.32 -4.59 7.43
N ILE A 50 4.64 -4.37 7.41
CA ILE A 50 5.52 -5.00 6.44
C ILE A 50 5.23 -6.49 6.32
N GLY A 51 5.36 -7.00 5.10
CA GLY A 51 5.12 -8.40 4.85
C GLY A 51 3.68 -8.67 4.43
N ASP A 52 2.94 -7.62 4.09
CA ASP A 52 1.55 -7.76 3.68
C ASP A 52 1.41 -7.51 2.18
N GLN A 53 0.32 -7.99 1.60
CA GLN A 53 0.07 -7.81 0.17
C GLN A 53 -1.16 -6.94 -0.07
N ILE A 54 -0.96 -5.80 -0.73
CA ILE A 54 -2.06 -4.88 -1.01
C ILE A 54 -2.70 -5.20 -2.36
N MET A 55 -3.96 -5.65 -2.32
CA MET A 55 -4.68 -6.00 -3.54
C MET A 55 -5.09 -4.75 -4.32
N SER A 56 -5.99 -3.97 -3.75
CA SER A 56 -6.48 -2.76 -4.41
C SER A 56 -6.50 -1.58 -3.45
N ILE A 57 -6.53 -0.37 -4.01
CA ILE A 57 -6.57 0.85 -3.22
C ILE A 57 -7.84 1.63 -3.51
N ASN A 58 -8.72 1.69 -2.51
CA ASN A 58 -9.99 2.42 -2.64
C ASN A 58 -10.68 2.10 -3.97
N GLY A 59 -10.44 0.91 -4.50
CA GLY A 59 -11.06 0.52 -5.75
C GLY A 59 -10.06 0.17 -6.84
N THR A 60 -8.88 0.79 -6.80
CA THR A 60 -7.85 0.54 -7.79
C THR A 60 -7.11 -0.76 -7.51
N SER A 61 -7.49 -1.82 -8.23
CA SER A 61 -6.86 -3.12 -8.05
C SER A 61 -5.59 -3.21 -8.89
N LEU A 62 -4.53 -3.78 -8.31
CA LEU A 62 -3.26 -3.92 -9.02
C LEU A 62 -2.76 -5.36 -8.94
N VAL A 63 -3.69 -6.30 -8.75
CA VAL A 63 -3.33 -7.71 -8.65
C VAL A 63 -3.01 -8.28 -10.03
N GLY A 64 -1.73 -8.26 -10.40
CA GLY A 64 -1.33 -8.78 -11.69
C GLY A 64 -0.43 -7.83 -12.47
N LEU A 65 -0.43 -6.55 -12.09
CA LEU A 65 0.41 -5.57 -12.77
C LEU A 65 1.79 -5.46 -12.11
N PRO A 66 2.76 -4.87 -12.83
CA PRO A 66 4.12 -4.71 -12.33
C PRO A 66 4.20 -3.85 -11.07
N LEU A 67 5.40 -3.65 -10.56
CA LEU A 67 5.60 -2.85 -9.36
C LEU A 67 5.53 -1.35 -9.66
N SER A 68 6.18 -0.94 -10.75
CA SER A 68 6.19 0.47 -11.15
C SER A 68 4.75 1.00 -11.24
N THR A 69 3.87 0.20 -11.83
CA THR A 69 2.49 0.59 -11.97
C THR A 69 1.82 0.75 -10.61
N CYS A 70 2.02 -0.23 -9.74
CA CYS A 70 1.44 -0.19 -8.40
C CYS A 70 1.83 1.08 -7.66
N GLN A 71 3.13 1.30 -7.50
CA GLN A 71 3.63 2.49 -6.82
C GLN A 71 2.94 3.73 -7.38
N SER A 72 2.77 3.75 -8.69
CA SER A 72 2.11 4.86 -9.35
C SER A 72 0.67 4.99 -8.87
N ILE A 73 0.04 3.83 -8.63
CA ILE A 73 -1.35 3.79 -8.17
C ILE A 73 -1.51 4.54 -6.85
N ILE A 74 -0.65 4.23 -5.89
CA ILE A 74 -0.71 4.85 -4.58
C ILE A 74 -0.32 6.33 -4.62
N LYS A 75 0.81 6.63 -5.24
CA LYS A 75 1.27 8.02 -5.33
C LYS A 75 0.23 8.87 -6.05
N GLY A 76 -0.61 8.23 -6.84
CA GLY A 76 -1.65 8.95 -7.56
C GLY A 76 -2.79 9.37 -6.66
N LEU A 77 -3.05 8.61 -5.61
CA LEU A 77 -4.13 8.93 -4.68
C LEU A 77 -3.58 9.49 -3.38
N LYS A 78 -2.49 10.26 -3.48
CA LYS A 78 -1.87 10.87 -2.33
C LYS A 78 -2.49 12.24 -2.00
N ASN A 79 -3.40 12.70 -2.86
CA ASN A 79 -4.04 13.99 -2.65
C ASN A 79 -5.41 13.84 -1.96
N GLN A 80 -5.50 12.88 -1.06
CA GLN A 80 -6.75 12.65 -0.32
C GLN A 80 -6.48 12.55 1.18
N SER A 81 -7.56 12.54 1.96
CA SER A 81 -7.44 12.48 3.42
C SER A 81 -7.65 11.05 3.94
N ARG A 82 -8.07 10.14 3.06
CA ARG A 82 -8.29 8.76 3.44
C ARG A 82 -7.80 7.81 2.36
N VAL A 83 -7.18 6.71 2.76
CA VAL A 83 -6.66 5.74 1.82
C VAL A 83 -7.10 4.32 2.17
N LYS A 84 -8.04 3.78 1.39
CA LYS A 84 -8.54 2.43 1.61
C LYS A 84 -7.69 1.41 0.86
N LEU A 85 -7.29 0.35 1.55
CA LEU A 85 -6.46 -0.69 0.94
C LEU A 85 -6.86 -2.07 1.42
N ASN A 86 -7.30 -2.90 0.49
CA ASN A 86 -7.67 -4.26 0.83
C ASN A 86 -6.45 -5.16 0.70
N ILE A 87 -5.71 -5.29 1.80
CA ILE A 87 -4.50 -6.09 1.79
C ILE A 87 -4.64 -7.35 2.65
N VAL A 88 -3.69 -8.27 2.48
CA VAL A 88 -3.70 -9.52 3.23
C VAL A 88 -2.57 -9.52 4.26
N ARG A 89 -2.93 -9.71 5.53
CA ARG A 89 -1.95 -9.74 6.60
C ARG A 89 -1.50 -11.16 6.91
N PRO B 1 14.27 2.14 -1.92
CA PRO B 1 13.13 1.89 -2.79
C PRO B 1 12.13 3.04 -2.79
N VAL B 2 11.28 3.08 -3.81
CA VAL B 2 10.26 4.12 -3.92
C VAL B 2 9.35 4.12 -2.70
N TYR B 3 8.95 5.31 -2.25
CA TYR B 3 8.08 5.44 -1.09
C TYR B 3 6.77 6.13 -1.46
N ILE B 4 5.68 5.39 -1.32
CA ILE B 4 4.35 5.93 -1.63
C ILE B 4 3.66 6.44 -0.37
N GLU A 1 -4.37 -13.27 5.68
CA GLU A 1 -5.81 -13.01 5.72
C GLU A 1 -6.13 -11.61 5.20
N PHE A 2 -7.13 -11.54 4.33
CA PHE A 2 -7.55 -10.26 3.75
C PHE A 2 -8.04 -9.32 4.84
N LYS A 3 -7.85 -8.01 4.63
CA LYS A 3 -8.29 -7.03 5.59
C LYS A 3 -8.21 -5.61 5.03
N ASP A 4 -9.32 -4.90 5.11
CA ASP A 4 -9.39 -3.52 4.63
C ASP A 4 -8.53 -2.62 5.51
N VAL A 5 -7.72 -1.79 4.88
CA VAL A 5 -6.83 -0.88 5.60
C VAL A 5 -7.20 0.57 5.34
N PHE A 6 -7.70 1.24 6.36
CA PHE A 6 -8.07 2.63 6.22
C PHE A 6 -7.01 3.55 6.83
N ILE A 7 -6.39 4.36 5.98
CA ILE A 7 -5.36 5.28 6.43
C ILE A 7 -5.80 6.72 6.23
N GLU A 8 -6.27 7.33 7.32
CA GLU A 8 -6.72 8.72 7.29
C GLU A 8 -5.55 9.66 7.57
N LYS A 9 -5.38 10.65 6.70
CA LYS A 9 -4.29 11.61 6.87
C LYS A 9 -4.59 12.92 6.13
N GLN A 10 -3.57 13.75 5.98
CA GLN A 10 -3.70 15.03 5.30
C GLN A 10 -2.85 15.04 4.04
N LYS A 11 -3.08 16.04 3.19
CA LYS A 11 -2.33 16.17 1.95
C LYS A 11 -0.85 16.36 2.23
N GLY A 12 -0.01 16.04 1.25
CA GLY A 12 1.41 16.18 1.41
C GLY A 12 2.00 15.14 2.36
N GLU A 13 1.20 14.13 2.71
CA GLU A 13 1.66 13.07 3.59
C GLU A 13 1.48 11.72 2.93
N ILE A 14 1.63 11.72 1.61
CA ILE A 14 1.51 10.52 0.77
C ILE A 14 0.95 9.32 1.52
N LEU A 15 1.80 8.69 2.32
CA LEU A 15 1.42 7.52 3.10
C LEU A 15 2.64 7.00 3.86
N GLY A 16 3.77 6.96 3.17
CA GLY A 16 5.01 6.51 3.78
C GLY A 16 5.17 4.99 3.78
N VAL A 17 5.25 4.40 2.60
CA VAL A 17 5.43 2.95 2.48
C VAL A 17 6.14 2.57 1.19
N VAL A 18 6.78 1.40 1.20
CA VAL A 18 7.49 0.92 0.02
C VAL A 18 6.94 -0.43 -0.42
N ILE A 19 6.39 -0.46 -1.63
CA ILE A 19 5.82 -1.67 -2.18
C ILE A 19 6.71 -2.27 -3.27
N VAL A 20 6.70 -3.59 -3.37
CA VAL A 20 7.51 -4.29 -4.36
C VAL A 20 6.74 -5.46 -4.97
N GLU A 21 7.29 -6.04 -6.02
CA GLU A 21 6.65 -7.17 -6.70
C GLU A 21 6.56 -8.37 -5.76
N SER A 22 5.37 -8.94 -5.66
CA SER A 22 5.13 -10.09 -4.80
C SER A 22 5.78 -11.36 -5.35
N GLY A 23 7.08 -11.52 -5.09
CA GLY A 23 7.79 -12.69 -5.55
C GLY A 23 7.63 -13.89 -4.65
N TRP A 24 6.92 -13.70 -3.54
CA TRP A 24 6.66 -14.76 -2.59
C TRP A 24 5.98 -15.95 -3.27
N GLY A 25 5.39 -16.84 -2.48
CA GLY A 25 4.70 -17.99 -3.05
C GLY A 25 3.73 -17.58 -4.16
N SER A 26 3.28 -16.33 -4.09
CA SER A 26 2.35 -15.76 -5.06
C SER A 26 0.92 -16.14 -4.75
N ILE A 27 0.62 -16.22 -3.46
CA ILE A 27 -0.71 -16.52 -3.01
C ILE A 27 -1.73 -15.64 -3.74
N LEU A 28 -1.32 -14.39 -3.91
CA LEU A 28 -2.12 -13.38 -4.60
C LEU A 28 -1.19 -12.41 -5.32
N PRO A 29 -1.17 -12.41 -6.66
CA PRO A 29 -0.29 -11.52 -7.43
C PRO A 29 -0.56 -10.05 -7.15
N THR A 30 0.26 -9.46 -6.29
CA THR A 30 0.13 -8.05 -5.93
C THR A 30 1.50 -7.49 -5.52
N VAL A 31 1.49 -6.43 -4.70
CA VAL A 31 2.73 -5.83 -4.24
C VAL A 31 2.97 -6.18 -2.77
N ILE A 32 4.19 -5.95 -2.30
CA ILE A 32 4.54 -6.27 -0.91
C ILE A 32 5.12 -5.07 -0.19
N ILE A 33 4.60 -4.77 1.00
CA ILE A 33 5.11 -3.68 1.80
C ILE A 33 6.47 -4.06 2.35
N ALA A 34 7.49 -3.67 1.63
CA ALA A 34 8.86 -3.98 2.01
C ALA A 34 9.48 -2.89 2.87
N ASN A 35 8.75 -1.79 3.07
CA ASN A 35 9.25 -0.70 3.89
C ASN A 35 8.10 0.24 4.29
N MET A 36 8.36 1.08 5.28
CA MET A 36 7.34 2.00 5.78
C MET A 36 7.97 3.16 6.56
N MET A 37 7.55 4.38 6.23
CA MET A 37 8.07 5.57 6.90
C MET A 37 7.57 5.62 8.35
N HIS A 38 8.44 5.23 9.28
CA HIS A 38 8.08 5.23 10.70
C HIS A 38 7.78 6.65 11.18
N GLY A 39 6.59 7.14 10.87
CA GLY A 39 6.20 8.47 11.28
C GLY A 39 4.99 8.97 10.52
N GLY A 40 4.86 8.54 9.28
CA GLY A 40 3.74 8.95 8.46
C GLY A 40 2.46 8.25 8.86
N PRO A 41 1.36 8.50 8.13
CA PRO A 41 0.06 7.88 8.43
C PRO A 41 0.10 6.35 8.37
N ALA A 42 1.14 5.81 7.76
CA ALA A 42 1.28 4.36 7.64
C ALA A 42 1.64 3.75 9.00
N GLU A 43 2.66 4.32 9.64
CA GLU A 43 3.10 3.83 10.94
C GLU A 43 2.16 4.35 12.04
N LYS A 44 1.64 5.55 11.82
CA LYS A 44 0.73 6.17 12.79
C LYS A 44 -0.57 5.38 12.91
N SER A 45 -1.15 5.03 11.77
CA SER A 45 -2.40 4.27 11.76
C SER A 45 -2.27 2.98 12.54
N GLY A 46 -1.49 2.03 12.01
CA GLY A 46 -1.31 0.77 12.66
C GLY A 46 -2.07 -0.35 11.99
N LYS A 47 -2.39 -0.15 10.71
CA LYS A 47 -3.14 -1.14 9.94
C LYS A 47 -2.22 -1.83 8.93
N LEU A 48 -1.26 -1.08 8.42
CA LEU A 48 -0.32 -1.61 7.43
C LEU A 48 0.96 -2.08 8.12
N ASN A 49 1.30 -3.35 7.92
CA ASN A 49 2.51 -3.91 8.51
C ASN A 49 3.36 -4.58 7.44
N ILE A 50 4.66 -4.30 7.46
CA ILE A 50 5.59 -4.87 6.49
C ILE A 50 5.35 -6.36 6.30
N GLY A 51 5.49 -6.81 5.06
CA GLY A 51 5.29 -8.21 4.73
C GLY A 51 3.84 -8.50 4.35
N ASP A 52 3.08 -7.45 4.04
CA ASP A 52 1.69 -7.60 3.66
C ASP A 52 1.53 -7.48 2.15
N GLN A 53 0.38 -7.92 1.64
CA GLN A 53 0.12 -7.85 0.21
C GLN A 53 -1.11 -7.00 -0.08
N ILE A 54 -0.90 -5.89 -0.77
CA ILE A 54 -2.00 -4.98 -1.11
C ILE A 54 -2.63 -5.37 -2.44
N MET A 55 -3.91 -5.73 -2.40
CA MET A 55 -4.62 -6.13 -3.61
C MET A 55 -5.10 -4.91 -4.40
N SER A 56 -6.01 -4.15 -3.80
CA SER A 56 -6.56 -2.96 -4.46
C SER A 56 -6.53 -1.75 -3.53
N ILE A 57 -6.32 -0.58 -4.11
CA ILE A 57 -6.28 0.66 -3.35
C ILE A 57 -7.41 1.59 -3.77
N ASN A 58 -8.36 1.80 -2.87
CA ASN A 58 -9.50 2.67 -3.15
C ASN A 58 -10.30 2.17 -4.34
N GLY A 59 -10.24 0.87 -4.58
CA GLY A 59 -10.97 0.29 -5.70
C GLY A 59 -10.06 -0.13 -6.84
N THR A 60 -8.92 0.55 -6.98
CA THR A 60 -7.97 0.24 -8.04
C THR A 60 -7.40 -1.16 -7.86
N SER A 61 -7.99 -2.13 -8.55
CA SER A 61 -7.54 -3.52 -8.47
C SER A 61 -6.23 -3.70 -9.24
N LEU A 62 -5.18 -4.08 -8.52
CA LEU A 62 -3.87 -4.29 -9.14
C LEU A 62 -3.35 -5.70 -8.84
N VAL A 63 -4.26 -6.64 -8.62
CA VAL A 63 -3.89 -8.01 -8.32
C VAL A 63 -3.40 -8.72 -9.59
N GLY A 64 -2.15 -8.48 -9.95
CA GLY A 64 -1.58 -9.10 -11.13
C GLY A 64 -0.71 -8.14 -11.94
N LEU A 65 -0.80 -6.86 -11.64
CA LEU A 65 -0.02 -5.85 -12.35
C LEU A 65 1.39 -5.74 -11.76
N PRO A 66 2.35 -5.23 -12.54
CA PRO A 66 3.73 -5.07 -12.09
C PRO A 66 3.85 -4.08 -10.95
N LEU A 67 5.08 -3.79 -10.54
CA LEU A 67 5.31 -2.85 -9.44
C LEU A 67 5.17 -1.41 -9.92
N SER A 68 5.66 -1.14 -11.12
CA SER A 68 5.57 0.20 -11.69
C SER A 68 4.13 0.69 -11.70
N THR A 69 3.22 -0.19 -12.10
CA THR A 69 1.81 0.14 -12.14
C THR A 69 1.28 0.41 -10.73
N CYS A 70 1.51 -0.52 -9.81
CA CYS A 70 1.04 -0.36 -8.43
C CYS A 70 1.56 0.93 -7.83
N GLN A 71 2.87 1.13 -7.91
CA GLN A 71 3.47 2.34 -7.36
C GLN A 71 2.72 3.57 -7.86
N SER A 72 2.38 3.56 -9.15
CA SER A 72 1.65 4.65 -9.75
C SER A 72 0.29 4.83 -9.06
N ILE A 73 -0.31 3.70 -8.69
CA ILE A 73 -1.61 3.71 -8.02
C ILE A 73 -1.56 4.50 -6.73
N ILE A 74 -0.57 4.21 -5.89
CA ILE A 74 -0.42 4.88 -4.61
C ILE A 74 0.05 6.33 -4.77
N LYS A 75 1.11 6.53 -5.54
CA LYS A 75 1.64 7.87 -5.76
C LYS A 75 0.59 8.78 -6.39
N GLY A 76 -0.42 8.17 -7.01
CA GLY A 76 -1.48 8.94 -7.64
C GLY A 76 -2.40 9.58 -6.62
N LEU A 77 -2.53 8.95 -5.45
CA LEU A 77 -3.39 9.48 -4.39
C LEU A 77 -2.56 10.07 -3.26
N LYS A 78 -1.72 11.04 -3.59
CA LYS A 78 -0.88 11.69 -2.61
C LYS A 78 -1.63 12.79 -1.86
N ASN A 79 -2.59 13.41 -2.55
CA ASN A 79 -3.39 14.48 -1.95
C ASN A 79 -4.71 13.93 -1.41
N GLN A 80 -4.67 12.74 -0.84
CA GLN A 80 -5.87 12.11 -0.29
C GLN A 80 -5.92 12.26 1.22
N SER A 81 -7.13 12.43 1.74
CA SER A 81 -7.33 12.56 3.18
C SER A 81 -7.73 11.22 3.80
N ARG A 82 -7.95 10.23 2.94
CA ARG A 82 -8.33 8.89 3.38
C ARG A 82 -7.96 7.85 2.32
N VAL A 83 -7.42 6.73 2.76
CA VAL A 83 -7.01 5.69 1.82
C VAL A 83 -7.51 4.30 2.22
N LYS A 84 -8.24 3.67 1.31
CA LYS A 84 -8.78 2.33 1.54
C LYS A 84 -7.89 1.29 0.83
N LEU A 85 -7.45 0.27 1.56
CA LEU A 85 -6.60 -0.75 0.95
C LEU A 85 -6.97 -2.15 1.42
N ASN A 86 -7.41 -2.97 0.48
CA ASN A 86 -7.74 -4.34 0.79
C ASN A 86 -6.51 -5.22 0.65
N ILE A 87 -5.81 -5.42 1.76
CA ILE A 87 -4.58 -6.20 1.75
C ILE A 87 -4.70 -7.45 2.60
N VAL A 88 -3.72 -8.34 2.47
CA VAL A 88 -3.70 -9.58 3.24
C VAL A 88 -2.51 -9.60 4.19
N ARG A 89 -2.80 -9.70 5.48
CA ARG A 89 -1.76 -9.72 6.50
C ARG A 89 -1.31 -11.15 6.80
N PRO B 1 14.76 2.38 -1.19
CA PRO B 1 13.69 2.23 -2.17
C PRO B 1 12.73 3.43 -2.17
N VAL B 2 12.01 3.59 -3.27
CA VAL B 2 11.05 4.68 -3.39
C VAL B 2 9.93 4.55 -2.38
N TYR B 3 9.47 5.68 -1.85
CA TYR B 3 8.40 5.69 -0.86
C TYR B 3 7.14 6.33 -1.41
N ILE B 4 6.00 5.70 -1.17
CA ILE B 4 4.72 6.22 -1.65
C ILE B 4 3.88 6.74 -0.50
N GLU A 1 -4.47 -13.30 5.69
CA GLU A 1 -5.82 -12.81 5.97
C GLU A 1 -6.01 -11.40 5.42
N PHE A 2 -7.04 -11.22 4.60
CA PHE A 2 -7.35 -9.91 4.01
C PHE A 2 -7.74 -8.93 5.10
N LYS A 3 -7.55 -7.64 4.82
CA LYS A 3 -7.90 -6.60 5.78
C LYS A 3 -8.05 -5.24 5.11
N ASP A 4 -9.21 -4.63 5.32
CA ASP A 4 -9.50 -3.31 4.75
C ASP A 4 -8.75 -2.23 5.53
N VAL A 5 -7.66 -1.75 4.96
CA VAL A 5 -6.85 -0.73 5.59
C VAL A 5 -7.40 0.67 5.33
N PHE A 6 -7.38 1.51 6.34
CA PHE A 6 -7.88 2.87 6.24
C PHE A 6 -6.87 3.85 6.82
N ILE A 7 -6.17 4.57 5.93
CA ILE A 7 -5.18 5.54 6.37
C ILE A 7 -5.70 6.96 6.23
N GLU A 8 -6.14 7.52 7.36
CA GLU A 8 -6.67 8.87 7.38
C GLU A 8 -5.54 9.88 7.59
N LYS A 9 -5.23 10.64 6.55
CA LYS A 9 -4.15 11.63 6.64
C LYS A 9 -4.50 12.88 5.84
N GLN A 10 -3.55 13.80 5.75
CA GLN A 10 -3.75 15.05 5.03
C GLN A 10 -2.97 15.03 3.72
N LYS A 11 -3.14 16.10 2.92
CA LYS A 11 -2.45 16.21 1.65
C LYS A 11 -0.95 16.41 1.87
N GLY A 12 -0.17 16.04 0.86
CA GLY A 12 1.26 16.18 0.96
C GLY A 12 1.88 15.26 2.00
N GLU A 13 1.10 14.27 2.44
CA GLU A 13 1.58 13.31 3.43
C GLU A 13 1.41 11.90 2.90
N ILE A 14 1.50 11.77 1.58
CA ILE A 14 1.38 10.48 0.87
C ILE A 14 0.88 9.35 1.77
N LEU A 15 1.79 8.81 2.56
CA LEU A 15 1.49 7.71 3.48
C LEU A 15 2.77 7.21 4.13
N GLY A 16 3.82 7.09 3.32
CA GLY A 16 5.10 6.64 3.82
C GLY A 16 5.27 5.14 3.82
N VAL A 17 5.18 4.52 2.65
CA VAL A 17 5.35 3.07 2.55
C VAL A 17 6.04 2.68 1.25
N VAL A 18 6.68 1.52 1.25
CA VAL A 18 7.38 1.02 0.07
C VAL A 18 6.86 -0.35 -0.31
N ILE A 19 6.52 -0.50 -1.59
CA ILE A 19 6.00 -1.75 -2.10
C ILE A 19 6.91 -2.34 -3.17
N VAL A 20 6.86 -3.66 -3.32
CA VAL A 20 7.67 -4.35 -4.31
C VAL A 20 6.90 -5.50 -4.94
N GLU A 21 7.45 -6.07 -6.00
CA GLU A 21 6.80 -7.19 -6.70
C GLU A 21 6.64 -8.39 -5.77
N SER A 22 5.42 -8.91 -5.70
CA SER A 22 5.13 -10.05 -4.85
C SER A 22 5.80 -11.32 -5.36
N GLY A 23 7.05 -11.51 -4.98
CA GLY A 23 7.79 -12.69 -5.40
C GLY A 23 7.55 -13.89 -4.50
N TRP A 24 6.78 -13.68 -3.44
CA TRP A 24 6.46 -14.75 -2.50
C TRP A 24 5.81 -15.92 -3.24
N GLY A 25 5.18 -16.83 -2.49
CA GLY A 25 4.52 -17.97 -3.11
C GLY A 25 3.61 -17.54 -4.25
N SER A 26 3.17 -16.28 -4.19
CA SER A 26 2.30 -15.70 -5.20
C SER A 26 0.85 -16.09 -4.97
N ILE A 27 0.47 -16.11 -3.70
CA ILE A 27 -0.88 -16.41 -3.32
C ILE A 27 -1.85 -15.47 -4.05
N LEU A 28 -1.39 -14.25 -4.24
CA LEU A 28 -2.14 -13.21 -4.94
C LEU A 28 -1.16 -12.23 -5.59
N PRO A 29 -0.99 -12.32 -6.92
CA PRO A 29 -0.07 -11.44 -7.66
C PRO A 29 -0.29 -9.96 -7.36
N THR A 30 0.31 -9.47 -6.26
CA THR A 30 0.18 -8.07 -5.87
C THR A 30 1.56 -7.52 -5.50
N VAL A 31 1.57 -6.48 -4.65
CA VAL A 31 2.83 -5.89 -4.21
C VAL A 31 3.08 -6.24 -2.75
N ILE A 32 4.30 -5.99 -2.28
CA ILE A 32 4.65 -6.30 -0.90
C ILE A 32 5.25 -5.10 -0.17
N ILE A 33 4.68 -4.76 0.98
CA ILE A 33 5.19 -3.67 1.77
C ILE A 33 6.57 -4.04 2.28
N ALA A 34 7.56 -3.67 1.51
CA ALA A 34 8.94 -3.99 1.81
C ALA A 34 9.60 -2.93 2.69
N ASN A 35 8.89 -1.81 2.91
CA ASN A 35 9.42 -0.74 3.73
C ASN A 35 8.34 0.26 4.11
N MET A 36 8.60 1.04 5.16
CA MET A 36 7.65 2.03 5.63
C MET A 36 8.36 3.15 6.39
N MET A 37 7.88 4.38 6.22
CA MET A 37 8.47 5.54 6.88
C MET A 37 8.57 5.31 8.39
N HIS A 38 7.72 4.44 8.92
CA HIS A 38 7.72 4.15 10.35
C HIS A 38 7.43 5.42 11.16
N GLY A 39 6.40 6.14 10.76
CA GLY A 39 6.03 7.37 11.45
C GLY A 39 4.87 8.07 10.80
N GLY A 40 4.86 8.08 9.48
CA GLY A 40 3.78 8.72 8.75
C GLY A 40 2.44 8.07 9.02
N PRO A 41 1.39 8.43 8.26
CA PRO A 41 0.06 7.86 8.43
C PRO A 41 0.05 6.33 8.31
N ALA A 42 1.05 5.80 7.61
CA ALA A 42 1.16 4.37 7.41
C ALA A 42 1.35 3.64 8.74
N GLU A 43 2.29 4.13 9.54
CA GLU A 43 2.57 3.53 10.84
C GLU A 43 1.52 3.93 11.86
N LYS A 44 1.08 5.18 11.80
CA LYS A 44 0.07 5.69 12.72
C LYS A 44 -1.15 4.77 12.76
N SER A 45 -1.62 4.37 11.58
CA SER A 45 -2.78 3.48 11.48
C SER A 45 -2.49 2.16 12.17
N GLY A 46 -1.38 1.53 11.81
CA GLY A 46 -1.03 0.26 12.40
C GLY A 46 -1.53 -0.91 11.58
N LYS A 47 -2.50 -0.65 10.71
CA LYS A 47 -3.08 -1.69 9.87
C LYS A 47 -2.06 -2.17 8.83
N LEU A 48 -1.25 -1.24 8.35
CA LEU A 48 -0.23 -1.56 7.34
C LEU A 48 1.07 -1.99 8.02
N ASN A 49 1.42 -3.26 7.84
CA ASN A 49 2.64 -3.80 8.43
C ASN A 49 3.50 -4.48 7.37
N ILE A 50 4.79 -4.21 7.40
CA ILE A 50 5.73 -4.79 6.45
C ILE A 50 5.50 -6.29 6.27
N GLY A 51 5.71 -6.77 5.05
CA GLY A 51 5.52 -8.18 4.76
C GLY A 51 4.10 -8.52 4.38
N ASP A 52 3.29 -7.50 4.09
CA ASP A 52 1.90 -7.71 3.70
C ASP A 52 1.70 -7.47 2.21
N GLN A 53 0.59 -7.96 1.67
CA GLN A 53 0.28 -7.80 0.25
C GLN A 53 -0.94 -6.92 0.05
N ILE A 54 -0.76 -5.82 -0.69
CA ILE A 54 -1.86 -4.91 -0.96
C ILE A 54 -2.55 -5.30 -2.26
N MET A 55 -3.80 -5.74 -2.16
CA MET A 55 -4.56 -6.16 -3.34
C MET A 55 -5.10 -4.96 -4.11
N SER A 56 -5.97 -4.18 -3.48
CA SER A 56 -6.55 -3.02 -4.15
C SER A 56 -6.51 -1.77 -3.28
N ILE A 57 -6.50 -0.61 -3.91
CA ILE A 57 -6.47 0.65 -3.21
C ILE A 57 -7.62 1.56 -3.67
N ASN A 58 -8.63 1.68 -2.83
CA ASN A 58 -9.79 2.51 -3.13
C ASN A 58 -10.48 2.04 -4.41
N GLY A 59 -10.30 0.77 -4.75
CA GLY A 59 -10.92 0.24 -5.96
C GLY A 59 -9.91 -0.25 -6.97
N THR A 60 -8.76 0.43 -7.03
CA THR A 60 -7.72 0.06 -7.97
C THR A 60 -7.15 -1.32 -7.64
N SER A 61 -7.61 -2.34 -8.36
CA SER A 61 -7.16 -3.70 -8.15
C SER A 61 -5.73 -3.89 -8.61
N LEU A 62 -4.81 -4.00 -7.65
CA LEU A 62 -3.40 -4.20 -7.95
C LEU A 62 -3.12 -5.65 -8.30
N VAL A 63 -3.88 -6.55 -7.70
CA VAL A 63 -3.70 -7.98 -7.93
C VAL A 63 -3.72 -8.31 -9.43
N GLY A 64 -2.55 -8.27 -10.07
CA GLY A 64 -2.47 -8.57 -11.48
C GLY A 64 -1.46 -7.70 -12.23
N LEU A 65 -1.22 -6.50 -11.72
CA LEU A 65 -0.28 -5.58 -12.36
C LEU A 65 1.09 -5.62 -11.67
N PRO A 66 2.14 -5.17 -12.38
CA PRO A 66 3.52 -5.15 -11.84
C PRO A 66 3.67 -4.19 -10.67
N LEU A 67 4.91 -4.01 -10.23
CA LEU A 67 5.19 -3.11 -9.10
C LEU A 67 5.16 -1.65 -9.54
N SER A 68 5.80 -1.35 -10.67
CA SER A 68 5.83 0.02 -11.19
C SER A 68 4.42 0.58 -11.30
N THR A 69 3.51 -0.25 -11.79
CA THR A 69 2.12 0.16 -11.94
C THR A 69 1.50 0.44 -10.58
N CYS A 70 1.68 -0.49 -9.64
CA CYS A 70 1.11 -0.35 -8.30
C CYS A 70 1.57 0.95 -7.63
N GLN A 71 2.89 1.15 -7.53
CA GLN A 71 3.42 2.36 -6.92
C GLN A 71 2.75 3.58 -7.52
N SER A 72 2.59 3.56 -8.84
CA SER A 72 1.94 4.66 -9.54
C SER A 72 0.50 4.83 -9.04
N ILE A 73 -0.14 3.72 -8.72
CA ILE A 73 -1.52 3.74 -8.22
C ILE A 73 -1.60 4.57 -6.95
N ILE A 74 -0.73 4.29 -6.00
CA ILE A 74 -0.71 5.01 -4.74
C ILE A 74 -0.19 6.43 -4.93
N LYS A 75 0.92 6.56 -5.65
CA LYS A 75 1.52 7.86 -5.90
C LYS A 75 0.52 8.81 -6.53
N GLY A 76 -0.49 8.25 -7.19
CA GLY A 76 -1.52 9.06 -7.82
C GLY A 76 -2.45 9.68 -6.80
N LEU A 77 -2.84 8.90 -5.80
CA LEU A 77 -3.73 9.38 -4.74
C LEU A 77 -2.94 9.93 -3.57
N LYS A 78 -2.06 10.90 -3.84
CA LYS A 78 -1.23 11.50 -2.82
C LYS A 78 -1.94 12.67 -2.13
N ASN A 79 -2.85 13.32 -2.86
CA ASN A 79 -3.59 14.46 -2.31
C ASN A 79 -4.93 14.03 -1.73
N GLN A 80 -4.96 12.84 -1.12
CA GLN A 80 -6.19 12.32 -0.53
C GLN A 80 -6.18 12.49 0.98
N SER A 81 -7.38 12.63 1.55
CA SER A 81 -7.53 12.77 2.99
C SER A 81 -7.74 11.41 3.65
N ARG A 82 -8.03 10.40 2.83
CA ARG A 82 -8.25 9.05 3.32
C ARG A 82 -7.81 8.04 2.27
N VAL A 83 -7.14 6.97 2.72
CA VAL A 83 -6.66 5.95 1.80
C VAL A 83 -7.20 4.57 2.16
N LYS A 84 -8.17 4.11 1.38
CA LYS A 84 -8.77 2.80 1.57
C LYS A 84 -8.00 1.76 0.80
N LEU A 85 -7.57 0.71 1.49
CA LEU A 85 -6.81 -0.36 0.84
C LEU A 85 -7.27 -1.73 1.32
N ASN A 86 -7.05 -2.73 0.49
CA ASN A 86 -7.43 -4.10 0.85
C ASN A 86 -6.20 -4.99 0.74
N ILE A 87 -5.48 -5.13 1.85
CA ILE A 87 -4.26 -5.93 1.86
C ILE A 87 -4.45 -7.21 2.67
N VAL A 88 -3.47 -8.10 2.59
CA VAL A 88 -3.53 -9.37 3.29
C VAL A 88 -2.33 -9.54 4.22
N ARG A 89 -2.59 -9.86 5.49
CA ARG A 89 -1.54 -10.05 6.46
C ARG A 89 -1.01 -11.48 6.39
N PRO B 1 14.30 3.84 -0.21
CA PRO B 1 13.53 3.19 -1.27
C PRO B 1 12.31 4.01 -1.69
N VAL B 2 11.73 3.65 -2.83
CA VAL B 2 10.55 4.36 -3.33
C VAL B 2 9.42 4.34 -2.31
N TYR B 3 9.01 5.52 -1.87
CA TYR B 3 7.94 5.64 -0.89
C TYR B 3 6.67 6.23 -1.50
N ILE B 4 5.53 5.72 -1.06
CA ILE B 4 4.24 6.20 -1.56
C ILE B 4 3.37 6.69 -0.42
#